data_3FOV
# 
_entry.id   3FOV 
# 
_audit_conform.dict_name       mmcif_pdbx.dic 
_audit_conform.dict_version    5.399 
_audit_conform.dict_location   http://mmcif.pdb.org/dictionaries/ascii/mmcif_pdbx.dic 
# 
loop_
_database_2.database_id 
_database_2.database_code 
_database_2.pdbx_database_accession 
_database_2.pdbx_DOI 
PDB   3FOV         pdb_00003fov 10.2210/pdb3fov/pdb 
RCSB  RCSB050857   ?            ?                   
WWPDB D_1000050857 ?            ?                   
# 
loop_
_pdbx_audit_revision_history.ordinal 
_pdbx_audit_revision_history.data_content_type 
_pdbx_audit_revision_history.major_revision 
_pdbx_audit_revision_history.minor_revision 
_pdbx_audit_revision_history.revision_date 
1 'Structure model' 1 0 2009-01-13 
2 'Structure model' 1 1 2011-07-13 
3 'Structure model' 1 2 2017-11-01 
4 'Structure model' 1 3 2024-11-20 
# 
_pdbx_audit_revision_details.ordinal             1 
_pdbx_audit_revision_details.revision_ordinal    1 
_pdbx_audit_revision_details.data_content_type   'Structure model' 
_pdbx_audit_revision_details.provider            repository 
_pdbx_audit_revision_details.type                'Initial release' 
_pdbx_audit_revision_details.description         ? 
_pdbx_audit_revision_details.details             ? 
# 
loop_
_pdbx_audit_revision_group.ordinal 
_pdbx_audit_revision_group.revision_ordinal 
_pdbx_audit_revision_group.data_content_type 
_pdbx_audit_revision_group.group 
1 2 'Structure model' Advisory                    
2 2 'Structure model' 'Source and taxonomy'       
3 2 'Structure model' 'Version format compliance' 
4 3 'Structure model' 'Refinement description'    
5 4 'Structure model' 'Data collection'           
6 4 'Structure model' 'Database references'       
7 4 'Structure model' 'Derived calculations'      
8 4 'Structure model' 'Structure summary'         
# 
loop_
_pdbx_audit_revision_category.ordinal 
_pdbx_audit_revision_category.revision_ordinal 
_pdbx_audit_revision_category.data_content_type 
_pdbx_audit_revision_category.category 
1  3 'Structure model' software                     
2  4 'Structure model' chem_comp_atom               
3  4 'Structure model' chem_comp_bond               
4  4 'Structure model' database_2                   
5  4 'Structure model' pdbx_entry_details           
6  4 'Structure model' pdbx_modification_feature    
7  4 'Structure model' pdbx_struct_special_symmetry 
8  4 'Structure model' struct_conn                  
9  4 'Structure model' struct_ref_seq_dif           
10 4 'Structure model' struct_site                  
# 
loop_
_pdbx_audit_revision_item.ordinal 
_pdbx_audit_revision_item.revision_ordinal 
_pdbx_audit_revision_item.data_content_type 
_pdbx_audit_revision_item.item 
1  3 'Structure model' '_software.classification'            
2  3 'Structure model' '_software.contact_author'            
3  3 'Structure model' '_software.contact_author_email'      
4  3 'Structure model' '_software.date'                      
5  3 'Structure model' '_software.language'                  
6  3 'Structure model' '_software.location'                  
7  3 'Structure model' '_software.name'                      
8  3 'Structure model' '_software.type'                      
9  3 'Structure model' '_software.version'                   
10 4 'Structure model' '_database_2.pdbx_DOI'                
11 4 'Structure model' '_database_2.pdbx_database_accession' 
12 4 'Structure model' '_struct_conn.pdbx_leaving_atom_flag' 
13 4 'Structure model' '_struct_ref_seq_dif.details'         
14 4 'Structure model' '_struct_site.pdbx_auth_asym_id'      
15 4 'Structure model' '_struct_site.pdbx_auth_comp_id'      
16 4 'Structure model' '_struct_site.pdbx_auth_seq_id'       
# 
_pdbx_database_status.entry_id                        3FOV 
_pdbx_database_status.deposit_site                    RCSB 
_pdbx_database_status.process_site                    RCSB 
_pdbx_database_status.recvd_initial_deposition_date   2009-01-02 
_pdbx_database_status.status_code                     REL 
_pdbx_database_status.status_code_sf                  REL 
_pdbx_database_status.status_code_mr                  ? 
_pdbx_database_status.SG_entry                        Y 
_pdbx_database_status.pdb_format_compatible           Y 
_pdbx_database_status.status_code_cs                  ? 
_pdbx_database_status.methods_development_category    ? 
_pdbx_database_status.status_code_nmr_data            ? 
# 
_pdbx_database_related.db_name        TargetDB 
_pdbx_database_related.db_id          APC7380 
_pdbx_database_related.details        . 
_pdbx_database_related.content_type   unspecified 
# 
loop_
_audit_author.name 
_audit_author.pdbx_ordinal 
'Osipiuk, J.'                                   1 
'Skarina, T.'                                   2 
'Kagan, O.'                                     3 
'Savchenko, A.'                                 4 
'Edwards, A.M.'                                 5 
'Joachimiak, A.'                                6 
'Midwest Center for Structural Genomics (MCSG)' 7 
# 
_citation.id                        primary 
_citation.title                     
'X-ray crystal structure of protein RPA0323 of unknown function from Rhodopseudomonas palustris.' 
_citation.journal_abbrev            'To be Published' 
_citation.journal_volume            ? 
_citation.page_first                ? 
_citation.page_last                 ? 
_citation.year                      ? 
_citation.journal_id_ASTM           ? 
_citation.country                   ? 
_citation.journal_id_ISSN           ? 
_citation.journal_id_CSD            0353 
_citation.book_publisher            ? 
_citation.pdbx_database_id_PubMed   ? 
_citation.pdbx_database_id_DOI      ? 
# 
loop_
_citation_author.citation_id 
_citation_author.name 
_citation_author.ordinal 
_citation_author.identifier_ORCID 
primary 'Osipiuk, J.'    1 ? 
primary 'Skarina, T.'    2 ? 
primary 'Kagan, O.'      3 ? 
primary 'Savchenko, A.'  4 ? 
primary 'Edwards, A.M.'  5 ? 
primary 'Joachimiak, A.' 6 ? 
# 
loop_
_entity.id 
_entity.type 
_entity.src_method 
_entity.pdbx_description 
_entity.formula_weight 
_entity.pdbx_number_of_molecules 
_entity.pdbx_ec 
_entity.pdbx_mutation 
_entity.pdbx_fragment 
_entity.details 
1 polymer     man 'UPF0102 protein RPA0323' 14714.326 1  ? ? ? ? 
2 non-polymer syn 'NITRATE ION'             62.005    2  ? ? ? ? 
3 water       nat water                     18.015    88 ? ? ? ? 
# 
_entity_poly.entity_id                      1 
_entity_poly.type                           'polypeptide(L)' 
_entity_poly.nstd_linkage                   no 
_entity_poly.nstd_monomer                   yes 
_entity_poly.pdbx_seq_one_letter_code       
;GH(MSE)AKTDRSQPSVLARIAAFRTGLSAEASAADYLERQGYRILARRFKTRCGEIDLVAQRDALVAFVEVKARGNVDD
AAYAVTPRQQSRIVAAAEAWLSRHPEHA(MSE)SELRFDAILIAPNTAPRHLPGAFDATPGS
;
_entity_poly.pdbx_seq_one_letter_code_can   
;GHMAKTDRSQPSVLARIAAFRTGLSAEASAADYLERQGYRILARRFKTRCGEIDLVAQRDALVAFVEVKARGNVDDAAYA
VTPRQQSRIVAAAEAWLSRHPEHAMSELRFDAILIAPNTAPRHLPGAFDATPGS
;
_entity_poly.pdbx_strand_id                 A 
_entity_poly.pdbx_target_identifier         APC7380 
# 
loop_
_pdbx_entity_nonpoly.entity_id 
_pdbx_entity_nonpoly.name 
_pdbx_entity_nonpoly.comp_id 
2 'NITRATE ION' NO3 
3 water         HOH 
# 
loop_
_entity_poly_seq.entity_id 
_entity_poly_seq.num 
_entity_poly_seq.mon_id 
_entity_poly_seq.hetero 
1 1   GLY n 
1 2   HIS n 
1 3   MSE n 
1 4   ALA n 
1 5   LYS n 
1 6   THR n 
1 7   ASP n 
1 8   ARG n 
1 9   SER n 
1 10  GLN n 
1 11  PRO n 
1 12  SER n 
1 13  VAL n 
1 14  LEU n 
1 15  ALA n 
1 16  ARG n 
1 17  ILE n 
1 18  ALA n 
1 19  ALA n 
1 20  PHE n 
1 21  ARG n 
1 22  THR n 
1 23  GLY n 
1 24  LEU n 
1 25  SER n 
1 26  ALA n 
1 27  GLU n 
1 28  ALA n 
1 29  SER n 
1 30  ALA n 
1 31  ALA n 
1 32  ASP n 
1 33  TYR n 
1 34  LEU n 
1 35  GLU n 
1 36  ARG n 
1 37  GLN n 
1 38  GLY n 
1 39  TYR n 
1 40  ARG n 
1 41  ILE n 
1 42  LEU n 
1 43  ALA n 
1 44  ARG n 
1 45  ARG n 
1 46  PHE n 
1 47  LYS n 
1 48  THR n 
1 49  ARG n 
1 50  CYS n 
1 51  GLY n 
1 52  GLU n 
1 53  ILE n 
1 54  ASP n 
1 55  LEU n 
1 56  VAL n 
1 57  ALA n 
1 58  GLN n 
1 59  ARG n 
1 60  ASP n 
1 61  ALA n 
1 62  LEU n 
1 63  VAL n 
1 64  ALA n 
1 65  PHE n 
1 66  VAL n 
1 67  GLU n 
1 68  VAL n 
1 69  LYS n 
1 70  ALA n 
1 71  ARG n 
1 72  GLY n 
1 73  ASN n 
1 74  VAL n 
1 75  ASP n 
1 76  ASP n 
1 77  ALA n 
1 78  ALA n 
1 79  TYR n 
1 80  ALA n 
1 81  VAL n 
1 82  THR n 
1 83  PRO n 
1 84  ARG n 
1 85  GLN n 
1 86  GLN n 
1 87  SER n 
1 88  ARG n 
1 89  ILE n 
1 90  VAL n 
1 91  ALA n 
1 92  ALA n 
1 93  ALA n 
1 94  GLU n 
1 95  ALA n 
1 96  TRP n 
1 97  LEU n 
1 98  SER n 
1 99  ARG n 
1 100 HIS n 
1 101 PRO n 
1 102 GLU n 
1 103 HIS n 
1 104 ALA n 
1 105 MSE n 
1 106 SER n 
1 107 GLU n 
1 108 LEU n 
1 109 ARG n 
1 110 PHE n 
1 111 ASP n 
1 112 ALA n 
1 113 ILE n 
1 114 LEU n 
1 115 ILE n 
1 116 ALA n 
1 117 PRO n 
1 118 ASN n 
1 119 THR n 
1 120 ALA n 
1 121 PRO n 
1 122 ARG n 
1 123 HIS n 
1 124 LEU n 
1 125 PRO n 
1 126 GLY n 
1 127 ALA n 
1 128 PHE n 
1 129 ASP n 
1 130 ALA n 
1 131 THR n 
1 132 PRO n 
1 133 GLY n 
1 134 SER n 
# 
_entity_src_gen.entity_id                          1 
_entity_src_gen.pdbx_src_id                        1 
_entity_src_gen.pdbx_alt_source_flag               sample 
_entity_src_gen.pdbx_seq_type                      ? 
_entity_src_gen.pdbx_beg_seq_num                   ? 
_entity_src_gen.pdbx_end_seq_num                   ? 
_entity_src_gen.gene_src_common_name               ? 
_entity_src_gen.gene_src_genus                     ? 
_entity_src_gen.pdbx_gene_src_gene                 RPA0323 
_entity_src_gen.gene_src_species                   ? 
_entity_src_gen.gene_src_strain                    CGA009 
_entity_src_gen.gene_src_tissue                    ? 
_entity_src_gen.gene_src_tissue_fraction           ? 
_entity_src_gen.gene_src_details                   ? 
_entity_src_gen.pdbx_gene_src_fragment             ? 
_entity_src_gen.pdbx_gene_src_scientific_name      'Rhodopseudomonas palustris' 
_entity_src_gen.pdbx_gene_src_ncbi_taxonomy_id     258594 
_entity_src_gen.pdbx_gene_src_variant              ? 
_entity_src_gen.pdbx_gene_src_cell_line            ? 
_entity_src_gen.pdbx_gene_src_atcc                 BAA-98 
_entity_src_gen.pdbx_gene_src_organ                ? 
_entity_src_gen.pdbx_gene_src_organelle            ? 
_entity_src_gen.pdbx_gene_src_cell                 ? 
_entity_src_gen.pdbx_gene_src_cellular_location    ? 
_entity_src_gen.host_org_common_name               ? 
_entity_src_gen.pdbx_host_org_scientific_name      'Escherichia coli' 
_entity_src_gen.pdbx_host_org_ncbi_taxonomy_id     562 
_entity_src_gen.host_org_genus                     ? 
_entity_src_gen.pdbx_host_org_gene                 ? 
_entity_src_gen.pdbx_host_org_organ                ? 
_entity_src_gen.host_org_species                   ? 
_entity_src_gen.pdbx_host_org_tissue               ? 
_entity_src_gen.pdbx_host_org_tissue_fraction      ? 
_entity_src_gen.pdbx_host_org_strain               'BL21(DE3)' 
_entity_src_gen.pdbx_host_org_variant              ? 
_entity_src_gen.pdbx_host_org_cell_line            ? 
_entity_src_gen.pdbx_host_org_atcc                 ? 
_entity_src_gen.pdbx_host_org_culture_collection   ? 
_entity_src_gen.pdbx_host_org_cell                 ? 
_entity_src_gen.pdbx_host_org_organelle            ? 
_entity_src_gen.pdbx_host_org_cellular_location    ? 
_entity_src_gen.pdbx_host_org_vector_type          plasmid 
_entity_src_gen.pdbx_host_org_vector               ? 
_entity_src_gen.host_org_details                   ? 
_entity_src_gen.expression_system_id               ? 
_entity_src_gen.plasmid_name                       'pET15b modified' 
_entity_src_gen.plasmid_details                    ? 
_entity_src_gen.pdbx_description                   ? 
# 
loop_
_chem_comp.id 
_chem_comp.type 
_chem_comp.mon_nstd_flag 
_chem_comp.name 
_chem_comp.pdbx_synonyms 
_chem_comp.formula 
_chem_comp.formula_weight 
ALA 'L-peptide linking' y ALANINE          ? 'C3 H7 N O2'     89.093  
ARG 'L-peptide linking' y ARGININE         ? 'C6 H15 N4 O2 1' 175.209 
ASN 'L-peptide linking' y ASPARAGINE       ? 'C4 H8 N2 O3'    132.118 
ASP 'L-peptide linking' y 'ASPARTIC ACID'  ? 'C4 H7 N O4'     133.103 
CYS 'L-peptide linking' y CYSTEINE         ? 'C3 H7 N O2 S'   121.158 
GLN 'L-peptide linking' y GLUTAMINE        ? 'C5 H10 N2 O3'   146.144 
GLU 'L-peptide linking' y 'GLUTAMIC ACID'  ? 'C5 H9 N O4'     147.129 
GLY 'peptide linking'   y GLYCINE          ? 'C2 H5 N O2'     75.067  
HIS 'L-peptide linking' y HISTIDINE        ? 'C6 H10 N3 O2 1' 156.162 
HOH non-polymer         . WATER            ? 'H2 O'           18.015  
ILE 'L-peptide linking' y ISOLEUCINE       ? 'C6 H13 N O2'    131.173 
LEU 'L-peptide linking' y LEUCINE          ? 'C6 H13 N O2'    131.173 
LYS 'L-peptide linking' y LYSINE           ? 'C6 H15 N2 O2 1' 147.195 
MSE 'L-peptide linking' n SELENOMETHIONINE ? 'C5 H11 N O2 Se' 196.106 
NO3 non-polymer         . 'NITRATE ION'    ? 'N O3 -1'        62.005  
PHE 'L-peptide linking' y PHENYLALANINE    ? 'C9 H11 N O2'    165.189 
PRO 'L-peptide linking' y PROLINE          ? 'C5 H9 N O2'     115.130 
SER 'L-peptide linking' y SERINE           ? 'C3 H7 N O3'     105.093 
THR 'L-peptide linking' y THREONINE        ? 'C4 H9 N O3'     119.119 
TRP 'L-peptide linking' y TRYPTOPHAN       ? 'C11 H12 N2 O2'  204.225 
TYR 'L-peptide linking' y TYROSINE         ? 'C9 H11 N O3'    181.189 
VAL 'L-peptide linking' y VALINE           ? 'C5 H11 N O2'    117.146 
# 
loop_
_pdbx_poly_seq_scheme.asym_id 
_pdbx_poly_seq_scheme.entity_id 
_pdbx_poly_seq_scheme.seq_id 
_pdbx_poly_seq_scheme.mon_id 
_pdbx_poly_seq_scheme.ndb_seq_num 
_pdbx_poly_seq_scheme.pdb_seq_num 
_pdbx_poly_seq_scheme.auth_seq_num 
_pdbx_poly_seq_scheme.pdb_mon_id 
_pdbx_poly_seq_scheme.auth_mon_id 
_pdbx_poly_seq_scheme.pdb_strand_id 
_pdbx_poly_seq_scheme.pdb_ins_code 
_pdbx_poly_seq_scheme.hetero 
A 1 1   GLY 1   -1  ?   ?   ?   A . n 
A 1 2   HIS 2   0   ?   ?   ?   A . n 
A 1 3   MSE 3   1   ?   ?   ?   A . n 
A 1 4   ALA 4   2   ?   ?   ?   A . n 
A 1 5   LYS 5   3   ?   ?   ?   A . n 
A 1 6   THR 6   4   ?   ?   ?   A . n 
A 1 7   ASP 7   5   ?   ?   ?   A . n 
A 1 8   ARG 8   6   ?   ?   ?   A . n 
A 1 9   SER 9   7   ?   ?   ?   A . n 
A 1 10  GLN 10  8   ?   ?   ?   A . n 
A 1 11  PRO 11  9   ?   ?   ?   A . n 
A 1 12  SER 12  10  ?   ?   ?   A . n 
A 1 13  VAL 13  11  ?   ?   ?   A . n 
A 1 14  LEU 14  12  ?   ?   ?   A . n 
A 1 15  ALA 15  13  ?   ?   ?   A . n 
A 1 16  ARG 16  14  ?   ?   ?   A . n 
A 1 17  ILE 17  15  ?   ?   ?   A . n 
A 1 18  ALA 18  16  ?   ?   ?   A . n 
A 1 19  ALA 19  17  ?   ?   ?   A . n 
A 1 20  PHE 20  18  ?   ?   ?   A . n 
A 1 21  ARG 21  19  ?   ?   ?   A . n 
A 1 22  THR 22  20  ?   ?   ?   A . n 
A 1 23  GLY 23  21  ?   ?   ?   A . n 
A 1 24  LEU 24  22  ?   ?   ?   A . n 
A 1 25  SER 25  23  23  SER SER A . n 
A 1 26  ALA 26  24  24  ALA ALA A . n 
A 1 27  GLU 27  25  25  GLU GLU A . n 
A 1 28  ALA 28  26  26  ALA ALA A . n 
A 1 29  SER 29  27  27  SER SER A . n 
A 1 30  ALA 30  28  28  ALA ALA A . n 
A 1 31  ALA 31  29  29  ALA ALA A . n 
A 1 32  ASP 32  30  30  ASP ASP A . n 
A 1 33  TYR 33  31  31  TYR TYR A . n 
A 1 34  LEU 34  32  32  LEU LEU A . n 
A 1 35  GLU 35  33  33  GLU GLU A . n 
A 1 36  ARG 36  34  34  ARG ARG A . n 
A 1 37  GLN 37  35  35  GLN GLN A . n 
A 1 38  GLY 38  36  36  GLY GLY A . n 
A 1 39  TYR 39  37  37  TYR TYR A . n 
A 1 40  ARG 40  38  38  ARG ARG A . n 
A 1 41  ILE 41  39  39  ILE ILE A . n 
A 1 42  LEU 42  40  40  LEU LEU A . n 
A 1 43  ALA 43  41  41  ALA ALA A . n 
A 1 44  ARG 44  42  42  ARG ARG A . n 
A 1 45  ARG 45  43  43  ARG ARG A . n 
A 1 46  PHE 46  44  44  PHE PHE A . n 
A 1 47  LYS 47  45  45  LYS LYS A . n 
A 1 48  THR 48  46  46  THR THR A . n 
A 1 49  ARG 49  47  47  ARG ARG A . n 
A 1 50  CYS 50  48  48  CYS CYS A . n 
A 1 51  GLY 51  49  49  GLY GLY A . n 
A 1 52  GLU 52  50  50  GLU GLU A . n 
A 1 53  ILE 53  51  51  ILE ILE A . n 
A 1 54  ASP 54  52  52  ASP ASP A . n 
A 1 55  LEU 55  53  53  LEU LEU A . n 
A 1 56  VAL 56  54  54  VAL VAL A . n 
A 1 57  ALA 57  55  55  ALA ALA A . n 
A 1 58  GLN 58  56  56  GLN GLN A . n 
A 1 59  ARG 59  57  57  ARG ARG A . n 
A 1 60  ASP 60  58  58  ASP ASP A . n 
A 1 61  ALA 61  59  59  ALA ALA A . n 
A 1 62  LEU 62  60  60  LEU LEU A . n 
A 1 63  VAL 63  61  61  VAL VAL A . n 
A 1 64  ALA 64  62  62  ALA ALA A . n 
A 1 65  PHE 65  63  63  PHE PHE A . n 
A 1 66  VAL 66  64  64  VAL VAL A . n 
A 1 67  GLU 67  65  65  GLU GLU A . n 
A 1 68  VAL 68  66  66  VAL VAL A . n 
A 1 69  LYS 69  67  67  LYS LYS A . n 
A 1 70  ALA 70  68  68  ALA ALA A . n 
A 1 71  ARG 71  69  69  ARG ARG A . n 
A 1 72  GLY 72  70  ?   ?   ?   A . n 
A 1 73  ASN 73  71  ?   ?   ?   A . n 
A 1 74  VAL 74  72  ?   ?   ?   A . n 
A 1 75  ASP 75  73  ?   ?   ?   A . n 
A 1 76  ASP 76  74  ?   ?   ?   A . n 
A 1 77  ALA 77  75  ?   ?   ?   A . n 
A 1 78  ALA 78  76  76  ALA ALA A . n 
A 1 79  TYR 79  77  77  TYR TYR A . n 
A 1 80  ALA 80  78  78  ALA ALA A . n 
A 1 81  VAL 81  79  79  VAL VAL A . n 
A 1 82  THR 82  80  80  THR THR A . n 
A 1 83  PRO 83  81  81  PRO PRO A . n 
A 1 84  ARG 84  82  82  ARG ARG A . n 
A 1 85  GLN 85  83  83  GLN GLN A . n 
A 1 86  GLN 86  84  84  GLN GLN A . n 
A 1 87  SER 87  85  85  SER SER A . n 
A 1 88  ARG 88  86  86  ARG ARG A . n 
A 1 89  ILE 89  87  87  ILE ILE A . n 
A 1 90  VAL 90  88  88  VAL VAL A . n 
A 1 91  ALA 91  89  89  ALA ALA A . n 
A 1 92  ALA 92  90  90  ALA ALA A . n 
A 1 93  ALA 93  91  91  ALA ALA A . n 
A 1 94  GLU 94  92  92  GLU GLU A . n 
A 1 95  ALA 95  93  93  ALA ALA A . n 
A 1 96  TRP 96  94  94  TRP TRP A . n 
A 1 97  LEU 97  95  95  LEU LEU A . n 
A 1 98  SER 98  96  96  SER SER A . n 
A 1 99  ARG 99  97  97  ARG ARG A . n 
A 1 100 HIS 100 98  98  HIS HIS A . n 
A 1 101 PRO 101 99  99  PRO PRO A . n 
A 1 102 GLU 102 100 100 GLU GLU A . n 
A 1 103 HIS 103 101 101 HIS HIS A . n 
A 1 104 ALA 104 102 102 ALA ALA A . n 
A 1 105 MSE 105 103 103 MSE MSE A . n 
A 1 106 SER 106 104 104 SER SER A . n 
A 1 107 GLU 107 105 105 GLU GLU A . n 
A 1 108 LEU 108 106 106 LEU LEU A . n 
A 1 109 ARG 109 107 107 ARG ARG A . n 
A 1 110 PHE 110 108 108 PHE PHE A . n 
A 1 111 ASP 111 109 109 ASP ASP A . n 
A 1 112 ALA 112 110 110 ALA ALA A . n 
A 1 113 ILE 113 111 111 ILE ILE A . n 
A 1 114 LEU 114 112 112 LEU LEU A . n 
A 1 115 ILE 115 113 113 ILE ILE A . n 
A 1 116 ALA 116 114 114 ALA ALA A . n 
A 1 117 PRO 117 115 115 PRO PRO A . n 
A 1 118 ASN 118 116 116 ASN ASN A . n 
A 1 119 THR 119 117 117 THR THR A . n 
A 1 120 ALA 120 118 118 ALA ALA A . n 
A 1 121 PRO 121 119 119 PRO PRO A . n 
A 1 122 ARG 122 120 120 ARG ARG A . n 
A 1 123 HIS 123 121 121 HIS HIS A . n 
A 1 124 LEU 124 122 122 LEU LEU A . n 
A 1 125 PRO 125 123 123 PRO PRO A . n 
A 1 126 GLY 126 124 124 GLY GLY A . n 
A 1 127 ALA 127 125 125 ALA ALA A . n 
A 1 128 PHE 128 126 126 PHE PHE A . n 
A 1 129 ASP 129 127 127 ASP ASP A . n 
A 1 130 ALA 130 128 128 ALA ALA A . n 
A 1 131 THR 131 129 129 THR THR A . n 
A 1 132 PRO 132 130 130 PRO PRO A . n 
A 1 133 GLY 133 131 ?   ?   ?   A . n 
A 1 134 SER 134 132 ?   ?   ?   A . n 
# 
loop_
_pdbx_nonpoly_scheme.asym_id 
_pdbx_nonpoly_scheme.entity_id 
_pdbx_nonpoly_scheme.mon_id 
_pdbx_nonpoly_scheme.ndb_seq_num 
_pdbx_nonpoly_scheme.pdb_seq_num 
_pdbx_nonpoly_scheme.auth_seq_num 
_pdbx_nonpoly_scheme.pdb_mon_id 
_pdbx_nonpoly_scheme.auth_mon_id 
_pdbx_nonpoly_scheme.pdb_strand_id 
_pdbx_nonpoly_scheme.pdb_ins_code 
B 2 NO3 1  201 201 NO3 NO3 A . 
C 2 NO3 1  202 202 NO3 NO3 A . 
D 3 HOH 1  133 1   HOH HOH A . 
D 3 HOH 2  134 2   HOH HOH A . 
D 3 HOH 3  135 3   HOH HOH A . 
D 3 HOH 4  136 4   HOH HOH A . 
D 3 HOH 5  137 5   HOH HOH A . 
D 3 HOH 6  138 6   HOH HOH A . 
D 3 HOH 7  139 7   HOH HOH A . 
D 3 HOH 8  140 8   HOH HOH A . 
D 3 HOH 9  141 9   HOH HOH A . 
D 3 HOH 10 142 10  HOH HOH A . 
D 3 HOH 11 143 11  HOH HOH A . 
D 3 HOH 12 144 12  HOH HOH A . 
D 3 HOH 13 145 13  HOH HOH A . 
D 3 HOH 14 146 14  HOH HOH A . 
D 3 HOH 15 147 15  HOH HOH A . 
D 3 HOH 16 148 16  HOH HOH A . 
D 3 HOH 17 149 17  HOH HOH A . 
D 3 HOH 18 150 18  HOH HOH A . 
D 3 HOH 19 151 19  HOH HOH A . 
D 3 HOH 20 152 20  HOH HOH A . 
D 3 HOH 21 153 21  HOH HOH A . 
D 3 HOH 22 154 22  HOH HOH A . 
D 3 HOH 23 155 23  HOH HOH A . 
D 3 HOH 24 156 24  HOH HOH A . 
D 3 HOH 25 157 25  HOH HOH A . 
D 3 HOH 26 158 26  HOH HOH A . 
D 3 HOH 27 159 27  HOH HOH A . 
D 3 HOH 28 160 28  HOH HOH A . 
D 3 HOH 29 161 29  HOH HOH A . 
D 3 HOH 30 162 30  HOH HOH A . 
D 3 HOH 31 163 31  HOH HOH A . 
D 3 HOH 32 164 32  HOH HOH A . 
D 3 HOH 33 165 33  HOH HOH A . 
D 3 HOH 34 166 34  HOH HOH A . 
D 3 HOH 35 167 35  HOH HOH A . 
D 3 HOH 36 168 36  HOH HOH A . 
D 3 HOH 37 169 37  HOH HOH A . 
D 3 HOH 38 170 39  HOH HOH A . 
D 3 HOH 39 171 40  HOH HOH A . 
D 3 HOH 40 172 41  HOH HOH A . 
D 3 HOH 41 173 42  HOH HOH A . 
D 3 HOH 42 174 43  HOH HOH A . 
D 3 HOH 43 175 44  HOH HOH A . 
D 3 HOH 44 176 45  HOH HOH A . 
D 3 HOH 45 177 46  HOH HOH A . 
D 3 HOH 46 178 47  HOH HOH A . 
D 3 HOH 47 179 48  HOH HOH A . 
D 3 HOH 48 180 49  HOH HOH A . 
D 3 HOH 49 181 50  HOH HOH A . 
D 3 HOH 50 182 51  HOH HOH A . 
D 3 HOH 51 183 52  HOH HOH A . 
D 3 HOH 52 184 53  HOH HOH A . 
D 3 HOH 53 185 54  HOH HOH A . 
D 3 HOH 54 186 55  HOH HOH A . 
D 3 HOH 55 187 56  HOH HOH A . 
D 3 HOH 56 188 57  HOH HOH A . 
D 3 HOH 57 189 58  HOH HOH A . 
D 3 HOH 58 190 59  HOH HOH A . 
D 3 HOH 59 191 60  HOH HOH A . 
D 3 HOH 60 192 61  HOH HOH A . 
D 3 HOH 61 193 62  HOH HOH A . 
D 3 HOH 62 194 63  HOH HOH A . 
D 3 HOH 63 195 64  HOH HOH A . 
D 3 HOH 64 196 65  HOH HOH A . 
D 3 HOH 65 197 66  HOH HOH A . 
D 3 HOH 66 198 67  HOH HOH A . 
D 3 HOH 67 199 68  HOH HOH A . 
D 3 HOH 68 200 69  HOH HOH A . 
D 3 HOH 69 203 70  HOH HOH A . 
D 3 HOH 70 204 71  HOH HOH A . 
D 3 HOH 71 205 72  HOH HOH A . 
D 3 HOH 72 206 73  HOH HOH A . 
D 3 HOH 73 207 74  HOH HOH A . 
D 3 HOH 74 208 75  HOH HOH A . 
D 3 HOH 75 209 76  HOH HOH A . 
D 3 HOH 76 210 77  HOH HOH A . 
D 3 HOH 77 211 78  HOH HOH A . 
D 3 HOH 78 212 79  HOH HOH A . 
D 3 HOH 79 213 80  HOH HOH A . 
D 3 HOH 80 214 81  HOH HOH A . 
D 3 HOH 81 215 82  HOH HOH A . 
D 3 HOH 82 216 83  HOH HOH A . 
D 3 HOH 83 217 84  HOH HOH A . 
D 3 HOH 84 218 85  HOH HOH A . 
D 3 HOH 85 219 86  HOH HOH A . 
D 3 HOH 86 220 87  HOH HOH A . 
D 3 HOH 87 221 88  HOH HOH A . 
D 3 HOH 88 222 89  HOH HOH A . 
# 
loop_
_software.name 
_software.version 
_software.date 
_software.type 
_software.contact_author 
_software.contact_author_email 
_software.classification 
_software.location 
_software.language 
_software.citation_id 
_software.pdbx_ordinal 
DENZO       .        ?               package 'Zbyszek Otwinowski' hkl@hkl-xray.com      'data reduction'  http://www.hkl-xray.com/ 
?          ? 1  
SCALEPACK   .        ?               package 'Zbyszek Otwinowski' hkl@hkl-xray.com      'data scaling'    http://www.hkl-xray.com/ 
?          ? 2  
REFMAC      5.5.0054 ?               program 'Garib N. Murshudov' garib@ysbl.york.ac.uk refinement        
http://www.ccp4.ac.uk/dist/html/refmac5.html Fortran_77 ? 3  
PDB_EXTRACT 3.006    'June 11, 2008' package PDB                  help@deposit.rcsb.org 'data extraction' 
http://sw-tools.pdb.org/apps/PDB_EXTRACT/    C++        ? 4  
SBC-Collect .        ?               ?       ?                    ?                     'data collection' ? ?          ? 5  
HKL-3000    .        ?               ?       ?                    ?                     'data reduction'  ? ?          ? 6  
SHELXD      .        ?               ?       ?                    ?                     phasing           ? ?          ? 7  
MLPHARE     .        ?               ?       ?                    ?                     phasing           ? ?          ? 8  
DM          .        ?               ?       ?                    ?                     phasing           ? ?          ? 9  
SOLVE       .        ?               ?       ?                    ?                     phasing           ? ?          ? 10 
RESOLVE     .        ?               ?       ?                    ?                     phasing           ? ?          ? 11 
HKL-3000    .        ?               ?       ?                    ?                     phasing           ? ?          ? 12 
# 
_cell.length_a           76.341 
_cell.length_b           44.747 
_cell.length_c           32.661 
_cell.angle_alpha        90.000 
_cell.angle_beta         108.620 
_cell.angle_gamma        90.000 
_cell.entry_id           3FOV 
_cell.pdbx_unique_axis   ? 
_cell.Z_PDB              4 
_cell.length_a_esd       ? 
_cell.length_b_esd       ? 
_cell.length_c_esd       ? 
_cell.angle_alpha_esd    ? 
_cell.angle_beta_esd     ? 
_cell.angle_gamma_esd    ? 
# 
_symmetry.space_group_name_H-M             'C 1 2 1' 
_symmetry.entry_id                         3FOV 
_symmetry.Int_Tables_number                5 
_symmetry.pdbx_full_space_group_name_H-M   ? 
_symmetry.cell_setting                     ? 
_symmetry.space_group_name_Hall            ? 
# 
_exptl.crystals_number   1 
_exptl.entry_id          3FOV 
_exptl.method            'X-RAY DIFFRACTION' 
# 
_exptl_crystal.id                    1 
_exptl_crystal.density_Matthews      1.80 
_exptl_crystal.density_meas          ? 
_exptl_crystal.density_percent_sol   31.6 
_exptl_crystal.description           ? 
_exptl_crystal.F_000                 ? 
_exptl_crystal.preparation           ? 
# 
_exptl_crystal_grow.crystal_id      1 
_exptl_crystal_grow.method          'VAPOR DIFFUSION, SITTING DROP' 
_exptl_crystal_grow.pH              7.4 
_exptl_crystal_grow.temp            294 
_exptl_crystal_grow.pdbx_details    
'20% PEG 3350, 0.2 M Magnesium nitrate, 0.3 M NSDB-256, pH 7.4, VAPOR DIFFUSION, SITTING DROP, temperature 294K' 
_exptl_crystal_grow.temp_details    ? 
_exptl_crystal_grow.pdbx_pH_range   ? 
# 
_diffrn.id                     1 
_diffrn.ambient_temp           100 
_diffrn.ambient_temp_details   ? 
_diffrn.crystal_id             1 
# 
_diffrn_detector.diffrn_id              1 
_diffrn_detector.detector               CCD 
_diffrn_detector.type                   'ADSC QUANTUM 315' 
_diffrn_detector.pdbx_collection_date   2008-10-27 
_diffrn_detector.details                ? 
# 
_diffrn_radiation.diffrn_id                        1 
_diffrn_radiation.pdbx_diffrn_protocol             'SINGLE WAVELENGTH' 
_diffrn_radiation.monochromator                    'double crystal' 
_diffrn_radiation.wavelength_id                    1 
_diffrn_radiation.pdbx_monochromatic_or_laue_m_l   M 
_diffrn_radiation.pdbx_scattering_type             x-ray 
# 
_diffrn_radiation_wavelength.id           1 
_diffrn_radiation_wavelength.wavelength   0.9792 
_diffrn_radiation_wavelength.wt           1.0 
# 
_diffrn_source.diffrn_id                   1 
_diffrn_source.source                      SYNCHROTRON 
_diffrn_source.type                        'APS BEAMLINE 19-BM' 
_diffrn_source.pdbx_wavelength_list        0.9792 
_diffrn_source.pdbx_wavelength             ? 
_diffrn_source.pdbx_synchrotron_site       APS 
_diffrn_source.pdbx_synchrotron_beamline   19-BM 
# 
_reflns.entry_id                     3FOV 
_reflns.d_resolution_high            1.88 
_reflns.d_resolution_low             26.3 
_reflns.number_obs                   8519 
_reflns.pdbx_Rmerge_I_obs            0.067 
_reflns.pdbx_netI_over_sigmaI        40.099 
_reflns.pdbx_chi_squared             1.211 
_reflns.pdbx_redundancy              10.400 
_reflns.percent_possible_obs         99.500 
_reflns.observed_criterion_sigma_F   0 
_reflns.observed_criterion_sigma_I   0 
_reflns.number_all                   8519 
_reflns.pdbx_Rsym_value              ? 
_reflns.B_iso_Wilson_estimate        36.4 
_reflns.R_free_details               ? 
_reflns.limit_h_max                  ? 
_reflns.limit_h_min                  ? 
_reflns.limit_k_max                  ? 
_reflns.limit_k_min                  ? 
_reflns.limit_l_max                  ? 
_reflns.limit_l_min                  ? 
_reflns.observed_criterion_F_max     ? 
_reflns.observed_criterion_F_min     ? 
_reflns.pdbx_scaling_rejects         ? 
_reflns.pdbx_ordinal                 1 
_reflns.pdbx_diffrn_id               1 
# 
_reflns_shell.d_res_high             1.88 
_reflns_shell.d_res_low              1.94 
_reflns_shell.number_measured_obs    ? 
_reflns_shell.number_measured_all    ? 
_reflns_shell.number_unique_obs      ? 
_reflns_shell.Rmerge_I_obs           0.445 
_reflns_shell.meanI_over_sigI_obs    6.2 
_reflns_shell.pdbx_Rsym_value        ? 
_reflns_shell.pdbx_chi_squared       1.492 
_reflns_shell.pdbx_redundancy        10.50 
_reflns_shell.percent_possible_obs   ? 
_reflns_shell.number_unique_all      492 
_reflns_shell.percent_possible_all   100.00 
_reflns_shell.pdbx_ordinal           1 
_reflns_shell.pdbx_diffrn_id         1 
# 
_refine.entry_id                                 3FOV 
_refine.ls_d_res_high                            1.880 
_refine.ls_d_res_low                             26.270 
_refine.pdbx_ls_sigma_F                          0.00 
_refine.ls_percent_reflns_obs                    98.430 
_refine.ls_number_reflns_obs                     8456 
_refine.pdbx_ls_cross_valid_method               THROUGHOUT 
_refine.pdbx_R_Free_selection_details            RANDOM 
_refine.details                                  '1. HYDROGENS HAVE BEEN ADDED IN THE RIDING POSITIONS. 2. U VALUES: RESIDUAL ONLY' 
_refine.ls_R_factor_obs                          0.190 
_refine.ls_R_factor_R_work                       0.188 
_refine.ls_R_factor_R_free                       0.222 
_refine.ls_percent_reflns_R_free                 4.800 
_refine.ls_number_reflns_R_free                  407 
_refine.B_iso_mean                               23.636 
_refine.aniso_B[1][1]                            0.100 
_refine.aniso_B[2][2]                            0.400 
_refine.aniso_B[3][3]                            -0.670 
_refine.aniso_B[1][2]                            0.000 
_refine.aniso_B[1][3]                            -0.280 
_refine.aniso_B[2][3]                            0.000 
_refine.correlation_coeff_Fo_to_Fc               0.960 
_refine.correlation_coeff_Fo_to_Fc_free          0.939 
_refine.pdbx_overall_ESU_R                       0.166 
_refine.pdbx_overall_ESU_R_Free                  0.144 
_refine.overall_SU_ML                            0.117 
_refine.overall_SU_B                             8.988 
_refine.solvent_model_details                    MASK 
_refine.pdbx_solvent_vdw_probe_radii             1.200 
_refine.pdbx_solvent_ion_probe_radii             0.800 
_refine.pdbx_solvent_shrinkage_radii             0.800 
_refine.pdbx_method_to_determine_struct          SAD 
_refine.pdbx_stereochemistry_target_values       'MAXIMUM LIKELIHOOD' 
_refine.B_iso_max                                55.54 
_refine.B_iso_min                                12.24 
_refine.occupancy_max                            1.00 
_refine.occupancy_min                            0.40 
_refine.pdbx_ls_sigma_I                          0 
_refine.ls_number_reflns_all                     8456 
_refine.ls_R_factor_all                          0.190 
_refine.ls_redundancy_reflns_obs                 ? 
_refine.pdbx_data_cutoff_high_absF               ? 
_refine.pdbx_data_cutoff_low_absF                ? 
_refine.ls_number_parameters                     ? 
_refine.ls_number_restraints                     ? 
_refine.ls_R_factor_R_free_error                 ? 
_refine.ls_R_factor_R_free_error_details         ? 
_refine.pdbx_starting_model                      ? 
_refine.pdbx_stereochem_target_val_spec_case     ? 
_refine.solvent_model_param_bsol                 ? 
_refine.solvent_model_param_ksol                 ? 
_refine.pdbx_isotropic_thermal_model             ? 
_refine.overall_SU_R_Cruickshank_DPI             ? 
_refine.overall_SU_R_free                        ? 
_refine.pdbx_data_cutoff_high_rms_absF           ? 
_refine.ls_wR_factor_R_free                      ? 
_refine.ls_wR_factor_R_work                      ? 
_refine.overall_FOM_free_R_set                   ? 
_refine.overall_FOM_work_R_set                   ? 
_refine.pdbx_overall_phase_error                 ? 
_refine.pdbx_refine_id                           'X-RAY DIFFRACTION' 
_refine.pdbx_TLS_residual_ADP_flag               'LIKELY RESIDUAL' 
_refine.pdbx_diffrn_id                           1 
_refine.pdbx_overall_SU_R_free_Cruickshank_DPI   ? 
_refine.pdbx_overall_SU_R_Blow_DPI               ? 
_refine.pdbx_overall_SU_R_free_Blow_DPI          ? 
# 
_refine_hist.pdbx_refine_id                   'X-RAY DIFFRACTION' 
_refine_hist.cycle_id                         LAST 
_refine_hist.pdbx_number_atoms_protein        798 
_refine_hist.pdbx_number_atoms_nucleic_acid   0 
_refine_hist.pdbx_number_atoms_ligand         8 
_refine_hist.number_atoms_solvent             88 
_refine_hist.number_atoms_total               894 
_refine_hist.d_res_high                       1.880 
_refine_hist.d_res_low                        26.270 
# 
loop_
_refine_ls_restr.type 
_refine_ls_restr.number 
_refine_ls_restr.dev_ideal 
_refine_ls_restr.dev_ideal_target 
_refine_ls_restr.weight 
_refine_ls_restr.pdbx_refine_id 
_refine_ls_restr.pdbx_restraint_function 
r_bond_refined_d       849  0.017  0.022  ? 'X-RAY DIFFRACTION' ? 
r_bond_other_d         592  0.001  0.020  ? 'X-RAY DIFFRACTION' ? 
r_angle_refined_deg    1156 1.488  1.955  ? 'X-RAY DIFFRACTION' ? 
r_angle_other_deg      1424 0.914  3.000  ? 'X-RAY DIFFRACTION' ? 
r_dihedral_angle_1_deg 109  6.518  5.000  ? 'X-RAY DIFFRACTION' ? 
r_dihedral_angle_2_deg 43   33.327 21.860 ? 'X-RAY DIFFRACTION' ? 
r_dihedral_angle_3_deg 136  17.176 15.000 ? 'X-RAY DIFFRACTION' ? 
r_dihedral_angle_4_deg 12   16.598 15.000 ? 'X-RAY DIFFRACTION' ? 
r_chiral_restr         127  0.091  0.200  ? 'X-RAY DIFFRACTION' ? 
r_gen_planes_refined   969  0.006  0.021  ? 'X-RAY DIFFRACTION' ? 
r_gen_planes_other     190  0.001  0.020  ? 'X-RAY DIFFRACTION' ? 
r_mcbond_it            532  0.922  1.500  ? 'X-RAY DIFFRACTION' ? 
r_mcbond_other         205  0.216  1.500  ? 'X-RAY DIFFRACTION' ? 
r_mcangle_it           843  1.706  2.000  ? 'X-RAY DIFFRACTION' ? 
r_scbond_it            317  2.614  3.000  ? 'X-RAY DIFFRACTION' ? 
r_scangle_it           308  4.373  4.500  ? 'X-RAY DIFFRACTION' ? 
# 
_refine_ls_shell.d_res_high                       1.880 
_refine_ls_shell.d_res_low                        1.929 
_refine_ls_shell.pdbx_total_number_of_bins_used   20 
_refine_ls_shell.percent_reflns_obs               91.590 
_refine_ls_shell.number_reflns_R_work             548 
_refine_ls_shell.R_factor_all                     ? 
_refine_ls_shell.R_factor_R_work                  0.296 
_refine_ls_shell.R_factor_R_free                  0.363 
_refine_ls_shell.percent_reflns_R_free            ? 
_refine_ls_shell.number_reflns_R_free             29 
_refine_ls_shell.R_factor_R_free_error            ? 
_refine_ls_shell.number_reflns_all                577 
_refine_ls_shell.number_reflns_obs                677 
_refine_ls_shell.redundancy_reflns_obs            ? 
_refine_ls_shell.pdbx_refine_id                   'X-RAY DIFFRACTION' 
# 
_struct.entry_id                  3FOV 
_struct.title                     'Crystal structure of protein RPA0323 of unknown function from Rhodopseudomonas palustris' 
_struct.pdbx_model_details        ? 
_struct.pdbx_CASP_flag            ? 
_struct.pdbx_model_type_details   ? 
# 
_struct_keywords.entry_id        3FOV 
_struct_keywords.text            
'structural genomics, APC7380, PSI-2, Protein Structure Initiative, Midwest Center for Structural Genomics, MCSG, UNKNOWN FUNCTION' 
_struct_keywords.pdbx_keywords   'STRUCTURAL GENOMICS, UNKNOWN FUNCTION' 
# 
loop_
_struct_asym.id 
_struct_asym.pdbx_blank_PDB_chainid_flag 
_struct_asym.pdbx_modified 
_struct_asym.entity_id 
_struct_asym.details 
A N N 1 ? 
B N N 2 ? 
C N N 2 ? 
D N N 3 ? 
# 
_struct_ref.id                         1 
_struct_ref.db_name                    UNP 
_struct_ref.db_code                    Y323_RHOPA 
_struct_ref.pdbx_db_accession          Q6NCZ4 
_struct_ref.entity_id                  1 
_struct_ref.pdbx_seq_one_letter_code   
;MAKTDRSQPSVLARIAAFRTGLSAEASAADYLERQGYRILARRFKTRCGEIDLVAQRDALVAFVEVKARGNVDDAAYAVT
PRQQSRIVAAAEAWLSRHPEHAMSELRFDAILIAPNTAPRHLPGAFDATP
;
_struct_ref.pdbx_align_begin           1 
_struct_ref.pdbx_db_isoform            ? 
# 
_struct_ref_seq.align_id                      1 
_struct_ref_seq.ref_id                        1 
_struct_ref_seq.pdbx_PDB_id_code              3FOV 
_struct_ref_seq.pdbx_strand_id                A 
_struct_ref_seq.seq_align_beg                 3 
_struct_ref_seq.pdbx_seq_align_beg_ins_code   ? 
_struct_ref_seq.seq_align_end                 132 
_struct_ref_seq.pdbx_seq_align_end_ins_code   ? 
_struct_ref_seq.pdbx_db_accession             Q6NCZ4 
_struct_ref_seq.db_align_beg                  1 
_struct_ref_seq.pdbx_db_align_beg_ins_code    ? 
_struct_ref_seq.db_align_end                  130 
_struct_ref_seq.pdbx_db_align_end_ins_code    ? 
_struct_ref_seq.pdbx_auth_seq_align_beg       1 
_struct_ref_seq.pdbx_auth_seq_align_end       130 
# 
loop_
_struct_ref_seq_dif.align_id 
_struct_ref_seq_dif.pdbx_pdb_id_code 
_struct_ref_seq_dif.mon_id 
_struct_ref_seq_dif.pdbx_pdb_strand_id 
_struct_ref_seq_dif.seq_num 
_struct_ref_seq_dif.pdbx_pdb_ins_code 
_struct_ref_seq_dif.pdbx_seq_db_name 
_struct_ref_seq_dif.pdbx_seq_db_accession_code 
_struct_ref_seq_dif.db_mon_id 
_struct_ref_seq_dif.pdbx_seq_db_seq_num 
_struct_ref_seq_dif.details 
_struct_ref_seq_dif.pdbx_auth_seq_num 
_struct_ref_seq_dif.pdbx_ordinal 
1 3FOV GLY A 1   ? UNP Q6NCZ4 ? ? 'expression tag' -1  1 
1 3FOV HIS A 2   ? UNP Q6NCZ4 ? ? 'expression tag' 0   2 
1 3FOV GLY A 133 ? UNP Q6NCZ4 ? ? 'expression tag' 131 3 
1 3FOV SER A 134 ? UNP Q6NCZ4 ? ? 'expression tag' 132 4 
# 
loop_
_pdbx_struct_assembly.id 
_pdbx_struct_assembly.details 
_pdbx_struct_assembly.method_details 
_pdbx_struct_assembly.oligomeric_details 
_pdbx_struct_assembly.oligomeric_count 
1 author_and_software_defined_assembly PISA dimeric 2 
2 author_and_software_defined_assembly PISA dimeric 2 
# 
loop_
_pdbx_struct_assembly_prop.biol_id 
_pdbx_struct_assembly_prop.type 
_pdbx_struct_assembly_prop.value 
_pdbx_struct_assembly_prop.details 
1 'ABSA (A^2)' 970   ? 
1 MORE         -7.4  ? 
1 'SSA (A^2)'  11250 ? 
2 'ABSA (A^2)' 1280  ? 
2 MORE         -15.4 ? 
2 'SSA (A^2)'  10950 ? 
# 
loop_
_pdbx_struct_assembly_gen.assembly_id 
_pdbx_struct_assembly_gen.oper_expression 
_pdbx_struct_assembly_gen.asym_id_list 
1 1,2 A,B,C,D 
2 1,3 A,B,C,D 
# 
loop_
_pdbx_struct_oper_list.id 
_pdbx_struct_oper_list.type 
_pdbx_struct_oper_list.name 
_pdbx_struct_oper_list.symmetry_operation 
_pdbx_struct_oper_list.matrix[1][1] 
_pdbx_struct_oper_list.matrix[1][2] 
_pdbx_struct_oper_list.matrix[1][3] 
_pdbx_struct_oper_list.vector[1] 
_pdbx_struct_oper_list.matrix[2][1] 
_pdbx_struct_oper_list.matrix[2][2] 
_pdbx_struct_oper_list.matrix[2][3] 
_pdbx_struct_oper_list.vector[2] 
_pdbx_struct_oper_list.matrix[3][1] 
_pdbx_struct_oper_list.matrix[3][2] 
_pdbx_struct_oper_list.matrix[3][3] 
_pdbx_struct_oper_list.vector[3] 
1 'identity operation'         1_555 x,y,z     1.0000000000 0.0000000000  0.0000000000 0.0000000000   0.0000000000  1.0000000000  0.0000000000  0.0000000000  0.0000000000 0.0000000000  1.0000000000  0.0000000000  
2 'crystal symmetry operation' 2_555 -x,y,-z   0.3762369506 -0.2314702702 0.8971439523 -2.5107600861  -0.2314702702 -0.9610688509 -0.1508912785 27.0081302814 0.8971439523 -0.1508912785 -0.4151680997 10.8198689771 
3 'crystal symmetry operation' 2_556 -x,y,-z+1 0.3762369506 -0.2314702702 0.8971439523 -16.9859466602 -0.2314702702 -0.9610688509 -0.1508912785 2.3943278704  0.8971439523 -0.1508912785 -0.4151680997 26.6745410177 
# 
_struct_biol.id        1 
_struct_biol.details   
'AUTHORS STATE THAT THE ASSEMBLY OF THE BIOLOGICAL UNIT THAT IS SHOWN IN REMARK 350 IS PUTATIVE AT THE TIME OF DEPOSITION.' 
# 
loop_
_struct_conf.conf_type_id 
_struct_conf.id 
_struct_conf.pdbx_PDB_helix_id 
_struct_conf.beg_label_comp_id 
_struct_conf.beg_label_asym_id 
_struct_conf.beg_label_seq_id 
_struct_conf.pdbx_beg_PDB_ins_code 
_struct_conf.end_label_comp_id 
_struct_conf.end_label_asym_id 
_struct_conf.end_label_seq_id 
_struct_conf.pdbx_end_PDB_ins_code 
_struct_conf.beg_auth_comp_id 
_struct_conf.beg_auth_asym_id 
_struct_conf.beg_auth_seq_id 
_struct_conf.end_auth_comp_id 
_struct_conf.end_auth_asym_id 
_struct_conf.end_auth_seq_id 
_struct_conf.pdbx_PDB_helix_class 
_struct_conf.details 
_struct_conf.pdbx_PDB_helix_length 
HELX_P HELX_P1 1 SER A 25  ? GLN A 37  ? SER A 23 GLN A 35  1 ? 13 
HELX_P HELX_P2 2 THR A 82  ? HIS A 100 ? THR A 80 HIS A 98  1 ? 19 
HELX_P HELX_P3 3 PRO A 101 ? ALA A 104 ? PRO A 99 ALA A 102 5 ? 4  
# 
_struct_conf_type.id          HELX_P 
_struct_conf_type.criteria    ? 
_struct_conf_type.reference   ? 
# 
loop_
_struct_conn.id 
_struct_conn.conn_type_id 
_struct_conn.pdbx_leaving_atom_flag 
_struct_conn.pdbx_PDB_id 
_struct_conn.ptnr1_label_asym_id 
_struct_conn.ptnr1_label_comp_id 
_struct_conn.ptnr1_label_seq_id 
_struct_conn.ptnr1_label_atom_id 
_struct_conn.pdbx_ptnr1_label_alt_id 
_struct_conn.pdbx_ptnr1_PDB_ins_code 
_struct_conn.pdbx_ptnr1_standard_comp_id 
_struct_conn.ptnr1_symmetry 
_struct_conn.ptnr2_label_asym_id 
_struct_conn.ptnr2_label_comp_id 
_struct_conn.ptnr2_label_seq_id 
_struct_conn.ptnr2_label_atom_id 
_struct_conn.pdbx_ptnr2_label_alt_id 
_struct_conn.pdbx_ptnr2_PDB_ins_code 
_struct_conn.ptnr1_auth_asym_id 
_struct_conn.ptnr1_auth_comp_id 
_struct_conn.ptnr1_auth_seq_id 
_struct_conn.ptnr2_auth_asym_id 
_struct_conn.ptnr2_auth_comp_id 
_struct_conn.ptnr2_auth_seq_id 
_struct_conn.ptnr2_symmetry 
_struct_conn.pdbx_ptnr3_label_atom_id 
_struct_conn.pdbx_ptnr3_label_seq_id 
_struct_conn.pdbx_ptnr3_label_comp_id 
_struct_conn.pdbx_ptnr3_label_asym_id 
_struct_conn.pdbx_ptnr3_label_alt_id 
_struct_conn.pdbx_ptnr3_PDB_ins_code 
_struct_conn.details 
_struct_conn.pdbx_dist_value 
_struct_conn.pdbx_value_order 
_struct_conn.pdbx_role 
disulf1 disulf ?    ? A CYS 50  SG ? ? ? 1_555 A CYS 50  SG ? ? A CYS 48  A CYS 48  2_555 ? ? ? ? ? ? ? 2.096 ? ? 
covale1 covale both ? A ALA 104 C  ? ? ? 1_555 A MSE 105 N  ? ? A ALA 102 A MSE 103 1_555 ? ? ? ? ? ? ? 1.337 ? ? 
covale2 covale both ? A MSE 105 C  ? ? ? 1_555 A SER 106 N  ? ? A MSE 103 A SER 104 1_555 ? ? ? ? ? ? ? 1.331 ? ? 
# 
loop_
_struct_conn_type.id 
_struct_conn_type.criteria 
_struct_conn_type.reference 
disulf ? ? 
covale ? ? 
# 
loop_
_pdbx_modification_feature.ordinal 
_pdbx_modification_feature.label_comp_id 
_pdbx_modification_feature.label_asym_id 
_pdbx_modification_feature.label_seq_id 
_pdbx_modification_feature.label_alt_id 
_pdbx_modification_feature.modified_residue_label_comp_id 
_pdbx_modification_feature.modified_residue_label_asym_id 
_pdbx_modification_feature.modified_residue_label_seq_id 
_pdbx_modification_feature.modified_residue_label_alt_id 
_pdbx_modification_feature.auth_comp_id 
_pdbx_modification_feature.auth_asym_id 
_pdbx_modification_feature.auth_seq_id 
_pdbx_modification_feature.PDB_ins_code 
_pdbx_modification_feature.symmetry 
_pdbx_modification_feature.modified_residue_auth_comp_id 
_pdbx_modification_feature.modified_residue_auth_asym_id 
_pdbx_modification_feature.modified_residue_auth_seq_id 
_pdbx_modification_feature.modified_residue_PDB_ins_code 
_pdbx_modification_feature.modified_residue_symmetry 
_pdbx_modification_feature.comp_id_linking_atom 
_pdbx_modification_feature.modified_residue_id_linking_atom 
_pdbx_modification_feature.modified_residue_id 
_pdbx_modification_feature.ref_pcm_id 
_pdbx_modification_feature.ref_comp_id 
_pdbx_modification_feature.type 
_pdbx_modification_feature.category 
1 MSE A 105 ? .   . .  . MSE A 103 ? 1_555 .   . .  . .     .  .  MET 1 MSE Selenomethionine 'Named protein modification' 
2 CYS A 50  ? CYS A 50 ? CYS A 48  ? 1_555 CYS A 48 ? 2_555 SG SG .   . .   None             'Disulfide bridge'           
# 
_struct_sheet.id               A 
_struct_sheet.type             ? 
_struct_sheet.number_strands   5 
_struct_sheet.details          ? 
# 
loop_
_struct_sheet_order.sheet_id 
_struct_sheet_order.range_id_1 
_struct_sheet_order.range_id_2 
_struct_sheet_order.offset 
_struct_sheet_order.sense 
A 1 2 ? anti-parallel 
A 2 3 ? anti-parallel 
A 3 4 ? parallel      
A 4 5 ? anti-parallel 
# 
loop_
_struct_sheet_range.sheet_id 
_struct_sheet_range.id 
_struct_sheet_range.beg_label_comp_id 
_struct_sheet_range.beg_label_asym_id 
_struct_sheet_range.beg_label_seq_id 
_struct_sheet_range.pdbx_beg_PDB_ins_code 
_struct_sheet_range.end_label_comp_id 
_struct_sheet_range.end_label_asym_id 
_struct_sheet_range.end_label_seq_id 
_struct_sheet_range.pdbx_end_PDB_ins_code 
_struct_sheet_range.beg_auth_comp_id 
_struct_sheet_range.beg_auth_asym_id 
_struct_sheet_range.beg_auth_seq_id 
_struct_sheet_range.end_auth_comp_id 
_struct_sheet_range.end_auth_asym_id 
_struct_sheet_range.end_auth_seq_id 
A 1 ARG A 40  ? THR A 48  ? ARG A 38  THR A 46  
A 2 GLY A 51  ? ARG A 59  ? GLY A 49  ARG A 57  
A 3 LEU A 62  ? ALA A 70  ? LEU A 60  ALA A 68  
A 4 GLU A 107 ? ILE A 115 ? GLU A 105 ILE A 113 
A 5 ARG A 122 ? PHE A 128 ? ARG A 120 PHE A 126 
# 
loop_
_pdbx_struct_sheet_hbond.sheet_id 
_pdbx_struct_sheet_hbond.range_id_1 
_pdbx_struct_sheet_hbond.range_id_2 
_pdbx_struct_sheet_hbond.range_1_label_atom_id 
_pdbx_struct_sheet_hbond.range_1_label_comp_id 
_pdbx_struct_sheet_hbond.range_1_label_asym_id 
_pdbx_struct_sheet_hbond.range_1_label_seq_id 
_pdbx_struct_sheet_hbond.range_1_PDB_ins_code 
_pdbx_struct_sheet_hbond.range_1_auth_atom_id 
_pdbx_struct_sheet_hbond.range_1_auth_comp_id 
_pdbx_struct_sheet_hbond.range_1_auth_asym_id 
_pdbx_struct_sheet_hbond.range_1_auth_seq_id 
_pdbx_struct_sheet_hbond.range_2_label_atom_id 
_pdbx_struct_sheet_hbond.range_2_label_comp_id 
_pdbx_struct_sheet_hbond.range_2_label_asym_id 
_pdbx_struct_sheet_hbond.range_2_label_seq_id 
_pdbx_struct_sheet_hbond.range_2_PDB_ins_code 
_pdbx_struct_sheet_hbond.range_2_auth_atom_id 
_pdbx_struct_sheet_hbond.range_2_auth_comp_id 
_pdbx_struct_sheet_hbond.range_2_auth_asym_id 
_pdbx_struct_sheet_hbond.range_2_auth_seq_id 
A 1 2 N LEU A 42  ? N LEU A 40  O VAL A 56  ? O VAL A 54  
A 2 3 N ALA A 57  ? N ALA A 55  O ALA A 64  ? O ALA A 62  
A 3 4 N VAL A 63  ? N VAL A 61  O GLU A 107 ? O GLU A 105 
A 4 5 N ALA A 112 ? N ALA A 110 O LEU A 124 ? O LEU A 122 
# 
loop_
_struct_site.id 
_struct_site.pdbx_evidence_code 
_struct_site.pdbx_auth_asym_id 
_struct_site.pdbx_auth_comp_id 
_struct_site.pdbx_auth_seq_id 
_struct_site.pdbx_auth_ins_code 
_struct_site.pdbx_num_residues 
_struct_site.details 
AC1 Software A NO3 201 ? 7 'BINDING SITE FOR RESIDUE NO3 A 201' 
AC2 Software A NO3 202 ? 2 'BINDING SITE FOR RESIDUE NO3 A 202' 
# 
loop_
_struct_site_gen.id 
_struct_site_gen.site_id 
_struct_site_gen.pdbx_num_res 
_struct_site_gen.label_comp_id 
_struct_site_gen.label_asym_id 
_struct_site_gen.label_seq_id 
_struct_site_gen.pdbx_auth_ins_code 
_struct_site_gen.auth_comp_id 
_struct_site_gen.auth_asym_id 
_struct_site_gen.auth_seq_id 
_struct_site_gen.label_atom_id 
_struct_site_gen.label_alt_id 
_struct_site_gen.symmetry 
_struct_site_gen.details 
1 AC1 7 TYR A 33  ? TYR A 31  . ? 4_546 ? 
2 AC1 7 PHE A 46  ? PHE A 44  . ? 1_555 ? 
3 AC1 7 ARG A 99  ? ARG A 97  . ? 1_555 ? 
4 AC1 7 HIS A 100 ? HIS A 98  . ? 1_555 ? 
5 AC1 7 ALA A 120 ? ALA A 118 . ? 4_546 ? 
6 AC1 7 HOH D .   ? HOH A 139 . ? 4_546 ? 
7 AC1 7 HOH D .   ? HOH A 186 . ? 1_555 ? 
8 AC2 2 ARG A 36  ? ARG A 34  . ? 1_555 ? 
9 AC2 2 ARG A 99  ? ARG A 97  . ? 4_556 ? 
# 
_pdbx_entry_details.entry_id                   3FOV 
_pdbx_entry_details.compound_details           ? 
_pdbx_entry_details.source_details             ? 
_pdbx_entry_details.nonpolymer_details         ? 
_pdbx_entry_details.sequence_details           ? 
_pdbx_entry_details.has_ligand_of_interest     ? 
_pdbx_entry_details.has_protein_modification   Y 
# 
loop_
_pdbx_validate_close_contact.id 
_pdbx_validate_close_contact.PDB_model_num 
_pdbx_validate_close_contact.auth_atom_id_1 
_pdbx_validate_close_contact.auth_asym_id_1 
_pdbx_validate_close_contact.auth_comp_id_1 
_pdbx_validate_close_contact.auth_seq_id_1 
_pdbx_validate_close_contact.PDB_ins_code_1 
_pdbx_validate_close_contact.label_alt_id_1 
_pdbx_validate_close_contact.auth_atom_id_2 
_pdbx_validate_close_contact.auth_asym_id_2 
_pdbx_validate_close_contact.auth_comp_id_2 
_pdbx_validate_close_contact.auth_seq_id_2 
_pdbx_validate_close_contact.PDB_ins_code_2 
_pdbx_validate_close_contact.label_alt_id_2 
_pdbx_validate_close_contact.dist 
1 1 O   A HOH 210 ? ? O A HOH 212 ? ? 2.02 
2 1 OE2 A GLU 65  ? A O A HOH 163 ? ? 2.05 
3 1 O   A HOH 208 ? ? O A HOH 209 ? ? 2.16 
# 
_pdbx_validate_symm_contact.id                1 
_pdbx_validate_symm_contact.PDB_model_num     1 
_pdbx_validate_symm_contact.auth_atom_id_1    O 
_pdbx_validate_symm_contact.auth_asym_id_1    A 
_pdbx_validate_symm_contact.auth_comp_id_1    HOH 
_pdbx_validate_symm_contact.auth_seq_id_1     212 
_pdbx_validate_symm_contact.PDB_ins_code_1    ? 
_pdbx_validate_symm_contact.label_alt_id_1    ? 
_pdbx_validate_symm_contact.site_symmetry_1   1_555 
_pdbx_validate_symm_contact.auth_atom_id_2    O 
_pdbx_validate_symm_contact.auth_asym_id_2    A 
_pdbx_validate_symm_contact.auth_comp_id_2    HOH 
_pdbx_validate_symm_contact.auth_seq_id_2     213 
_pdbx_validate_symm_contact.PDB_ins_code_2    ? 
_pdbx_validate_symm_contact.label_alt_id_2    ? 
_pdbx_validate_symm_contact.site_symmetry_2   1_556 
_pdbx_validate_symm_contact.dist              2.07 
# 
loop_
_pdbx_validate_torsion.id 
_pdbx_validate_torsion.PDB_model_num 
_pdbx_validate_torsion.auth_comp_id 
_pdbx_validate_torsion.auth_asym_id 
_pdbx_validate_torsion.auth_seq_id 
_pdbx_validate_torsion.PDB_ins_code 
_pdbx_validate_torsion.label_alt_id 
_pdbx_validate_torsion.phi 
_pdbx_validate_torsion.psi 
1 1 ASP A 58 ? ? 68.43   -133.70 
2 1 TYR A 77 ? ? -172.16 136.51  
# 
_pdbx_SG_project.id                    1 
_pdbx_SG_project.project_name          'PSI, Protein Structure Initiative' 
_pdbx_SG_project.full_name_of_center   'Midwest Center for Structural Genomics' 
_pdbx_SG_project.initial_of_center     MCSG 
# 
_pdbx_struct_mod_residue.id               1 
_pdbx_struct_mod_residue.label_asym_id    A 
_pdbx_struct_mod_residue.label_comp_id    MSE 
_pdbx_struct_mod_residue.label_seq_id     105 
_pdbx_struct_mod_residue.auth_asym_id     A 
_pdbx_struct_mod_residue.auth_comp_id     MSE 
_pdbx_struct_mod_residue.auth_seq_id      103 
_pdbx_struct_mod_residue.PDB_ins_code     ? 
_pdbx_struct_mod_residue.parent_comp_id   MET 
_pdbx_struct_mod_residue.details          SELENOMETHIONINE 
# 
_pdbx_struct_special_symmetry.id              1 
_pdbx_struct_special_symmetry.PDB_model_num   1 
_pdbx_struct_special_symmetry.auth_asym_id    A 
_pdbx_struct_special_symmetry.auth_comp_id    HOH 
_pdbx_struct_special_symmetry.auth_seq_id     184 
_pdbx_struct_special_symmetry.PDB_ins_code    ? 
_pdbx_struct_special_symmetry.label_asym_id   D 
_pdbx_struct_special_symmetry.label_comp_id   HOH 
_pdbx_struct_special_symmetry.label_seq_id    . 
# 
loop_
_pdbx_refine_tls.id 
_pdbx_refine_tls.details 
_pdbx_refine_tls.method 
_pdbx_refine_tls.origin_x 
_pdbx_refine_tls.origin_y 
_pdbx_refine_tls.origin_z 
_pdbx_refine_tls.T[1][1] 
_pdbx_refine_tls.T[2][2] 
_pdbx_refine_tls.T[3][3] 
_pdbx_refine_tls.T[1][2] 
_pdbx_refine_tls.T[1][3] 
_pdbx_refine_tls.T[2][3] 
_pdbx_refine_tls.L[1][1] 
_pdbx_refine_tls.L[2][2] 
_pdbx_refine_tls.L[3][3] 
_pdbx_refine_tls.L[1][2] 
_pdbx_refine_tls.L[1][3] 
_pdbx_refine_tls.L[2][3] 
_pdbx_refine_tls.S[1][1] 
_pdbx_refine_tls.S[2][2] 
_pdbx_refine_tls.S[3][3] 
_pdbx_refine_tls.S[1][2] 
_pdbx_refine_tls.S[1][3] 
_pdbx_refine_tls.S[2][3] 
_pdbx_refine_tls.S[2][1] 
_pdbx_refine_tls.S[3][1] 
_pdbx_refine_tls.S[3][2] 
_pdbx_refine_tls.pdbx_refine_id 
1 ? refined 0.2024  -8.0421 -5.3486 0.0579 0.0335 0.0342 0.0258  -0.0176 -0.0289 4.2211  4.0505 0.6515 -1.9388 0.6234  0.0693  0.1059  -0.1589 0.0531  0.2851  -0.1543 0.0183  -0.1780 0.0612  0.0006  'X-RAY DIFFRACTION' 
2 ? refined -8.9337 8.2378  -3.9759 0.0126 0.0518 0.0484 0.0106  -0.0015 -0.0047 2.4897  2.2453 6.7438 -0.1095 0.0481  3.8846  0.0664  -0.1589 0.0925  0.0983  -0.0130 0.0602  -0.0495 -0.0775 -0.2424 'X-RAY DIFFRACTION' 
3 ? refined 1.6120  -2.4312 0.4298  0.0343 0.0246 0.0501 -0.0040 -0.0227 -0.0036 4.4039  4.3334 6.4187 -1.7399 -0.7380 -0.0528 0.2328  -0.1467 -0.0860 0.0016  0.1415  -0.3129 0.1221  -0.0614 0.2891  'X-RAY DIFFRACTION' 
4 ? refined 9.0311  9.6096  0.9999  0.1653 0.2080 0.2242 0.0144  -0.0317 -0.0131 11.7352 2.6525 0.1738 -5.5539 0.5028  -0.1785 0.0411  0.1047  -0.1456 -0.1779 0.0969  -0.1091 0.0087  0.0855  0.0933  'X-RAY DIFFRACTION' 
5 ? refined -4.8128 8.4620  1.5914  0.0344 0.0621 0.0509 0.0099  -0.0048 -0.0103 1.1332  5.6751 2.3382 2.4853  -0.3412 -0.0470 0.1122  -0.0656 -0.0466 0.0045  -0.0807 -0.1907 0.2004  -0.2238 -0.1803 'X-RAY DIFFRACTION' 
6 ? refined -1.7345 -1.8833 2.8634  0.0719 0.0129 0.0309 0.0017  -0.0023 0.0102  4.4750  2.6967 1.3838 -0.5295 -0.4661 0.2735  -0.0593 -0.0473 0.1065  -0.1842 -0.1049 -0.1427 0.1195  0.2459  0.0377  'X-RAY DIFFRACTION' 
7 ? refined 6.9899  0.3724  4.3100  0.0643 0.0625 0.0879 -0.0170 -0.0263 -0.0114 4.7759  4.3600 7.1344 -0.5046 -3.6469 0.6730  0.0867  0.1216  -0.2082 -0.4239 0.3427  -0.1838 0.4533  0.1350  0.0958  'X-RAY DIFFRACTION' 
# 
loop_
_pdbx_refine_tls_group.id 
_pdbx_refine_tls_group.refine_tls_id 
_pdbx_refine_tls_group.beg_auth_asym_id 
_pdbx_refine_tls_group.end_auth_asym_id 
_pdbx_refine_tls_group.end_auth_seq_id 
_pdbx_refine_tls_group.selection 
_pdbx_refine_tls_group.beg_auth_seq_id 
_pdbx_refine_tls_group.beg_label_asym_id 
_pdbx_refine_tls_group.beg_label_seq_id 
_pdbx_refine_tls_group.end_label_asym_id 
_pdbx_refine_tls_group.end_label_seq_id 
_pdbx_refine_tls_group.pdbx_refine_id 
_pdbx_refine_tls_group.selection_details 
1 1 A A 43  ? 23  . . . . 'X-RAY DIFFRACTION' ? 
2 2 A A 51  ? 44  . . . . 'X-RAY DIFFRACTION' ? 
3 3 A A 69  ? 52  . . . . 'X-RAY DIFFRACTION' ? 
4 4 A A 81  ? 76  . . . . 'X-RAY DIFFRACTION' ? 
5 5 A A 95  ? 82  . . . . 'X-RAY DIFFRACTION' ? 
6 6 A A 117 ? 96  . . . . 'X-RAY DIFFRACTION' ? 
7 7 A A 130 ? 118 . . . . 'X-RAY DIFFRACTION' ? 
# 
loop_
_pdbx_unobs_or_zero_occ_residues.id 
_pdbx_unobs_or_zero_occ_residues.PDB_model_num 
_pdbx_unobs_or_zero_occ_residues.polymer_flag 
_pdbx_unobs_or_zero_occ_residues.occupancy_flag 
_pdbx_unobs_or_zero_occ_residues.auth_asym_id 
_pdbx_unobs_or_zero_occ_residues.auth_comp_id 
_pdbx_unobs_or_zero_occ_residues.auth_seq_id 
_pdbx_unobs_or_zero_occ_residues.PDB_ins_code 
_pdbx_unobs_or_zero_occ_residues.label_asym_id 
_pdbx_unobs_or_zero_occ_residues.label_comp_id 
_pdbx_unobs_or_zero_occ_residues.label_seq_id 
1  1 Y 1 A GLY -1  ? A GLY 1   
2  1 Y 1 A HIS 0   ? A HIS 2   
3  1 Y 1 A MSE 1   ? A MSE 3   
4  1 Y 1 A ALA 2   ? A ALA 4   
5  1 Y 1 A LYS 3   ? A LYS 5   
6  1 Y 1 A THR 4   ? A THR 6   
7  1 Y 1 A ASP 5   ? A ASP 7   
8  1 Y 1 A ARG 6   ? A ARG 8   
9  1 Y 1 A SER 7   ? A SER 9   
10 1 Y 1 A GLN 8   ? A GLN 10  
11 1 Y 1 A PRO 9   ? A PRO 11  
12 1 Y 1 A SER 10  ? A SER 12  
13 1 Y 1 A VAL 11  ? A VAL 13  
14 1 Y 1 A LEU 12  ? A LEU 14  
15 1 Y 1 A ALA 13  ? A ALA 15  
16 1 Y 1 A ARG 14  ? A ARG 16  
17 1 Y 1 A ILE 15  ? A ILE 17  
18 1 Y 1 A ALA 16  ? A ALA 18  
19 1 Y 1 A ALA 17  ? A ALA 19  
20 1 Y 1 A PHE 18  ? A PHE 20  
21 1 Y 1 A ARG 19  ? A ARG 21  
22 1 Y 1 A THR 20  ? A THR 22  
23 1 Y 1 A GLY 21  ? A GLY 23  
24 1 Y 1 A LEU 22  ? A LEU 24  
25 1 Y 1 A GLY 70  ? A GLY 72  
26 1 Y 1 A ASN 71  ? A ASN 73  
27 1 Y 1 A VAL 72  ? A VAL 74  
28 1 Y 1 A ASP 73  ? A ASP 75  
29 1 Y 1 A ASP 74  ? A ASP 76  
30 1 Y 1 A ALA 75  ? A ALA 77  
31 1 Y 1 A GLY 131 ? A GLY 133 
32 1 Y 1 A SER 132 ? A SER 134 
# 
loop_
_chem_comp_atom.comp_id 
_chem_comp_atom.atom_id 
_chem_comp_atom.type_symbol 
_chem_comp_atom.pdbx_aromatic_flag 
_chem_comp_atom.pdbx_stereo_config 
_chem_comp_atom.pdbx_ordinal 
ALA N    N  N N 1   
ALA CA   C  N S 2   
ALA C    C  N N 3   
ALA O    O  N N 4   
ALA CB   C  N N 5   
ALA OXT  O  N N 6   
ALA H    H  N N 7   
ALA H2   H  N N 8   
ALA HA   H  N N 9   
ALA HB1  H  N N 10  
ALA HB2  H  N N 11  
ALA HB3  H  N N 12  
ALA HXT  H  N N 13  
ARG N    N  N N 14  
ARG CA   C  N S 15  
ARG C    C  N N 16  
ARG O    O  N N 17  
ARG CB   C  N N 18  
ARG CG   C  N N 19  
ARG CD   C  N N 20  
ARG NE   N  N N 21  
ARG CZ   C  N N 22  
ARG NH1  N  N N 23  
ARG NH2  N  N N 24  
ARG OXT  O  N N 25  
ARG H    H  N N 26  
ARG H2   H  N N 27  
ARG HA   H  N N 28  
ARG HB2  H  N N 29  
ARG HB3  H  N N 30  
ARG HG2  H  N N 31  
ARG HG3  H  N N 32  
ARG HD2  H  N N 33  
ARG HD3  H  N N 34  
ARG HE   H  N N 35  
ARG HH11 H  N N 36  
ARG HH12 H  N N 37  
ARG HH21 H  N N 38  
ARG HH22 H  N N 39  
ARG HXT  H  N N 40  
ASN N    N  N N 41  
ASN CA   C  N S 42  
ASN C    C  N N 43  
ASN O    O  N N 44  
ASN CB   C  N N 45  
ASN CG   C  N N 46  
ASN OD1  O  N N 47  
ASN ND2  N  N N 48  
ASN OXT  O  N N 49  
ASN H    H  N N 50  
ASN H2   H  N N 51  
ASN HA   H  N N 52  
ASN HB2  H  N N 53  
ASN HB3  H  N N 54  
ASN HD21 H  N N 55  
ASN HD22 H  N N 56  
ASN HXT  H  N N 57  
ASP N    N  N N 58  
ASP CA   C  N S 59  
ASP C    C  N N 60  
ASP O    O  N N 61  
ASP CB   C  N N 62  
ASP CG   C  N N 63  
ASP OD1  O  N N 64  
ASP OD2  O  N N 65  
ASP OXT  O  N N 66  
ASP H    H  N N 67  
ASP H2   H  N N 68  
ASP HA   H  N N 69  
ASP HB2  H  N N 70  
ASP HB3  H  N N 71  
ASP HD2  H  N N 72  
ASP HXT  H  N N 73  
CYS N    N  N N 74  
CYS CA   C  N R 75  
CYS C    C  N N 76  
CYS O    O  N N 77  
CYS CB   C  N N 78  
CYS SG   S  N N 79  
CYS OXT  O  N N 80  
CYS H    H  N N 81  
CYS H2   H  N N 82  
CYS HA   H  N N 83  
CYS HB2  H  N N 84  
CYS HB3  H  N N 85  
CYS HG   H  N N 86  
CYS HXT  H  N N 87  
GLN N    N  N N 88  
GLN CA   C  N S 89  
GLN C    C  N N 90  
GLN O    O  N N 91  
GLN CB   C  N N 92  
GLN CG   C  N N 93  
GLN CD   C  N N 94  
GLN OE1  O  N N 95  
GLN NE2  N  N N 96  
GLN OXT  O  N N 97  
GLN H    H  N N 98  
GLN H2   H  N N 99  
GLN HA   H  N N 100 
GLN HB2  H  N N 101 
GLN HB3  H  N N 102 
GLN HG2  H  N N 103 
GLN HG3  H  N N 104 
GLN HE21 H  N N 105 
GLN HE22 H  N N 106 
GLN HXT  H  N N 107 
GLU N    N  N N 108 
GLU CA   C  N S 109 
GLU C    C  N N 110 
GLU O    O  N N 111 
GLU CB   C  N N 112 
GLU CG   C  N N 113 
GLU CD   C  N N 114 
GLU OE1  O  N N 115 
GLU OE2  O  N N 116 
GLU OXT  O  N N 117 
GLU H    H  N N 118 
GLU H2   H  N N 119 
GLU HA   H  N N 120 
GLU HB2  H  N N 121 
GLU HB3  H  N N 122 
GLU HG2  H  N N 123 
GLU HG3  H  N N 124 
GLU HE2  H  N N 125 
GLU HXT  H  N N 126 
GLY N    N  N N 127 
GLY CA   C  N N 128 
GLY C    C  N N 129 
GLY O    O  N N 130 
GLY OXT  O  N N 131 
GLY H    H  N N 132 
GLY H2   H  N N 133 
GLY HA2  H  N N 134 
GLY HA3  H  N N 135 
GLY HXT  H  N N 136 
HIS N    N  N N 137 
HIS CA   C  N S 138 
HIS C    C  N N 139 
HIS O    O  N N 140 
HIS CB   C  N N 141 
HIS CG   C  Y N 142 
HIS ND1  N  Y N 143 
HIS CD2  C  Y N 144 
HIS CE1  C  Y N 145 
HIS NE2  N  Y N 146 
HIS OXT  O  N N 147 
HIS H    H  N N 148 
HIS H2   H  N N 149 
HIS HA   H  N N 150 
HIS HB2  H  N N 151 
HIS HB3  H  N N 152 
HIS HD1  H  N N 153 
HIS HD2  H  N N 154 
HIS HE1  H  N N 155 
HIS HE2  H  N N 156 
HIS HXT  H  N N 157 
HOH O    O  N N 158 
HOH H1   H  N N 159 
HOH H2   H  N N 160 
ILE N    N  N N 161 
ILE CA   C  N S 162 
ILE C    C  N N 163 
ILE O    O  N N 164 
ILE CB   C  N S 165 
ILE CG1  C  N N 166 
ILE CG2  C  N N 167 
ILE CD1  C  N N 168 
ILE OXT  O  N N 169 
ILE H    H  N N 170 
ILE H2   H  N N 171 
ILE HA   H  N N 172 
ILE HB   H  N N 173 
ILE HG12 H  N N 174 
ILE HG13 H  N N 175 
ILE HG21 H  N N 176 
ILE HG22 H  N N 177 
ILE HG23 H  N N 178 
ILE HD11 H  N N 179 
ILE HD12 H  N N 180 
ILE HD13 H  N N 181 
ILE HXT  H  N N 182 
LEU N    N  N N 183 
LEU CA   C  N S 184 
LEU C    C  N N 185 
LEU O    O  N N 186 
LEU CB   C  N N 187 
LEU CG   C  N N 188 
LEU CD1  C  N N 189 
LEU CD2  C  N N 190 
LEU OXT  O  N N 191 
LEU H    H  N N 192 
LEU H2   H  N N 193 
LEU HA   H  N N 194 
LEU HB2  H  N N 195 
LEU HB3  H  N N 196 
LEU HG   H  N N 197 
LEU HD11 H  N N 198 
LEU HD12 H  N N 199 
LEU HD13 H  N N 200 
LEU HD21 H  N N 201 
LEU HD22 H  N N 202 
LEU HD23 H  N N 203 
LEU HXT  H  N N 204 
LYS N    N  N N 205 
LYS CA   C  N S 206 
LYS C    C  N N 207 
LYS O    O  N N 208 
LYS CB   C  N N 209 
LYS CG   C  N N 210 
LYS CD   C  N N 211 
LYS CE   C  N N 212 
LYS NZ   N  N N 213 
LYS OXT  O  N N 214 
LYS H    H  N N 215 
LYS H2   H  N N 216 
LYS HA   H  N N 217 
LYS HB2  H  N N 218 
LYS HB3  H  N N 219 
LYS HG2  H  N N 220 
LYS HG3  H  N N 221 
LYS HD2  H  N N 222 
LYS HD3  H  N N 223 
LYS HE2  H  N N 224 
LYS HE3  H  N N 225 
LYS HZ1  H  N N 226 
LYS HZ2  H  N N 227 
LYS HZ3  H  N N 228 
LYS HXT  H  N N 229 
MSE N    N  N N 230 
MSE CA   C  N S 231 
MSE C    C  N N 232 
MSE O    O  N N 233 
MSE OXT  O  N N 234 
MSE CB   C  N N 235 
MSE CG   C  N N 236 
MSE SE   SE N N 237 
MSE CE   C  N N 238 
MSE H    H  N N 239 
MSE H2   H  N N 240 
MSE HA   H  N N 241 
MSE HXT  H  N N 242 
MSE HB2  H  N N 243 
MSE HB3  H  N N 244 
MSE HG2  H  N N 245 
MSE HG3  H  N N 246 
MSE HE1  H  N N 247 
MSE HE2  H  N N 248 
MSE HE3  H  N N 249 
NO3 N    N  N N 250 
NO3 O1   O  N N 251 
NO3 O2   O  N N 252 
NO3 O3   O  N N 253 
PHE N    N  N N 254 
PHE CA   C  N S 255 
PHE C    C  N N 256 
PHE O    O  N N 257 
PHE CB   C  N N 258 
PHE CG   C  Y N 259 
PHE CD1  C  Y N 260 
PHE CD2  C  Y N 261 
PHE CE1  C  Y N 262 
PHE CE2  C  Y N 263 
PHE CZ   C  Y N 264 
PHE OXT  O  N N 265 
PHE H    H  N N 266 
PHE H2   H  N N 267 
PHE HA   H  N N 268 
PHE HB2  H  N N 269 
PHE HB3  H  N N 270 
PHE HD1  H  N N 271 
PHE HD2  H  N N 272 
PHE HE1  H  N N 273 
PHE HE2  H  N N 274 
PHE HZ   H  N N 275 
PHE HXT  H  N N 276 
PRO N    N  N N 277 
PRO CA   C  N S 278 
PRO C    C  N N 279 
PRO O    O  N N 280 
PRO CB   C  N N 281 
PRO CG   C  N N 282 
PRO CD   C  N N 283 
PRO OXT  O  N N 284 
PRO H    H  N N 285 
PRO HA   H  N N 286 
PRO HB2  H  N N 287 
PRO HB3  H  N N 288 
PRO HG2  H  N N 289 
PRO HG3  H  N N 290 
PRO HD2  H  N N 291 
PRO HD3  H  N N 292 
PRO HXT  H  N N 293 
SER N    N  N N 294 
SER CA   C  N S 295 
SER C    C  N N 296 
SER O    O  N N 297 
SER CB   C  N N 298 
SER OG   O  N N 299 
SER OXT  O  N N 300 
SER H    H  N N 301 
SER H2   H  N N 302 
SER HA   H  N N 303 
SER HB2  H  N N 304 
SER HB3  H  N N 305 
SER HG   H  N N 306 
SER HXT  H  N N 307 
THR N    N  N N 308 
THR CA   C  N S 309 
THR C    C  N N 310 
THR O    O  N N 311 
THR CB   C  N R 312 
THR OG1  O  N N 313 
THR CG2  C  N N 314 
THR OXT  O  N N 315 
THR H    H  N N 316 
THR H2   H  N N 317 
THR HA   H  N N 318 
THR HB   H  N N 319 
THR HG1  H  N N 320 
THR HG21 H  N N 321 
THR HG22 H  N N 322 
THR HG23 H  N N 323 
THR HXT  H  N N 324 
TRP N    N  N N 325 
TRP CA   C  N S 326 
TRP C    C  N N 327 
TRP O    O  N N 328 
TRP CB   C  N N 329 
TRP CG   C  Y N 330 
TRP CD1  C  Y N 331 
TRP CD2  C  Y N 332 
TRP NE1  N  Y N 333 
TRP CE2  C  Y N 334 
TRP CE3  C  Y N 335 
TRP CZ2  C  Y N 336 
TRP CZ3  C  Y N 337 
TRP CH2  C  Y N 338 
TRP OXT  O  N N 339 
TRP H    H  N N 340 
TRP H2   H  N N 341 
TRP HA   H  N N 342 
TRP HB2  H  N N 343 
TRP HB3  H  N N 344 
TRP HD1  H  N N 345 
TRP HE1  H  N N 346 
TRP HE3  H  N N 347 
TRP HZ2  H  N N 348 
TRP HZ3  H  N N 349 
TRP HH2  H  N N 350 
TRP HXT  H  N N 351 
TYR N    N  N N 352 
TYR CA   C  N S 353 
TYR C    C  N N 354 
TYR O    O  N N 355 
TYR CB   C  N N 356 
TYR CG   C  Y N 357 
TYR CD1  C  Y N 358 
TYR CD2  C  Y N 359 
TYR CE1  C  Y N 360 
TYR CE2  C  Y N 361 
TYR CZ   C  Y N 362 
TYR OH   O  N N 363 
TYR OXT  O  N N 364 
TYR H    H  N N 365 
TYR H2   H  N N 366 
TYR HA   H  N N 367 
TYR HB2  H  N N 368 
TYR HB3  H  N N 369 
TYR HD1  H  N N 370 
TYR HD2  H  N N 371 
TYR HE1  H  N N 372 
TYR HE2  H  N N 373 
TYR HH   H  N N 374 
TYR HXT  H  N N 375 
VAL N    N  N N 376 
VAL CA   C  N S 377 
VAL C    C  N N 378 
VAL O    O  N N 379 
VAL CB   C  N N 380 
VAL CG1  C  N N 381 
VAL CG2  C  N N 382 
VAL OXT  O  N N 383 
VAL H    H  N N 384 
VAL H2   H  N N 385 
VAL HA   H  N N 386 
VAL HB   H  N N 387 
VAL HG11 H  N N 388 
VAL HG12 H  N N 389 
VAL HG13 H  N N 390 
VAL HG21 H  N N 391 
VAL HG22 H  N N 392 
VAL HG23 H  N N 393 
VAL HXT  H  N N 394 
# 
loop_
_chem_comp_bond.comp_id 
_chem_comp_bond.atom_id_1 
_chem_comp_bond.atom_id_2 
_chem_comp_bond.value_order 
_chem_comp_bond.pdbx_aromatic_flag 
_chem_comp_bond.pdbx_stereo_config 
_chem_comp_bond.pdbx_ordinal 
ALA N   CA   sing N N 1   
ALA N   H    sing N N 2   
ALA N   H2   sing N N 3   
ALA CA  C    sing N N 4   
ALA CA  CB   sing N N 5   
ALA CA  HA   sing N N 6   
ALA C   O    doub N N 7   
ALA C   OXT  sing N N 8   
ALA CB  HB1  sing N N 9   
ALA CB  HB2  sing N N 10  
ALA CB  HB3  sing N N 11  
ALA OXT HXT  sing N N 12  
ARG N   CA   sing N N 13  
ARG N   H    sing N N 14  
ARG N   H2   sing N N 15  
ARG CA  C    sing N N 16  
ARG CA  CB   sing N N 17  
ARG CA  HA   sing N N 18  
ARG C   O    doub N N 19  
ARG C   OXT  sing N N 20  
ARG CB  CG   sing N N 21  
ARG CB  HB2  sing N N 22  
ARG CB  HB3  sing N N 23  
ARG CG  CD   sing N N 24  
ARG CG  HG2  sing N N 25  
ARG CG  HG3  sing N N 26  
ARG CD  NE   sing N N 27  
ARG CD  HD2  sing N N 28  
ARG CD  HD3  sing N N 29  
ARG NE  CZ   sing N N 30  
ARG NE  HE   sing N N 31  
ARG CZ  NH1  sing N N 32  
ARG CZ  NH2  doub N N 33  
ARG NH1 HH11 sing N N 34  
ARG NH1 HH12 sing N N 35  
ARG NH2 HH21 sing N N 36  
ARG NH2 HH22 sing N N 37  
ARG OXT HXT  sing N N 38  
ASN N   CA   sing N N 39  
ASN N   H    sing N N 40  
ASN N   H2   sing N N 41  
ASN CA  C    sing N N 42  
ASN CA  CB   sing N N 43  
ASN CA  HA   sing N N 44  
ASN C   O    doub N N 45  
ASN C   OXT  sing N N 46  
ASN CB  CG   sing N N 47  
ASN CB  HB2  sing N N 48  
ASN CB  HB3  sing N N 49  
ASN CG  OD1  doub N N 50  
ASN CG  ND2  sing N N 51  
ASN ND2 HD21 sing N N 52  
ASN ND2 HD22 sing N N 53  
ASN OXT HXT  sing N N 54  
ASP N   CA   sing N N 55  
ASP N   H    sing N N 56  
ASP N   H2   sing N N 57  
ASP CA  C    sing N N 58  
ASP CA  CB   sing N N 59  
ASP CA  HA   sing N N 60  
ASP C   O    doub N N 61  
ASP C   OXT  sing N N 62  
ASP CB  CG   sing N N 63  
ASP CB  HB2  sing N N 64  
ASP CB  HB3  sing N N 65  
ASP CG  OD1  doub N N 66  
ASP CG  OD2  sing N N 67  
ASP OD2 HD2  sing N N 68  
ASP OXT HXT  sing N N 69  
CYS N   CA   sing N N 70  
CYS N   H    sing N N 71  
CYS N   H2   sing N N 72  
CYS CA  C    sing N N 73  
CYS CA  CB   sing N N 74  
CYS CA  HA   sing N N 75  
CYS C   O    doub N N 76  
CYS C   OXT  sing N N 77  
CYS CB  SG   sing N N 78  
CYS CB  HB2  sing N N 79  
CYS CB  HB3  sing N N 80  
CYS SG  HG   sing N N 81  
CYS OXT HXT  sing N N 82  
GLN N   CA   sing N N 83  
GLN N   H    sing N N 84  
GLN N   H2   sing N N 85  
GLN CA  C    sing N N 86  
GLN CA  CB   sing N N 87  
GLN CA  HA   sing N N 88  
GLN C   O    doub N N 89  
GLN C   OXT  sing N N 90  
GLN CB  CG   sing N N 91  
GLN CB  HB2  sing N N 92  
GLN CB  HB3  sing N N 93  
GLN CG  CD   sing N N 94  
GLN CG  HG2  sing N N 95  
GLN CG  HG3  sing N N 96  
GLN CD  OE1  doub N N 97  
GLN CD  NE2  sing N N 98  
GLN NE2 HE21 sing N N 99  
GLN NE2 HE22 sing N N 100 
GLN OXT HXT  sing N N 101 
GLU N   CA   sing N N 102 
GLU N   H    sing N N 103 
GLU N   H2   sing N N 104 
GLU CA  C    sing N N 105 
GLU CA  CB   sing N N 106 
GLU CA  HA   sing N N 107 
GLU C   O    doub N N 108 
GLU C   OXT  sing N N 109 
GLU CB  CG   sing N N 110 
GLU CB  HB2  sing N N 111 
GLU CB  HB3  sing N N 112 
GLU CG  CD   sing N N 113 
GLU CG  HG2  sing N N 114 
GLU CG  HG3  sing N N 115 
GLU CD  OE1  doub N N 116 
GLU CD  OE2  sing N N 117 
GLU OE2 HE2  sing N N 118 
GLU OXT HXT  sing N N 119 
GLY N   CA   sing N N 120 
GLY N   H    sing N N 121 
GLY N   H2   sing N N 122 
GLY CA  C    sing N N 123 
GLY CA  HA2  sing N N 124 
GLY CA  HA3  sing N N 125 
GLY C   O    doub N N 126 
GLY C   OXT  sing N N 127 
GLY OXT HXT  sing N N 128 
HIS N   CA   sing N N 129 
HIS N   H    sing N N 130 
HIS N   H2   sing N N 131 
HIS CA  C    sing N N 132 
HIS CA  CB   sing N N 133 
HIS CA  HA   sing N N 134 
HIS C   O    doub N N 135 
HIS C   OXT  sing N N 136 
HIS CB  CG   sing N N 137 
HIS CB  HB2  sing N N 138 
HIS CB  HB3  sing N N 139 
HIS CG  ND1  sing Y N 140 
HIS CG  CD2  doub Y N 141 
HIS ND1 CE1  doub Y N 142 
HIS ND1 HD1  sing N N 143 
HIS CD2 NE2  sing Y N 144 
HIS CD2 HD2  sing N N 145 
HIS CE1 NE2  sing Y N 146 
HIS CE1 HE1  sing N N 147 
HIS NE2 HE2  sing N N 148 
HIS OXT HXT  sing N N 149 
HOH O   H1   sing N N 150 
HOH O   H2   sing N N 151 
ILE N   CA   sing N N 152 
ILE N   H    sing N N 153 
ILE N   H2   sing N N 154 
ILE CA  C    sing N N 155 
ILE CA  CB   sing N N 156 
ILE CA  HA   sing N N 157 
ILE C   O    doub N N 158 
ILE C   OXT  sing N N 159 
ILE CB  CG1  sing N N 160 
ILE CB  CG2  sing N N 161 
ILE CB  HB   sing N N 162 
ILE CG1 CD1  sing N N 163 
ILE CG1 HG12 sing N N 164 
ILE CG1 HG13 sing N N 165 
ILE CG2 HG21 sing N N 166 
ILE CG2 HG22 sing N N 167 
ILE CG2 HG23 sing N N 168 
ILE CD1 HD11 sing N N 169 
ILE CD1 HD12 sing N N 170 
ILE CD1 HD13 sing N N 171 
ILE OXT HXT  sing N N 172 
LEU N   CA   sing N N 173 
LEU N   H    sing N N 174 
LEU N   H2   sing N N 175 
LEU CA  C    sing N N 176 
LEU CA  CB   sing N N 177 
LEU CA  HA   sing N N 178 
LEU C   O    doub N N 179 
LEU C   OXT  sing N N 180 
LEU CB  CG   sing N N 181 
LEU CB  HB2  sing N N 182 
LEU CB  HB3  sing N N 183 
LEU CG  CD1  sing N N 184 
LEU CG  CD2  sing N N 185 
LEU CG  HG   sing N N 186 
LEU CD1 HD11 sing N N 187 
LEU CD1 HD12 sing N N 188 
LEU CD1 HD13 sing N N 189 
LEU CD2 HD21 sing N N 190 
LEU CD2 HD22 sing N N 191 
LEU CD2 HD23 sing N N 192 
LEU OXT HXT  sing N N 193 
LYS N   CA   sing N N 194 
LYS N   H    sing N N 195 
LYS N   H2   sing N N 196 
LYS CA  C    sing N N 197 
LYS CA  CB   sing N N 198 
LYS CA  HA   sing N N 199 
LYS C   O    doub N N 200 
LYS C   OXT  sing N N 201 
LYS CB  CG   sing N N 202 
LYS CB  HB2  sing N N 203 
LYS CB  HB3  sing N N 204 
LYS CG  CD   sing N N 205 
LYS CG  HG2  sing N N 206 
LYS CG  HG3  sing N N 207 
LYS CD  CE   sing N N 208 
LYS CD  HD2  sing N N 209 
LYS CD  HD3  sing N N 210 
LYS CE  NZ   sing N N 211 
LYS CE  HE2  sing N N 212 
LYS CE  HE3  sing N N 213 
LYS NZ  HZ1  sing N N 214 
LYS NZ  HZ2  sing N N 215 
LYS NZ  HZ3  sing N N 216 
LYS OXT HXT  sing N N 217 
MSE N   CA   sing N N 218 
MSE N   H    sing N N 219 
MSE N   H2   sing N N 220 
MSE CA  C    sing N N 221 
MSE CA  CB   sing N N 222 
MSE CA  HA   sing N N 223 
MSE C   O    doub N N 224 
MSE C   OXT  sing N N 225 
MSE OXT HXT  sing N N 226 
MSE CB  CG   sing N N 227 
MSE CB  HB2  sing N N 228 
MSE CB  HB3  sing N N 229 
MSE CG  SE   sing N N 230 
MSE CG  HG2  sing N N 231 
MSE CG  HG3  sing N N 232 
MSE SE  CE   sing N N 233 
MSE CE  HE1  sing N N 234 
MSE CE  HE2  sing N N 235 
MSE CE  HE3  sing N N 236 
NO3 N   O1   doub N N 237 
NO3 N   O2   sing N N 238 
NO3 N   O3   sing N N 239 
PHE N   CA   sing N N 240 
PHE N   H    sing N N 241 
PHE N   H2   sing N N 242 
PHE CA  C    sing N N 243 
PHE CA  CB   sing N N 244 
PHE CA  HA   sing N N 245 
PHE C   O    doub N N 246 
PHE C   OXT  sing N N 247 
PHE CB  CG   sing N N 248 
PHE CB  HB2  sing N N 249 
PHE CB  HB3  sing N N 250 
PHE CG  CD1  doub Y N 251 
PHE CG  CD2  sing Y N 252 
PHE CD1 CE1  sing Y N 253 
PHE CD1 HD1  sing N N 254 
PHE CD2 CE2  doub Y N 255 
PHE CD2 HD2  sing N N 256 
PHE CE1 CZ   doub Y N 257 
PHE CE1 HE1  sing N N 258 
PHE CE2 CZ   sing Y N 259 
PHE CE2 HE2  sing N N 260 
PHE CZ  HZ   sing N N 261 
PHE OXT HXT  sing N N 262 
PRO N   CA   sing N N 263 
PRO N   CD   sing N N 264 
PRO N   H    sing N N 265 
PRO CA  C    sing N N 266 
PRO CA  CB   sing N N 267 
PRO CA  HA   sing N N 268 
PRO C   O    doub N N 269 
PRO C   OXT  sing N N 270 
PRO CB  CG   sing N N 271 
PRO CB  HB2  sing N N 272 
PRO CB  HB3  sing N N 273 
PRO CG  CD   sing N N 274 
PRO CG  HG2  sing N N 275 
PRO CG  HG3  sing N N 276 
PRO CD  HD2  sing N N 277 
PRO CD  HD3  sing N N 278 
PRO OXT HXT  sing N N 279 
SER N   CA   sing N N 280 
SER N   H    sing N N 281 
SER N   H2   sing N N 282 
SER CA  C    sing N N 283 
SER CA  CB   sing N N 284 
SER CA  HA   sing N N 285 
SER C   O    doub N N 286 
SER C   OXT  sing N N 287 
SER CB  OG   sing N N 288 
SER CB  HB2  sing N N 289 
SER CB  HB3  sing N N 290 
SER OG  HG   sing N N 291 
SER OXT HXT  sing N N 292 
THR N   CA   sing N N 293 
THR N   H    sing N N 294 
THR N   H2   sing N N 295 
THR CA  C    sing N N 296 
THR CA  CB   sing N N 297 
THR CA  HA   sing N N 298 
THR C   O    doub N N 299 
THR C   OXT  sing N N 300 
THR CB  OG1  sing N N 301 
THR CB  CG2  sing N N 302 
THR CB  HB   sing N N 303 
THR OG1 HG1  sing N N 304 
THR CG2 HG21 sing N N 305 
THR CG2 HG22 sing N N 306 
THR CG2 HG23 sing N N 307 
THR OXT HXT  sing N N 308 
TRP N   CA   sing N N 309 
TRP N   H    sing N N 310 
TRP N   H2   sing N N 311 
TRP CA  C    sing N N 312 
TRP CA  CB   sing N N 313 
TRP CA  HA   sing N N 314 
TRP C   O    doub N N 315 
TRP C   OXT  sing N N 316 
TRP CB  CG   sing N N 317 
TRP CB  HB2  sing N N 318 
TRP CB  HB3  sing N N 319 
TRP CG  CD1  doub Y N 320 
TRP CG  CD2  sing Y N 321 
TRP CD1 NE1  sing Y N 322 
TRP CD1 HD1  sing N N 323 
TRP CD2 CE2  doub Y N 324 
TRP CD2 CE3  sing Y N 325 
TRP NE1 CE2  sing Y N 326 
TRP NE1 HE1  sing N N 327 
TRP CE2 CZ2  sing Y N 328 
TRP CE3 CZ3  doub Y N 329 
TRP CE3 HE3  sing N N 330 
TRP CZ2 CH2  doub Y N 331 
TRP CZ2 HZ2  sing N N 332 
TRP CZ3 CH2  sing Y N 333 
TRP CZ3 HZ3  sing N N 334 
TRP CH2 HH2  sing N N 335 
TRP OXT HXT  sing N N 336 
TYR N   CA   sing N N 337 
TYR N   H    sing N N 338 
TYR N   H2   sing N N 339 
TYR CA  C    sing N N 340 
TYR CA  CB   sing N N 341 
TYR CA  HA   sing N N 342 
TYR C   O    doub N N 343 
TYR C   OXT  sing N N 344 
TYR CB  CG   sing N N 345 
TYR CB  HB2  sing N N 346 
TYR CB  HB3  sing N N 347 
TYR CG  CD1  doub Y N 348 
TYR CG  CD2  sing Y N 349 
TYR CD1 CE1  sing Y N 350 
TYR CD1 HD1  sing N N 351 
TYR CD2 CE2  doub Y N 352 
TYR CD2 HD2  sing N N 353 
TYR CE1 CZ   doub Y N 354 
TYR CE1 HE1  sing N N 355 
TYR CE2 CZ   sing Y N 356 
TYR CE2 HE2  sing N N 357 
TYR CZ  OH   sing N N 358 
TYR OH  HH   sing N N 359 
TYR OXT HXT  sing N N 360 
VAL N   CA   sing N N 361 
VAL N   H    sing N N 362 
VAL N   H2   sing N N 363 
VAL CA  C    sing N N 364 
VAL CA  CB   sing N N 365 
VAL CA  HA   sing N N 366 
VAL C   O    doub N N 367 
VAL C   OXT  sing N N 368 
VAL CB  CG1  sing N N 369 
VAL CB  CG2  sing N N 370 
VAL CB  HB   sing N N 371 
VAL CG1 HG11 sing N N 372 
VAL CG1 HG12 sing N N 373 
VAL CG1 HG13 sing N N 374 
VAL CG2 HG21 sing N N 375 
VAL CG2 HG22 sing N N 376 
VAL CG2 HG23 sing N N 377 
VAL OXT HXT  sing N N 378 
# 
_atom_sites.entry_id                    3FOV 
_atom_sites.fract_transf_matrix[1][1]   0.00469661 
_atom_sites.fract_transf_matrix[1][2]   -0.00887930 
_atom_sites.fract_transf_matrix[1][3]   -0.00949563 
_atom_sites.fract_transf_matrix[2][1]   0.01853832 
_atom_sites.fract_transf_matrix[2][2]   -0.00311797 
_atom_sites.fract_transf_matrix[2][3]   0.01208479 
_atom_sites.fract_transf_matrix[3][1]   -0.01006438 
_atom_sites.fract_transf_matrix[3][2]   -0.02970039 
_atom_sites.fract_transf_matrix[3][3]   0.00777602 
_atom_sites.fract_transf_vector[1]      0.177173 
_atom_sites.fract_transf_vector[2]      0.359224 
_atom_sites.fract_transf_vector[3]      0.346374 
# 
loop_
_atom_type.symbol 
C  
N  
O  
S  
SE 
# 
loop_
_atom_site.group_PDB 
_atom_site.id 
_atom_site.type_symbol 
_atom_site.label_atom_id 
_atom_site.label_alt_id 
_atom_site.label_comp_id 
_atom_site.label_asym_id 
_atom_site.label_entity_id 
_atom_site.label_seq_id 
_atom_site.pdbx_PDB_ins_code 
_atom_site.Cartn_x 
_atom_site.Cartn_y 
_atom_site.Cartn_z 
_atom_site.occupancy 
_atom_site.B_iso_or_equiv 
_atom_site.pdbx_formal_charge 
_atom_site.auth_seq_id 
_atom_site.auth_comp_id 
_atom_site.auth_asym_id 
_atom_site.auth_atom_id 
_atom_site.pdbx_PDB_model_num 
ATOM   1   N  N   . SER A 1 25  ? 2.387   -2.158  -15.212 1.00 29.05 ? 23  SER A N   1 
ATOM   2   C  CA  . SER A 1 25  ? 3.079   -3.449  -15.050 1.00 28.46 ? 23  SER A CA  1 
ATOM   3   C  C   . SER A 1 25  ? 3.985   -3.392  -13.824 1.00 27.55 ? 23  SER A C   1 
ATOM   4   O  O   . SER A 1 25  ? 4.320   -4.440  -13.311 1.00 27.30 ? 23  SER A O   1 
ATOM   5   C  CB  . SER A 1 25  ? 3.858   -3.846  -16.294 1.00 28.92 ? 23  SER A CB  1 
ATOM   6   O  OG  . SER A 1 25  ? 4.781   -4.915  -16.054 1.00 29.68 ? 23  SER A OG  1 
ATOM   7   N  N   . ALA A 1 26  ? 4.372   -2.192  -13.371 1.00 26.43 ? 24  ALA A N   1 
ATOM   8   C  CA  . ALA A 1 26  ? 5.029   -2.027  -12.054 1.00 25.81 ? 24  ALA A CA  1 
ATOM   9   C  C   . ALA A 1 26  ? 4.072   -2.464  -10.945 1.00 25.45 ? 24  ALA A C   1 
ATOM   10  O  O   . ALA A 1 26  ? 4.477   -3.095  -9.957  1.00 24.29 ? 24  ALA A O   1 
ATOM   11  C  CB  . ALA A 1 26  ? 5.444   -0.598  -11.825 1.00 25.74 ? 24  ALA A CB  1 
ATOM   12  N  N   . GLU A 1 27  ? 2.798   -2.107  -11.140 1.00 25.23 ? 25  GLU A N   1 
ATOM   13  C  CA  A GLU A 1 27  ? 1.749   -2.445  -10.185 0.60 24.81 ? 25  GLU A CA  1 
ATOM   14  C  CA  B GLU A 1 27  ? 1.725   -2.448  -10.205 0.40 24.83 ? 25  GLU A CA  1 
ATOM   15  C  C   . GLU A 1 27  ? 1.476   -3.950  -10.183 1.00 24.26 ? 25  GLU A C   1 
ATOM   16  O  O   . GLU A 1 27  ? 1.300   -4.540  -9.120  1.00 22.94 ? 25  GLU A O   1 
ATOM   17  C  CB  A GLU A 1 27  ? 0.460   -1.660  -10.482 0.60 25.48 ? 25  GLU A CB  1 
ATOM   18  C  CB  B GLU A 1 27  ? 0.418   -1.724  -10.576 0.40 25.34 ? 25  GLU A CB  1 
ATOM   19  C  CG  A GLU A 1 27  ? -0.793  -2.385  -9.988  0.60 26.07 ? 25  GLU A CG  1 
ATOM   20  C  CG  B GLU A 1 27  ? -0.029  -0.682  -9.570  0.40 26.39 ? 25  GLU A CG  1 
ATOM   21  C  CD  A GLU A 1 27  ? -2.017  -1.524  -9.925  0.60 28.17 ? 25  GLU A CD  1 
ATOM   22  C  CD  B GLU A 1 27  ? 0.293   0.728   -9.990  0.40 26.72 ? 25  GLU A CD  1 
ATOM   23  O  OE1 A GLU A 1 27  ? -2.822  -1.584  -10.892 0.60 26.73 ? 25  GLU A OE1 1 
ATOM   24  O  OE1 B GLU A 1 27  ? 1.465   1.007   -10.338 0.40 28.43 ? 25  GLU A OE1 1 
ATOM   25  O  OE2 A GLU A 1 27  ? -2.186  -0.838  -8.882  0.60 26.52 ? 25  GLU A OE2 1 
ATOM   26  O  OE2 B GLU A 1 27  ? -0.640  1.556   -9.962  0.40 27.78 ? 25  GLU A OE2 1 
ATOM   27  N  N   . ALA A 1 28  ? 1.452   -4.562  -11.385 1.00 23.29 ? 26  ALA A N   1 
ATOM   28  C  CA  . ALA A 1 28  ? 1.275   -6.032  -11.510 1.00 21.97 ? 26  ALA A CA  1 
ATOM   29  C  C   . ALA A 1 28  ? 2.471   -6.752  -10.896 1.00 21.09 ? 26  ALA A C   1 
ATOM   30  O  O   . ALA A 1 28  ? 2.322   -7.781  -10.224 1.00 21.33 ? 26  ALA A O   1 
ATOM   31  C  CB  . ALA A 1 28  ? 1.088   -6.467  -12.990 1.00 22.70 ? 26  ALA A CB  1 
ATOM   32  N  N   . SER A 1 29  ? 3.657   -6.215  -11.130 1.00 19.26 ? 27  SER A N   1 
ATOM   33  C  CA  A SER A 1 29  ? 4.861   -6.797  -10.575 0.50 19.40 ? 27  SER A CA  1 
ATOM   34  C  CA  B SER A 1 29  ? 4.888   -6.782  -10.561 0.50 19.56 ? 27  SER A CA  1 
ATOM   35  C  C   . SER A 1 29  ? 4.843   -6.815  -9.035  1.00 18.55 ? 27  SER A C   1 
ATOM   36  O  O   . SER A 1 29  ? 5.125   -7.838  -8.396  1.00 16.89 ? 27  SER A O   1 
ATOM   37  C  CB  A SER A 1 29  ? 6.058   -6.018  -11.112 0.50 19.51 ? 27  SER A CB  1 
ATOM   38  C  CB  B SER A 1 29  ? 6.124   -5.966  -10.980 0.50 19.75 ? 27  SER A CB  1 
ATOM   39  O  OG  A SER A 1 29  ? 6.154   -6.236  -12.502 0.50 19.62 ? 27  SER A OG  1 
ATOM   40  O  OG  B SER A 1 29  ? 7.270   -6.396  -10.232 0.50 20.55 ? 27  SER A OG  1 
ATOM   41  N  N   . ALA A 1 30  ? 4.503   -5.665  -8.481  1.00 17.64 ? 28  ALA A N   1 
ATOM   42  C  CA  . ALA A 1 30  ? 4.342   -5.474  -7.032  1.00 16.59 ? 28  ALA A CA  1 
ATOM   43  C  C   . ALA A 1 30  ? 3.319   -6.430  -6.427  1.00 16.66 ? 28  ALA A C   1 
ATOM   44  O  O   . ALA A 1 30  ? 3.611   -7.084  -5.402  1.00 17.69 ? 28  ALA A O   1 
ATOM   45  C  CB  . ALA A 1 30  ? 3.986   -4.084  -6.771  1.00 15.33 ? 28  ALA A CB  1 
ATOM   46  N  N   . ALA A 1 31  ? 2.152   -6.543  -7.073  1.00 16.03 ? 29  ALA A N   1 
ATOM   47  C  CA  . ALA A 1 31  ? 1.069   -7.415  -6.575  1.00 16.87 ? 29  ALA A CA  1 
ATOM   48  C  C   . ALA A 1 31  ? 1.515   -8.899  -6.639  1.00 17.18 ? 29  ALA A C   1 
ATOM   49  O  O   . ALA A 1 31  ? 1.291   -9.673  -5.710  1.00 18.16 ? 29  ALA A O   1 
ATOM   50  C  CB  . ALA A 1 31  ? -0.265  -7.174  -7.338  1.00 15.89 ? 29  ALA A CB  1 
ATOM   51  N  N   . ASP A 1 32  ? 2.149   -9.284  -7.722  1.00 18.63 ? 30  ASP A N   1 
ATOM   52  C  CA  . ASP A 1 32  ? 2.597   -10.668 -7.898  1.00 18.93 ? 30  ASP A CA  1 
ATOM   53  C  C   . ASP A 1 32  ? 3.599   -10.977 -6.818  1.00 18.40 ? 30  ASP A C   1 
ATOM   54  O  O   . ASP A 1 32  ? 3.557   -12.027 -6.187  1.00 20.46 ? 30  ASP A O   1 
ATOM   55  C  CB  . ASP A 1 32  ? 3.243   -10.822 -9.260  1.00 19.23 ? 30  ASP A CB  1 
ATOM   56  C  CG  . ASP A 1 32  ? 2.229   -10.891 -10.413 1.00 21.96 ? 30  ASP A CG  1 
ATOM   57  O  OD1 . ASP A 1 32  ? 1.000   -10.769 -10.210 1.00 23.37 ? 30  ASP A OD1 1 
ATOM   58  O  OD2 . ASP A 1 32  ? 2.712   -11.049 -11.565 1.00 25.64 ? 30  ASP A OD2 1 
ATOM   59  N  N   . TYR A 1 33  ? 4.520   -10.068 -6.600  1.00 18.46 ? 31  TYR A N   1 
ATOM   60  C  CA  . TYR A 1 33  ? 5.469   -10.212 -5.495  1.00 17.84 ? 31  TYR A CA  1 
ATOM   61  C  C   . TYR A 1 33  ? 4.789   -10.420 -4.141  1.00 18.01 ? 31  TYR A C   1 
ATOM   62  O  O   . TYR A 1 33  ? 5.110   -11.369 -3.396  1.00 17.23 ? 31  TYR A O   1 
ATOM   63  C  CB  . TYR A 1 33  ? 6.388   -9.001  -5.434  1.00 18.03 ? 31  TYR A CB  1 
ATOM   64  C  CG  . TYR A 1 33  ? 7.271   -8.980  -4.208  1.00 18.55 ? 31  TYR A CG  1 
ATOM   65  C  CD1 . TYR A 1 33  ? 8.501   -9.623  -4.217  1.00 18.56 ? 31  TYR A CD1 1 
ATOM   66  C  CD2 . TYR A 1 33  ? 6.885   -8.321  -3.055  1.00 21.97 ? 31  TYR A CD2 1 
ATOM   67  C  CE1 . TYR A 1 33  ? 9.320   -9.636  -3.099  1.00 20.92 ? 31  TYR A CE1 1 
ATOM   68  C  CE2 . TYR A 1 33  ? 7.694   -8.328  -1.921  1.00 23.25 ? 31  TYR A CE2 1 
ATOM   69  C  CZ  . TYR A 1 33  ? 8.927   -8.979  -1.964  1.00 23.24 ? 31  TYR A CZ  1 
ATOM   70  O  OH  . TYR A 1 33  ? 9.789   -9.010  -0.872  1.00 30.47 ? 31  TYR A OH  1 
ATOM   71  N  N   . LEU A 1 34  ? 3.858   -9.523  -3.792  1.00 17.53 ? 32  LEU A N   1 
ATOM   72  C  CA  . LEU A 1 34  ? 3.155   -9.644  -2.522  1.00 17.28 ? 32  LEU A CA  1 
ATOM   73  C  C   . LEU A 1 34  ? 2.401   -10.963 -2.410  1.00 17.62 ? 32  LEU A C   1 
ATOM   74  O  O   . LEU A 1 34  ? 2.399   -11.580 -1.348  1.00 17.72 ? 32  LEU A O   1 
ATOM   75  C  CB  . LEU A 1 34  ? 2.217   -8.480  -2.283  1.00 16.52 ? 32  LEU A CB  1 
ATOM   76  C  CG  . LEU A 1 34  ? 2.822   -7.159  -1.894  1.00 18.08 ? 32  LEU A CG  1 
ATOM   77  C  CD1 . LEU A 1 34  ? 1.661   -6.105  -1.839  1.00 16.74 ? 32  LEU A CD1 1 
ATOM   78  C  CD2 . LEU A 1 34  ? 3.584   -7.250  -0.571  1.00 19.02 ? 32  LEU A CD2 1 
ATOM   79  N  N   . GLU A 1 35  ? 1.800   -11.440 -3.496  1.00 18.04 ? 33  GLU A N   1 
ATOM   80  C  CA  . GLU A 1 35  ? 1.155   -12.764 -3.445  1.00 18.84 ? 33  GLU A CA  1 
ATOM   81  C  C   . GLU A 1 35  ? 2.143   -13.911 -3.187  1.00 18.29 ? 33  GLU A C   1 
ATOM   82  O  O   . GLU A 1 35  ? 1.867   -14.853 -2.412  1.00 18.35 ? 33  GLU A O   1 
ATOM   83  C  CB  . GLU A 1 35  ? 0.358   -13.016 -4.735  1.00 19.13 ? 33  GLU A CB  1 
ATOM   84  C  CG  . GLU A 1 35  ? -0.866  -12.130 -4.812  1.00 20.33 ? 33  GLU A CG  1 
ATOM   85  C  CD  . GLU A 1 35  ? -1.627  -12.320 -6.118  1.00 27.40 ? 33  GLU A CD  1 
ATOM   86  O  OE1 . GLU A 1 35  ? -0.989  -12.586 -7.142  1.00 32.26 ? 33  GLU A OE1 1 
ATOM   87  O  OE2 . GLU A 1 35  ? -2.861  -12.170 -6.147  1.00 30.68 ? 33  GLU A OE2 1 
ATOM   88  N  N   . ARG A 1 36  ? 3.311   -13.827 -3.793  1.00 17.86 ? 34  ARG A N   1 
ATOM   89  C  CA  . ARG A 1 36  ? 4.337   -14.835 -3.557  1.00 17.45 ? 34  ARG A CA  1 
ATOM   90  C  C   . ARG A 1 36  ? 4.812   -14.818 -2.082  1.00 18.05 ? 34  ARG A C   1 
ATOM   91  O  O   . ARG A 1 36  ? 5.299   -15.831 -1.570  1.00 16.76 ? 34  ARG A O   1 
ATOM   92  C  CB  . ARG A 1 36  ? 5.507   -14.586 -4.480  1.00 17.14 ? 34  ARG A CB  1 
ATOM   93  C  CG  . ARG A 1 36  ? 5.261   -14.876 -5.949  1.00 18.55 ? 34  ARG A CG  1 
ATOM   94  C  CD  . ARG A 1 36  ? 6.585   -14.946 -6.634  1.00 21.30 ? 34  ARG A CD  1 
ATOM   95  N  NE  . ARG A 1 36  ? 7.297   -13.673 -6.734  1.00 21.86 ? 34  ARG A NE  1 
ATOM   96  C  CZ  . ARG A 1 36  ? 7.043   -12.763 -7.687  1.00 26.32 ? 34  ARG A CZ  1 
ATOM   97  N  NH1 . ARG A 1 36  ? 6.074   -12.956 -8.570  1.00 26.73 ? 34  ARG A NH1 1 
ATOM   98  N  NH2 . ARG A 1 36  ? 7.742   -11.644 -7.744  1.00 28.10 ? 34  ARG A NH2 1 
ATOM   99  N  N   . GLN A 1 37  ? 4.708   -13.639 -1.441  1.00 17.47 ? 35  GLN A N   1 
ATOM   100 C  CA  . GLN A 1 37  ? 5.110   -13.442 -0.070  1.00 18.70 ? 35  GLN A CA  1 
ATOM   101 C  C   . GLN A 1 37  ? 3.956   -13.645 0.894   1.00 18.67 ? 35  GLN A C   1 
ATOM   102 O  O   . GLN A 1 37  ? 4.078   -13.340 2.063   1.00 19.21 ? 35  GLN A O   1 
ATOM   103 C  CB  . GLN A 1 37  ? 5.740   -12.053 0.146   1.00 18.17 ? 35  GLN A CB  1 
ATOM   104 C  CG  . GLN A 1 37  ? 6.974   -11.846 -0.684  1.00 17.78 ? 35  GLN A CG  1 
ATOM   105 C  CD  . GLN A 1 37  ? 7.933   -12.976 -0.485  1.00 18.37 ? 35  GLN A CD  1 
ATOM   106 O  OE1 . GLN A 1 37  ? 8.225   -13.358 0.672   1.00 16.93 ? 35  GLN A OE1 1 
ATOM   107 N  NE2 . GLN A 1 37  ? 8.443   -13.554 -1.603  1.00 18.12 ? 35  GLN A NE2 1 
ATOM   108 N  N   . GLY A 1 38  ? 2.856   -14.200 0.419   1.00 19.41 ? 36  GLY A N   1 
ATOM   109 C  CA  . GLY A 1 38  ? 1.793   -14.674 1.294   1.00 19.49 ? 36  GLY A CA  1 
ATOM   110 C  C   . GLY A 1 38  ? 0.645   -13.709 1.513   1.00 19.67 ? 36  GLY A C   1 
ATOM   111 O  O   . GLY A 1 38  ? -0.225  -13.942 2.373   1.00 20.35 ? 36  GLY A O   1 
ATOM   112 N  N   . TYR A 1 39  ? 0.647   -12.613 0.774   1.00 19.30 ? 37  TYR A N   1 
ATOM   113 C  CA  . TYR A 1 39  ? -0.446  -11.635 0.879   1.00 18.60 ? 37  TYR A CA  1 
ATOM   114 C  C   . TYR A 1 39  ? -1.557  -11.927 -0.091  1.00 19.03 ? 37  TYR A C   1 
ATOM   115 O  O   . TYR A 1 39  ? -1.333  -12.481 -1.168  1.00 17.95 ? 37  TYR A O   1 
ATOM   116 C  CB  . TYR A 1 39  ? 0.062   -10.226 0.583   1.00 18.48 ? 37  TYR A CB  1 
ATOM   117 C  CG  . TYR A 1 39  ? 0.987   -9.660  1.615   1.00 18.57 ? 37  TYR A CG  1 
ATOM   118 C  CD1 . TYR A 1 39  ? 2.340   -9.992  1.605   1.00 18.36 ? 37  TYR A CD1 1 
ATOM   119 C  CD2 . TYR A 1 39  ? 0.519   -8.774  2.589   1.00 19.89 ? 37  TYR A CD2 1 
ATOM   120 C  CE1 . TYR A 1 39  ? 3.197   -9.484  2.526   1.00 19.86 ? 37  TYR A CE1 1 
ATOM   121 C  CE2 . TYR A 1 39  ? 1.373   -8.236  3.532   1.00 20.09 ? 37  TYR A CE2 1 
ATOM   122 C  CZ  . TYR A 1 39  ? 2.726   -8.611  3.501   1.00 21.19 ? 37  TYR A CZ  1 
ATOM   123 O  OH  . TYR A 1 39  ? 3.622   -8.118  4.433   1.00 22.90 ? 37  TYR A OH  1 
ATOM   124 N  N   . ARG A 1 40  ? -2.759  -11.534 0.305   1.00 19.46 ? 38  ARG A N   1 
ATOM   125 C  CA  . ARG A 1 40  ? -3.907  -11.493 -0.565  1.00 21.19 ? 38  ARG A CA  1 
ATOM   126 C  C   . ARG A 1 40  ? -4.183  -10.053 -1.017  1.00 19.40 ? 38  ARG A C   1 
ATOM   127 O  O   . ARG A 1 40  ? -4.180  -9.127  -0.198  1.00 18.26 ? 38  ARG A O   1 
ATOM   128 C  CB  . ARG A 1 40  ? -5.136  -11.994 0.197   1.00 22.49 ? 38  ARG A CB  1 
ATOM   129 C  CG  . ARG A 1 40  ? -6.174  -12.643 -0.693  1.00 28.78 ? 38  ARG A CG  1 
ATOM   130 C  CD  . ARG A 1 40  ? -7.575  -12.496 -0.108  1.00 35.85 ? 38  ARG A CD  1 
ATOM   131 N  NE  . ARG A 1 40  ? -7.547  -12.708 1.330   1.00 41.02 ? 38  ARG A NE  1 
ATOM   132 C  CZ  . ARG A 1 40  ? -8.524  -12.365 2.165   1.00 47.12 ? 38  ARG A CZ  1 
ATOM   133 N  NH1 . ARG A 1 40  ? -8.356  -12.596 3.467   1.00 48.72 ? 38  ARG A NH1 1 
ATOM   134 N  NH2 . ARG A 1 40  ? -9.664  -11.806 1.718   1.00 48.69 ? 38  ARG A NH2 1 
ATOM   135 N  N   . ILE A 1 41  ? -4.429  -9.869  -2.312  1.00 17.55 ? 39  ILE A N   1 
ATOM   136 C  CA  . ILE A 1 41  ? -4.682  -8.517  -2.830  1.00 16.81 ? 39  ILE A CA  1 
ATOM   137 C  C   . ILE A 1 41  ? -6.164  -8.245  -2.701  1.00 17.45 ? 39  ILE A C   1 
ATOM   138 O  O   . ILE A 1 41  ? -6.998  -8.960  -3.235  1.00 17.19 ? 39  ILE A O   1 
ATOM   139 C  CB  . ILE A 1 41  ? -4.176  -8.302  -4.292  1.00 16.18 ? 39  ILE A CB  1 
ATOM   140 C  CG1 . ILE A 1 41  ? -2.699  -8.779  -4.454  1.00 14.86 ? 39  ILE A CG1 1 
ATOM   141 C  CG2 . ILE A 1 41  ? -4.334  -6.854  -4.692  1.00 16.20 ? 39  ILE A CG2 1 
ATOM   142 C  CD1 . ILE A 1 41  ? -1.633  -8.060  -3.667  1.00 16.00 ? 39  ILE A CD1 1 
ATOM   143 N  N   . LEU A 1 42  ? -6.490  -7.164  -2.009  1.00 18.62 ? 40  LEU A N   1 
ATOM   144 C  CA  . LEU A 1 42  ? -7.889  -6.780  -1.768  1.00 17.89 ? 40  LEU A CA  1 
ATOM   145 C  C   . LEU A 1 42  ? -8.386  -5.725  -2.756  1.00 18.82 ? 40  LEU A C   1 
ATOM   146 O  O   . LEU A 1 42  ? -9.573  -5.654  -3.078  1.00 19.58 ? 40  LEU A O   1 
ATOM   147 C  CB  . LEU A 1 42  ? -8.027  -6.307  -0.317  1.00 16.97 ? 40  LEU A CB  1 
ATOM   148 C  CG  . LEU A 1 42  ? -7.666  -7.269  0.807   1.00 17.94 ? 40  LEU A CG  1 
ATOM   149 C  CD1 . LEU A 1 42  ? -7.981  -6.653  2.221   1.00 13.63 ? 40  LEU A CD1 1 
ATOM   150 C  CD2 . LEU A 1 42  ? -8.390  -8.574  0.615   1.00 17.95 ? 40  LEU A CD2 1 
ATOM   151 N  N   . ALA A 1 43  ? -7.475  -4.881  -3.213  1.00 19.04 ? 41  ALA A N   1 
ATOM   152 C  CA  . ALA A 1 43  ? -7.788  -3.827  -4.160  1.00 18.90 ? 41  ALA A CA  1 
ATOM   153 C  C   . ALA A 1 43  ? -6.499  -3.417  -4.852  1.00 18.55 ? 41  ALA A C   1 
ATOM   154 O  O   . ALA A 1 43  ? -5.374  -3.519  -4.263  1.00 17.26 ? 41  ALA A O   1 
ATOM   155 C  CB  . ALA A 1 43  ? -8.440  -2.599  -3.437  1.00 19.30 ? 41  ALA A CB  1 
ATOM   156 N  N   . ARG A 1 44  ? -6.678  -3.022  -6.112  1.00 17.79 ? 42  ARG A N   1 
ATOM   157 C  CA  . ARG A 1 44  ? -5.646  -2.465  -6.984  1.00 18.44 ? 42  ARG A CA  1 
ATOM   158 C  C   . ARG A 1 44  ? -6.107  -1.118  -7.507  1.00 18.61 ? 42  ARG A C   1 
ATOM   159 O  O   . ARG A 1 44  ? -7.245  -0.981  -7.917  1.00 16.86 ? 42  ARG A O   1 
ATOM   160 C  CB  . ARG A 1 44  ? -5.454  -3.385  -8.177  1.00 19.37 ? 42  ARG A CB  1 
ATOM   161 C  CG  . ARG A 1 44  ? -5.083  -4.753  -7.779  1.00 21.54 ? 42  ARG A CG  1 
ATOM   162 C  CD  . ARG A 1 44  ? -5.016  -5.621  -8.990  1.00 24.95 ? 42  ARG A CD  1 
ATOM   163 N  NE  . ARG A 1 44  ? -4.814  -7.012  -8.588  1.00 26.23 ? 42  ARG A NE  1 
ATOM   164 C  CZ  . ARG A 1 44  ? -3.721  -7.732  -8.855  1.00 28.90 ? 42  ARG A CZ  1 
ATOM   165 N  NH1 . ARG A 1 44  ? -2.696  -7.233  -9.552  1.00 31.75 ? 42  ARG A NH1 1 
ATOM   166 N  NH2 . ARG A 1 44  ? -3.649  -8.976  -8.416  1.00 30.33 ? 42  ARG A NH2 1 
ATOM   167 N  N   . ARG A 1 45  ? -5.241  -0.106  -7.470  1.00 18.86 ? 43  ARG A N   1 
ATOM   168 C  CA  . ARG A 1 45  ? -5.623  1.233   -7.970  1.00 19.88 ? 43  ARG A CA  1 
ATOM   169 C  C   . ARG A 1 45  ? -6.919  1.732   -7.323  1.00 18.51 ? 43  ARG A C   1 
ATOM   170 O  O   . ARG A 1 45  ? -7.870  2.131   -8.016  1.00 15.75 ? 43  ARG A O   1 
ATOM   171 C  CB  . ARG A 1 45  ? -5.835  1.241   -9.490  1.00 21.77 ? 43  ARG A CB  1 
ATOM   172 C  CG  . ARG A 1 45  ? -4.619  0.922   -10.313 1.00 28.39 ? 43  ARG A CG  1 
ATOM   173 C  CD  . ARG A 1 45  ? -4.300  2.049   -11.303 1.00 33.58 ? 43  ARG A CD  1 
ATOM   174 N  NE  . ARG A 1 45  ? -5.402  2.476   -12.192 1.00 38.15 ? 43  ARG A NE  1 
ATOM   175 C  CZ  . ARG A 1 45  ? -5.490  2.197   -13.500 1.00 41.12 ? 43  ARG A CZ  1 
ATOM   176 N  NH1 . ARG A 1 45  ? -4.574  1.439   -14.111 1.00 42.12 ? 43  ARG A NH1 1 
ATOM   177 N  NH2 . ARG A 1 45  ? -6.508  2.679   -14.210 1.00 42.55 ? 43  ARG A NH2 1 
ATOM   178 N  N   . PHE A 1 46  ? -6.957  1.716   -5.999  1.00 17.77 ? 44  PHE A N   1 
ATOM   179 C  CA  . PHE A 1 46  ? -8.146  2.106   -5.283  1.00 17.55 ? 44  PHE A CA  1 
ATOM   180 C  C   . PHE A 1 46  ? -8.238  3.636   -5.315  1.00 17.61 ? 44  PHE A C   1 
ATOM   181 O  O   . PHE A 1 46  ? -7.276  4.339   -4.988  1.00 20.70 ? 44  PHE A O   1 
ATOM   182 C  CB  . PHE A 1 46  ? -8.156  1.562   -3.856  1.00 17.75 ? 44  PHE A CB  1 
ATOM   183 C  CG  . PHE A 1 46  ? -9.301  2.093   -3.013  1.00 20.33 ? 44  PHE A CG  1 
ATOM   184 C  CD1 . PHE A 1 46  ? -10.578 1.630   -3.176  1.00 20.35 ? 44  PHE A CD1 1 
ATOM   185 C  CD2 . PHE A 1 46  ? -9.076  3.080   -2.050  1.00 19.75 ? 44  PHE A CD2 1 
ATOM   186 C  CE1 . PHE A 1 46  ? -11.611 2.125   -2.393  1.00 21.57 ? 44  PHE A CE1 1 
ATOM   187 C  CE2 . PHE A 1 46  ? -10.122 3.595   -1.296  1.00 24.78 ? 44  PHE A CE2 1 
ATOM   188 C  CZ  . PHE A 1 46  ? -11.376 3.125   -1.469  1.00 22.68 ? 44  PHE A CZ  1 
ATOM   189 N  N   . LYS A 1 47  ? -9.386  4.143   -5.741  1.00 17.64 ? 45  LYS A N   1 
ATOM   190 C  CA  . LYS A 1 47  ? -9.610  5.586   -5.914  1.00 17.41 ? 45  LYS A CA  1 
ATOM   191 C  C   . LYS A 1 47  ? -10.699 6.017   -4.980  1.00 16.82 ? 45  LYS A C   1 
ATOM   192 O  O   . LYS A 1 47  ? -11.703 5.307   -4.821  1.00 15.14 ? 45  LYS A O   1 
ATOM   193 C  CB  . LYS A 1 47  ? -10.146 5.888   -7.336  1.00 19.14 ? 45  LYS A CB  1 
ATOM   194 C  CG  . LYS A 1 47  ? -9.306  5.354   -8.473  1.00 21.93 ? 45  LYS A CG  1 
ATOM   195 C  CD  . LYS A 1 47  ? -7.850  5.742   -8.321  1.00 28.53 ? 45  LYS A CD  1 
ATOM   196 C  CE  . LYS A 1 47  ? -7.005  5.339   -9.571  1.00 32.20 ? 45  LYS A CE  1 
ATOM   197 N  NZ  . LYS A 1 47  ? -5.605  5.879   -9.496  1.00 33.41 ? 45  LYS A NZ  1 
ATOM   198 N  N   . THR A 1 48  ? -10.484 7.187   -4.373  1.00 16.19 ? 46  THR A N   1 
ATOM   199 C  CA  . THR A 1 48  ? -11.495 7.916   -3.641  1.00 17.59 ? 46  THR A CA  1 
ATOM   200 C  C   . THR A 1 48  ? -11.353 9.417   -3.995  1.00 17.26 ? 46  THR A C   1 
ATOM   201 O  O   . THR A 1 48  ? -10.374 9.828   -4.626  1.00 15.06 ? 46  THR A O   1 
ATOM   202 C  CB  . THR A 1 48  ? -11.395 7.629   -2.123  1.00 17.55 ? 46  THR A CB  1 
ATOM   203 O  OG1 . THR A 1 48  ? -12.566 8.151   -1.486  1.00 25.25 ? 46  THR A OG1 1 
ATOM   204 C  CG2 . THR A 1 48  ? -10.181 8.280   -1.517  1.00 16.34 ? 46  THR A CG2 1 
ATOM   205 N  N   . ARG A 1 49  ? -12.319 10.241  -3.586  1.00 17.79 ? 47  ARG A N   1 
ATOM   206 C  CA  . ARG A 1 49  ? -12.248 11.690  -3.918  1.00 17.90 ? 47  ARG A CA  1 
ATOM   207 C  C   . ARG A 1 49  ? -10.960 12.342  -3.439  1.00 17.45 ? 47  ARG A C   1 
ATOM   208 O  O   . ARG A 1 49  ? -10.336 13.169  -4.164  1.00 17.45 ? 47  ARG A O   1 
ATOM   209 C  CB  . ARG A 1 49  ? -13.486 12.426  -3.379  1.00 18.13 ? 47  ARG A CB  1 
ATOM   210 C  CG  . ARG A 1 49  ? -13.427 13.961  -3.560  1.00 23.25 ? 47  ARG A CG  1 
ATOM   211 C  CD  . ARG A 1 49  ? -13.424 14.382  -5.048  1.00 27.91 ? 47  ARG A CD  1 
ATOM   212 N  NE  . ARG A 1 49  ? -13.394 15.848  -5.170  1.00 30.92 ? 47  ARG A NE  1 
ATOM   213 C  CZ  . ARG A 1 49  ? -12.289 16.596  -5.025  1.00 32.74 ? 47  ARG A CZ  1 
ATOM   214 N  NH1 . ARG A 1 49  ? -11.094 16.036  -4.788  1.00 33.09 ? 47  ARG A NH1 1 
ATOM   215 N  NH2 . ARG A 1 49  ? -12.370 17.915  -5.125  1.00 32.95 ? 47  ARG A NH2 1 
ATOM   216 N  N   . CYS A 1 50  ? -10.483 11.927  -2.260  1.00 16.86 ? 48  CYS A N   1 
ATOM   217 C  CA  . CYS A 1 50  ? -9.333  12.586  -1.648  1.00 15.64 ? 48  CYS A CA  1 
ATOM   218 C  C   . CYS A 1 50  ? -7.965  11.868  -1.681  1.00 16.03 ? 48  CYS A C   1 
ATOM   219 O  O   . CYS A 1 50  ? -6.952  12.376  -1.129  1.00 15.33 ? 48  CYS A O   1 
ATOM   220 C  CB  . CYS A 1 50  ? -9.744  13.030  -0.232  1.00 15.89 ? 48  CYS A CB  1 
ATOM   221 S  SG  . CYS A 1 50  ? -11.104 14.241  -0.287  1.00 15.72 ? 48  CYS A SG  1 
ATOM   222 N  N   . GLY A 1 51  ? -7.904  10.751  -2.387  1.00 15.09 ? 49  GLY A N   1 
ATOM   223 C  CA  . GLY A 1 51  ? -6.647  10.016  -2.466  1.00 14.43 ? 49  GLY A CA  1 
ATOM   224 C  C   . GLY A 1 51  ? -6.745  8.746   -3.243  1.00 14.33 ? 49  GLY A C   1 
ATOM   225 O  O   . GLY A 1 51  ? -7.771  8.453   -3.873  1.00 16.23 ? 49  GLY A O   1 
ATOM   226 N  N   . GLU A 1 52  ? -5.673  7.965   -3.203  1.00 14.09 ? 50  GLU A N   1 
ATOM   227 C  CA  . GLU A 1 52  ? -5.677  6.713   -3.905  1.00 15.60 ? 50  GLU A CA  1 
ATOM   228 C  C   . GLU A 1 52  ? -4.612  5.820   -3.284  1.00 14.98 ? 50  GLU A C   1 
ATOM   229 O  O   . GLU A 1 52  ? -3.731  6.298   -2.611  1.00 14.67 ? 50  GLU A O   1 
ATOM   230 C  CB  . GLU A 1 52  ? -5.411  6.945   -5.407  1.00 16.57 ? 50  GLU A CB  1 
ATOM   231 C  CG  . GLU A 1 52  ? -4.162  7.826   -5.750  1.00 20.26 ? 50  GLU A CG  1 
ATOM   232 C  CD  . GLU A 1 52  ? -4.307  9.328   -5.437  1.00 20.76 ? 50  GLU A CD  1 
ATOM   233 O  OE1 . GLU A 1 52  ? -5.321  9.953   -5.852  1.00 22.22 ? 50  GLU A OE1 1 
ATOM   234 O  OE2 . GLU A 1 52  ? -3.374  9.889   -4.775  1.00 23.94 ? 50  GLU A OE2 1 
ATOM   235 N  N   . ILE A 1 53  ? -4.735  4.523   -3.513  1.00 16.25 ? 51  ILE A N   1 
ATOM   236 C  CA  . ILE A 1 53  ? -3.826  3.515   -2.954  1.00 15.97 ? 51  ILE A CA  1 
ATOM   237 C  C   . ILE A 1 53  ? -3.550  2.568   -4.091  1.00 15.23 ? 51  ILE A C   1 
ATOM   238 O  O   . ILE A 1 53  ? -4.502  2.028   -4.721  1.00 16.12 ? 51  ILE A O   1 
ATOM   239 C  CB  . ILE A 1 53  ? -4.420  2.703   -1.774  1.00 16.57 ? 51  ILE A CB  1 
ATOM   240 C  CG1 . ILE A 1 53  ? -5.184  3.600   -0.793  1.00 20.90 ? 51  ILE A CG1 1 
ATOM   241 C  CG2 . ILE A 1 53  ? -3.272  1.959   -1.014  1.00 15.99 ? 51  ILE A CG2 1 
ATOM   242 C  CD1 . ILE A 1 53  ? -6.112  2.842   0.173   1.00 20.52 ? 51  ILE A CD1 1 
ATOM   243 N  N   . ASP A 1 54  ? -2.273  2.320   -4.364  1.00 15.19 ? 52  ASP A N   1 
ATOM   244 C  CA  . ASP A 1 54  ? -1.942  1.456   -5.492  1.00 15.77 ? 52  ASP A CA  1 
ATOM   245 C  C   . ASP A 1 54  ? -2.340  -0.004  -5.218  1.00 15.64 ? 52  ASP A C   1 
ATOM   246 O  O   . ASP A 1 54  ? -2.893  -0.688  -6.083  1.00 16.57 ? 52  ASP A O   1 
ATOM   247 C  CB  . ASP A 1 54  ? -0.447  1.501   -5.795  1.00 16.04 ? 52  ASP A CB  1 
ATOM   248 C  CG  . ASP A 1 54  ? -0.008  2.801   -6.476  1.00 19.01 ? 52  ASP A CG  1 
ATOM   249 O  OD1 . ASP A 1 54  ? -0.737  3.296   -7.340  1.00 20.85 ? 52  ASP A OD1 1 
ATOM   250 O  OD2 . ASP A 1 54  ? 1.101   3.282   -6.149  1.00 20.54 ? 52  ASP A OD2 1 
ATOM   251 N  N   . LEU A 1 55  ? -2.022  -0.490  -4.032  1.00 15.35 ? 53  LEU A N   1 
ATOM   252 C  CA  . LEU A 1 55  ? -2.455  -1.811  -3.634  1.00 14.73 ? 53  LEU A CA  1 
ATOM   253 C  C   . LEU A 1 55  ? -2.917  -1.807  -2.181  1.00 14.41 ? 53  LEU A C   1 
ATOM   254 O  O   . LEU A 1 55  ? -2.311  -1.199  -1.317  1.00 15.82 ? 53  LEU A O   1 
ATOM   255 C  CB  . LEU A 1 55  ? -1.305  -2.828  -3.842  1.00 13.81 ? 53  LEU A CB  1 
ATOM   256 C  CG  . LEU A 1 55  ? -0.704  -3.023  -5.235  1.00 15.56 ? 53  LEU A CG  1 
ATOM   257 C  CD1 . LEU A 1 55  ? 0.669   -3.823  -5.127  1.00 18.26 ? 53  LEU A CD1 1 
ATOM   258 C  CD2 . LEU A 1 55  ? -1.721  -3.753  -6.127  1.00 13.42 ? 53  LEU A CD2 1 
ATOM   259 N  N   . VAL A 1 56  ? -4.007  -2.521  -1.929  1.00 15.74 ? 54  VAL A N   1 
ATOM   260 C  CA  . VAL A 1 56  ? -4.437  -2.911  -0.589  1.00 15.40 ? 54  VAL A CA  1 
ATOM   261 C  C   . VAL A 1 56  ? -4.247  -4.436  -0.468  1.00 16.83 ? 54  VAL A C   1 
ATOM   262 O  O   . VAL A 1 56  ? -4.761  -5.212  -1.282  1.00 17.02 ? 54  VAL A O   1 
ATOM   263 C  CB  . VAL A 1 56  ? -5.890  -2.560  -0.291  1.00 15.29 ? 54  VAL A CB  1 
ATOM   264 C  CG1 . VAL A 1 56  ? -6.175  -2.877  1.185   1.00 15.29 ? 54  VAL A CG1 1 
ATOM   265 C  CG2 . VAL A 1 56  ? -6.182  -1.002  -0.630  1.00 15.90 ? 54  VAL A CG2 1 
ATOM   266 N  N   . ALA A 1 57  ? -3.462  -4.840  0.515   1.00 17.10 ? 55  ALA A N   1 
ATOM   267 C  CA  . ALA A 1 57  ? -3.074  -6.221  0.659   1.00 18.17 ? 55  ALA A CA  1 
ATOM   268 C  C   . ALA A 1 57  ? -3.297  -6.642  2.083   1.00 19.77 ? 55  ALA A C   1 
ATOM   269 O  O   . ALA A 1 57  ? -3.194  -5.811  3.033   1.00 21.55 ? 55  ALA A O   1 
ATOM   270 C  CB  . ALA A 1 57  ? -1.601  -6.356  0.315   1.00 17.67 ? 55  ALA A CB  1 
ATOM   271 N  N   . GLN A 1 58  ? -3.560  -7.932  2.253   1.00 20.66 ? 56  GLN A N   1 
ATOM   272 C  CA  . GLN A 1 58  ? -3.780  -8.483  3.590   1.00 21.95 ? 56  GLN A CA  1 
ATOM   273 C  C   . GLN A 1 58  ? -2.984  -9.744  3.858   1.00 22.50 ? 56  GLN A C   1 
ATOM   274 O  O   . GLN A 1 58  ? -2.895  -10.625 3.003   1.00 21.25 ? 56  GLN A O   1 
ATOM   275 C  CB  . GLN A 1 58  ? -5.252  -8.795  3.777   1.00 22.08 ? 56  GLN A CB  1 
ATOM   276 C  CG  . GLN A 1 58  ? -5.600  -9.259  5.175   1.00 25.33 ? 56  GLN A CG  1 
ATOM   277 C  CD  . GLN A 1 58  ? -6.908  -9.957  5.232   1.00 29.27 ? 56  GLN A CD  1 
ATOM   278 O  OE1 . GLN A 1 58  ? -7.793  -9.718  4.408   1.00 32.35 ? 56  GLN A OE1 1 
ATOM   279 N  NE2 . GLN A 1 58  ? -7.063  -10.831 6.223   1.00 30.32 ? 56  GLN A NE2 1 
ATOM   280 N  N   . ARG A 1 59  ? -2.437  -9.839  5.068   1.00 24.43 ? 57  ARG A N   1 
ATOM   281 C  CA  . ARG A 1 59  ? -1.876  -11.088 5.561   1.00 26.28 ? 57  ARG A CA  1 
ATOM   282 C  C   . ARG A 1 59  ? -2.164  -11.236 7.053   1.00 27.45 ? 57  ARG A C   1 
ATOM   283 O  O   . ARG A 1 59  ? -1.714  -10.423 7.875   1.00 26.45 ? 57  ARG A O   1 
ATOM   284 C  CB  . ARG A 1 59  ? -0.388  -11.139 5.284   1.00 27.24 ? 57  ARG A CB  1 
ATOM   285 C  CG  . ARG A 1 59  ? 0.217   -12.517 5.468   1.00 29.97 ? 57  ARG A CG  1 
ATOM   286 C  CD  . ARG A 1 59  ? 1.612   -12.596 4.879   1.00 33.85 ? 57  ARG A CD  1 
ATOM   287 N  NE  . ARG A 1 59  ? 2.541   -11.781 5.652   1.00 37.11 ? 57  ARG A NE  1 
ATOM   288 C  CZ  . ARG A 1 59  ? 3.861   -11.716 5.455   1.00 40.00 ? 57  ARG A CZ  1 
ATOM   289 N  NH1 . ARG A 1 59  ? 4.465   -12.445 4.504   1.00 41.44 ? 57  ARG A NH1 1 
ATOM   290 N  NH2 . ARG A 1 59  ? 4.594   -10.917 6.236   1.00 40.68 ? 57  ARG A NH2 1 
ATOM   291 N  N   . ASP A 1 60  ? -2.945  -12.261 7.401   1.00 28.94 ? 58  ASP A N   1 
ATOM   292 C  CA  . ASP A 1 60  ? -3.317  -12.492 8.787   1.00 30.04 ? 58  ASP A CA  1 
ATOM   293 C  C   . ASP A 1 60  ? -4.260  -11.353 9.239   1.00 29.10 ? 58  ASP A C   1 
ATOM   294 O  O   . ASP A 1 60  ? -5.192  -11.009 8.496   1.00 30.34 ? 58  ASP A O   1 
ATOM   295 C  CB  . ASP A 1 60  ? -2.060  -12.646 9.685   1.00 31.61 ? 58  ASP A CB  1 
ATOM   296 C  CG  . ASP A 1 60  ? -1.045  -13.723 9.169   1.00 35.07 ? 58  ASP A CG  1 
ATOM   297 O  OD1 . ASP A 1 60  ? -1.441  -14.891 8.871   1.00 39.94 ? 58  ASP A OD1 1 
ATOM   298 O  OD2 . ASP A 1 60  ? 0.177   -13.401 9.109   1.00 39.69 ? 58  ASP A OD2 1 
ATOM   299 N  N   . ALA A 1 61  ? -4.036  -10.763 10.417  1.00 27.60 ? 59  ALA A N   1 
ATOM   300 C  CA  . ALA A 1 61  ? -4.863  -9.644  10.912  1.00 26.43 ? 59  ALA A CA  1 
ATOM   301 C  C   . ALA A 1 61  ? -4.315  -8.250  10.466  1.00 25.23 ? 59  ALA A C   1 
ATOM   302 O  O   . ALA A 1 61  ? -4.613  -7.202  11.103  1.00 25.97 ? 59  ALA A O   1 
ATOM   303 C  CB  . ALA A 1 61  ? -4.954  -9.691  12.440  1.00 26.11 ? 59  ALA A CB  1 
ATOM   304 N  N   . LEU A 1 62  ? -3.481  -8.257  9.433   1.00 23.12 ? 60  LEU A N   1 
ATOM   305 C  CA  . LEU A 1 62  ? -2.755  -7.054  9.042   1.00 21.44 ? 60  LEU A CA  1 
ATOM   306 C  C   . LEU A 1 62  ? -3.226  -6.594  7.680   1.00 20.17 ? 60  LEU A C   1 
ATOM   307 O  O   . LEU A 1 62  ? -3.266  -7.388  6.755   1.00 19.94 ? 60  LEU A O   1 
ATOM   308 C  CB  . LEU A 1 62  ? -1.253  -7.305  9.046   1.00 20.81 ? 60  LEU A CB  1 
ATOM   309 C  CG  . LEU A 1 62  ? -0.456  -6.012  8.764   1.00 21.26 ? 60  LEU A CG  1 
ATOM   310 C  CD1 . LEU A 1 62  ? 0.782   -5.900  9.632   1.00 23.16 ? 60  LEU A CD1 1 
ATOM   311 C  CD2 . LEU A 1 62  ? -0.109  -5.952  7.277   1.00 21.15 ? 60  LEU A CD2 1 
ATOM   312 N  N   . VAL A 1 63  ? -3.606  -5.307  7.573   1.00 19.37 ? 61  VAL A N   1 
ATOM   313 C  CA  . VAL A 1 63  ? -3.881  -4.683  6.262   1.00 18.07 ? 61  VAL A CA  1 
ATOM   314 C  C   . VAL A 1 63  ? -2.779  -3.683  5.939   1.00 17.26 ? 61  VAL A C   1 
ATOM   315 O  O   . VAL A 1 63  ? -2.398  -2.815  6.762   1.00 17.45 ? 61  VAL A O   1 
ATOM   316 C  CB  . VAL A 1 63  ? -5.298  -4.020  6.175   1.00 18.66 ? 61  VAL A CB  1 
ATOM   317 C  CG1 . VAL A 1 63  ? -5.566  -3.418  4.779   1.00 14.63 ? 61  VAL A CG1 1 
ATOM   318 C  CG2 . VAL A 1 63  ? -6.355  -5.015  6.544   1.00 17.78 ? 61  VAL A CG2 1 
ATOM   319 N  N   . ALA A 1 64  ? -2.232  -3.863  4.741   1.00 17.05 ? 62  ALA A N   1 
ATOM   320 C  CA  . ALA A 1 64  ? -1.144  -3.041  4.234   1.00 16.37 ? 62  ALA A CA  1 
ATOM   321 C  C   . ALA A 1 64  ? -1.649  -2.179  3.073   1.00 15.81 ? 62  ALA A C   1 
ATOM   322 O  O   . ALA A 1 64  ? -2.248  -2.649  2.140   1.00 17.24 ? 62  ALA A O   1 
ATOM   323 C  CB  . ALA A 1 64  ? 0.052   -3.937  3.794   1.00 16.69 ? 62  ALA A CB  1 
ATOM   324 N  N   . PHE A 1 65  ? -1.392  -0.888  3.164   1.00 15.59 ? 63  PHE A N   1 
ATOM   325 C  CA  . PHE A 1 65  ? -1.757  0.052   2.137   1.00 15.59 ? 63  PHE A CA  1 
ATOM   326 C  C   . PHE A 1 65  ? -0.445  0.413   1.485   1.00 15.00 ? 63  PHE A C   1 
ATOM   327 O  O   . PHE A 1 65  ? 0.414   1.025   2.131   1.00 13.66 ? 63  PHE A O   1 
ATOM   328 C  CB  . PHE A 1 65  ? -2.356  1.283   2.790   1.00 14.67 ? 63  PHE A CB  1 
ATOM   329 C  CG  . PHE A 1 65  ? -3.600  0.990   3.556   1.00 15.54 ? 63  PHE A CG  1 
ATOM   330 C  CD1 . PHE A 1 65  ? -4.769  0.662   2.865   1.00 15.12 ? 63  PHE A CD1 1 
ATOM   331 C  CD2 . PHE A 1 65  ? -3.618  1.035   4.953   1.00 15.20 ? 63  PHE A CD2 1 
ATOM   332 C  CE1 . PHE A 1 65  ? -5.927  0.396   3.540   1.00 14.24 ? 63  PHE A CE1 1 
ATOM   333 C  CE2 . PHE A 1 65  ? -4.797  0.750   5.647   1.00 16.01 ? 63  PHE A CE2 1 
ATOM   334 C  CZ  . PHE A 1 65  ? -5.934  0.434   4.944   1.00 15.38 ? 63  PHE A CZ  1 
ATOM   335 N  N   . VAL A 1 66  ? -0.336  0.082   0.207   1.00 14.74 ? 64  VAL A N   1 
ATOM   336 C  CA  . VAL A 1 66  ? 0.962   -0.009  -0.465  1.00 14.82 ? 64  VAL A CA  1 
ATOM   337 C  C   . VAL A 1 66  ? 1.043   0.997   -1.631  1.00 15.22 ? 64  VAL A C   1 
ATOM   338 O  O   . VAL A 1 66  ? 0.169   1.027   -2.528  1.00 15.49 ? 64  VAL A O   1 
ATOM   339 C  CB  . VAL A 1 66  ? 1.247   -1.437  -1.010  1.00 15.13 ? 64  VAL A CB  1 
ATOM   340 C  CG1 . VAL A 1 66  ? 2.710   -1.519  -1.698  1.00 15.10 ? 64  VAL A CG1 1 
ATOM   341 C  CG2 . VAL A 1 66  ? 1.050   -2.479  0.078   1.00 15.62 ? 64  VAL A CG2 1 
ATOM   342 N  N   . GLU A 1 67  ? 2.067   1.848   -1.563  1.00 15.64 ? 65  GLU A N   1 
ATOM   343 C  CA  A GLU A 1 67  ? 2.429   2.748   -2.677  0.50 16.02 ? 65  GLU A CA  1 
ATOM   344 C  CA  B GLU A 1 67  ? 2.434   2.741   -2.666  0.50 15.74 ? 65  GLU A CA  1 
ATOM   345 C  C   . GLU A 1 67  ? 3.505   2.063   -3.518  1.00 15.96 ? 65  GLU A C   1 
ATOM   346 O  O   . GLU A 1 67  ? 4.556   1.657   -2.998  1.00 15.07 ? 65  GLU A O   1 
ATOM   347 C  CB  A GLU A 1 67  ? 2.918   4.110   -2.163  0.50 16.43 ? 65  GLU A CB  1 
ATOM   348 C  CB  B GLU A 1 67  ? 2.975   4.066   -2.140  0.50 15.89 ? 65  GLU A CB  1 
ATOM   349 C  CG  A GLU A 1 67  ? 3.838   4.914   -3.110  0.50 18.29 ? 65  GLU A CG  1 
ATOM   350 C  CG  B GLU A 1 67  ? 2.989   5.158   -3.185  0.50 16.70 ? 65  GLU A CG  1 
ATOM   351 C  CD  A GLU A 1 67  ? 3.131   6.003   -3.922  0.50 22.15 ? 65  GLU A CD  1 
ATOM   352 C  CD  B GLU A 1 67  ? 4.101   6.176   -2.978  0.50 18.08 ? 65  GLU A CD  1 
ATOM   353 O  OE1 A GLU A 1 67  ? 3.210   7.192   -3.544  0.50 21.06 ? 65  GLU A OE1 1 
ATOM   354 O  OE1 B GLU A 1 67  ? 4.621   6.261   -1.847  0.50 19.06 ? 65  GLU A OE1 1 
ATOM   355 O  OE2 A GLU A 1 67  ? 2.513   5.683   -4.958  0.50 25.36 ? 65  GLU A OE2 1 
ATOM   356 O  OE2 B GLU A 1 67  ? 4.444   6.883   -3.950  0.50 20.19 ? 65  GLU A OE2 1 
ATOM   357 N  N   . VAL A 1 68  ? 3.256   1.970   -4.824  1.00 16.48 ? 66  VAL A N   1 
ATOM   358 C  CA  . VAL A 1 68  ? 4.222   1.397   -5.756  1.00 16.68 ? 66  VAL A CA  1 
ATOM   359 C  C   . VAL A 1 68  ? 4.942   2.535   -6.476  1.00 17.97 ? 66  VAL A C   1 
ATOM   360 O  O   . VAL A 1 68  ? 4.299   3.395   -7.058  1.00 16.57 ? 66  VAL A O   1 
ATOM   361 C  CB  . VAL A 1 68  ? 3.543   0.482   -6.774  1.00 16.98 ? 66  VAL A CB  1 
ATOM   362 C  CG1 . VAL A 1 68  ? 4.602   -0.143  -7.733  1.00 17.45 ? 66  VAL A CG1 1 
ATOM   363 C  CG2 . VAL A 1 68  ? 2.758   -0.592  -6.072  1.00 15.84 ? 66  VAL A CG2 1 
ATOM   364 N  N   . LYS A 1 69  ? 6.275   2.512   -6.432  1.00 19.36 ? 67  LYS A N   1 
ATOM   365 C  CA  . LYS A 1 69  ? 7.146   3.592   -6.930  1.00 22.20 ? 67  LYS A CA  1 
ATOM   366 C  C   . LYS A 1 69  ? 8.258   2.988   -7.819  1.00 23.39 ? 67  LYS A C   1 
ATOM   367 O  O   . LYS A 1 69  ? 8.884   1.985   -7.451  1.00 22.34 ? 67  LYS A O   1 
ATOM   368 C  CB  . LYS A 1 69  ? 7.792   4.281   -5.695  1.00 22.68 ? 67  LYS A CB  1 
ATOM   369 C  CG  . LYS A 1 69  ? 8.360   5.723   -5.855  1.00 26.36 ? 67  LYS A CG  1 
ATOM   370 C  CD  . LYS A 1 69  ? 7.498   6.802   -5.088  1.00 28.82 ? 67  LYS A CD  1 
ATOM   371 C  CE  . LYS A 1 69  ? 8.311   8.073   -4.684  1.00 30.04 ? 67  LYS A CE  1 
ATOM   372 N  NZ  . LYS A 1 69  ? 8.403   9.269   -5.646  1.00 31.04 ? 67  LYS A NZ  1 
ATOM   373 N  N   . ALA A 1 70  ? 8.527   3.598   -8.972  1.00 25.75 ? 68  ALA A N   1 
ATOM   374 C  CA  . ALA A 1 70  ? 9.767   3.287   -9.717  1.00 27.82 ? 68  ALA A CA  1 
ATOM   375 C  C   . ALA A 1 70  ? 11.023  3.690   -8.897  1.00 29.30 ? 68  ALA A C   1 
ATOM   376 O  O   . ALA A 1 70  ? 11.156  4.845   -8.487  1.00 30.31 ? 68  ALA A O   1 
ATOM   377 C  CB  . ALA A 1 70  ? 9.767   3.974   -11.091 1.00 27.78 ? 68  ALA A CB  1 
ATOM   378 N  N   . ARG A 1 71  ? 11.930  2.744   -8.649  1.00 30.70 ? 69  ARG A N   1 
ATOM   379 C  CA  . ARG A 1 71  ? 13.097  2.994   -7.792  1.00 31.63 ? 69  ARG A CA  1 
ATOM   380 C  C   . ARG A 1 71  ? 13.975  4.101   -8.380  1.00 31.56 ? 69  ARG A C   1 
ATOM   381 O  O   . ARG A 1 71  ? 14.362  4.046   -9.559  1.00 32.64 ? 69  ARG A O   1 
ATOM   382 C  CB  . ARG A 1 71  ? 13.899  1.697   -7.603  1.00 32.04 ? 69  ARG A CB  1 
ATOM   383 C  CG  . ARG A 1 71  ? 15.258  1.831   -6.883  1.00 33.85 ? 69  ARG A CG  1 
ATOM   384 C  CD  . ARG A 1 71  ? 15.181  1.763   -5.352  1.00 36.17 ? 69  ARG A CD  1 
ATOM   385 N  NE  . ARG A 1 71  ? 16.232  2.575   -4.706  1.00 38.77 ? 69  ARG A NE  1 
ATOM   386 C  CZ  . ARG A 1 71  ? 16.611  2.487   -3.423  1.00 40.89 ? 69  ARG A CZ  1 
ATOM   387 N  NH1 . ARG A 1 71  ? 16.040  1.603   -2.597  1.00 41.73 ? 69  ARG A NH1 1 
ATOM   388 N  NH2 . ARG A 1 71  ? 17.588  3.283   -2.960  1.00 41.59 ? 69  ARG A NH2 1 
ATOM   389 N  N   . ALA A 1 78  ? 18.066  6.436   0.395   1.00 46.47 ? 76  ALA A N   1 
ATOM   390 C  CA  . ALA A 1 78  ? 17.243  5.436   1.074   1.00 46.62 ? 76  ALA A CA  1 
ATOM   391 C  C   . ALA A 1 78  ? 15.818  5.444   0.470   1.00 46.50 ? 76  ALA A C   1 
ATOM   392 O  O   . ALA A 1 78  ? 15.659  5.065   -0.697  1.00 46.94 ? 76  ALA A O   1 
ATOM   393 C  CB  . ALA A 1 78  ? 17.235  5.687   2.594   1.00 46.56 ? 76  ALA A CB  1 
ATOM   394 N  N   . TYR A 1 79  ? 14.794  5.845   1.234   1.00 45.77 ? 77  TYR A N   1 
ATOM   395 C  CA  . TYR A 1 79  ? 13.468  6.145   0.635   1.00 45.30 ? 77  TYR A CA  1 
ATOM   396 C  C   . TYR A 1 79  ? 12.448  6.774   1.603   1.00 44.38 ? 77  TYR A C   1 
ATOM   397 O  O   . TYR A 1 79  ? 12.268  6.308   2.739   1.00 44.82 ? 77  TYR A O   1 
ATOM   398 C  CB  . TYR A 1 79  ? 12.793  4.938   -0.066  1.00 45.57 ? 77  TYR A CB  1 
ATOM   399 C  CG  . TYR A 1 79  ? 11.416  5.349   -0.570  1.00 45.78 ? 77  TYR A CG  1 
ATOM   400 C  CD1 . TYR A 1 79  ? 10.264  5.067   0.163   1.00 45.78 ? 77  TYR A CD1 1 
ATOM   401 C  CD2 . TYR A 1 79  ? 11.284  6.123   -1.719  1.00 45.87 ? 77  TYR A CD2 1 
ATOM   402 C  CE1 . TYR A 1 79  ? 9.019   5.488   -0.265  1.00 46.31 ? 77  TYR A CE1 1 
ATOM   403 C  CE2 . TYR A 1 79  ? 10.047  6.555   -2.151  1.00 46.45 ? 77  TYR A CE2 1 
ATOM   404 C  CZ  . TYR A 1 79  ? 8.905   6.238   -1.426  1.00 46.80 ? 77  TYR A CZ  1 
ATOM   405 O  OH  . TYR A 1 79  ? 7.669   6.681   -1.860  1.00 44.80 ? 77  TYR A OH  1 
ATOM   406 N  N   . ALA A 1 80  ? 11.748  7.798   1.092   1.00 43.14 ? 78  ALA A N   1 
ATOM   407 C  CA  . ALA A 1 80  ? 10.936  8.691   1.895   1.00 41.73 ? 78  ALA A CA  1 
ATOM   408 C  C   . ALA A 1 80  ? 9.687   9.116   1.117   1.00 40.52 ? 78  ALA A C   1 
ATOM   409 O  O   . ALA A 1 80  ? 9.780   9.645   -0.006  1.00 40.45 ? 78  ALA A O   1 
ATOM   410 C  CB  . ALA A 1 80  ? 11.767  9.916   2.294   1.00 41.84 ? 78  ALA A CB  1 
ATOM   411 N  N   . VAL A 1 81  ? 8.522   8.871   1.723   1.00 38.82 ? 79  VAL A N   1 
ATOM   412 C  CA  . VAL A 1 81  ? 7.234   9.213   1.116   1.00 37.08 ? 79  VAL A CA  1 
ATOM   413 C  C   . VAL A 1 81  ? 6.912   10.681  1.364   1.00 35.59 ? 79  VAL A C   1 
ATOM   414 O  O   . VAL A 1 81  ? 7.025   11.198  2.490   1.00 35.13 ? 79  VAL A O   1 
ATOM   415 C  CB  . VAL A 1 81  ? 6.092   8.329   1.669   1.00 37.43 ? 79  VAL A CB  1 
ATOM   416 C  CG1 . VAL A 1 81  ? 5.967   8.526   3.176   1.00 37.36 ? 79  VAL A CG1 1 
ATOM   417 C  CG2 . VAL A 1 81  ? 4.733   8.572   0.904   1.00 36.71 ? 79  VAL A CG2 1 
ATOM   418 N  N   . THR A 1 82  ? 6.475   11.338  0.294   1.00 34.12 ? 80  THR A N   1 
ATOM   419 C  CA  . THR A 1 82  ? 6.261   12.776  0.299   1.00 32.36 ? 80  THR A CA  1 
ATOM   420 C  C   . THR A 1 82  ? 5.086   13.071  1.196   1.00 31.25 ? 80  THR A C   1 
ATOM   421 O  O   . THR A 1 82  ? 4.173   12.263  1.277   1.00 31.04 ? 80  THR A O   1 
ATOM   422 C  CB  . THR A 1 82  ? 5.973   13.277  -1.127  1.00 32.55 ? 80  THR A CB  1 
ATOM   423 O  OG1 . THR A 1 82  ? 4.749   12.724  -1.617  1.00 30.88 ? 80  THR A OG1 1 
ATOM   424 C  CG2 . THR A 1 82  ? 7.098   12.852  -2.077  1.00 33.04 ? 80  THR A CG2 1 
ATOM   425 N  N   . PRO A 1 83  ? 5.129   14.190  1.923   1.00 29.49 ? 81  PRO A N   1 
ATOM   426 C  CA  . PRO A 1 83  ? 3.964   14.586  2.707   1.00 28.23 ? 81  PRO A CA  1 
ATOM   427 C  C   . PRO A 1 83  ? 2.652   14.593  1.896   1.00 25.90 ? 81  PRO A C   1 
ATOM   428 O  O   . PRO A 1 83  ? 1.626   14.182  2.425   1.00 24.36 ? 81  PRO A O   1 
ATOM   429 C  CB  . PRO A 1 83  ? 4.348   15.974  3.200   1.00 29.09 ? 81  PRO A CB  1 
ATOM   430 C  CG  . PRO A 1 83  ? 5.851   15.805  3.455   1.00 29.45 ? 81  PRO A CG  1 
ATOM   431 C  CD  . PRO A 1 83  ? 6.331   14.965  2.294   1.00 29.90 ? 81  PRO A CD  1 
ATOM   432 N  N   . ARG A 1 84  ? 2.705   15.015  0.624   1.00 24.30 ? 82  ARG A N   1 
ATOM   433 C  CA  . ARG A 1 84  ? 1.520   14.940  -0.247  1.00 22.84 ? 82  ARG A CA  1 
ATOM   434 C  C   . ARG A 1 84  ? 1.045   13.505  -0.434  1.00 22.05 ? 82  ARG A C   1 
ATOM   435 O  O   . ARG A 1 84  ? -0.144  13.231  -0.315  1.00 19.84 ? 82  ARG A O   1 
ATOM   436 C  CB  . ARG A 1 84  ? 1.743   15.564  -1.621  1.00 23.56 ? 82  ARG A CB  1 
ATOM   437 C  CG  . ARG A 1 84  ? 0.598   15.242  -2.581  1.00 23.30 ? 82  ARG A CG  1 
ATOM   438 C  CD  . ARG A 1 84  ? 0.572   16.125  -3.787  1.00 24.86 ? 82  ARG A CD  1 
ATOM   439 N  NE  . ARG A 1 84  ? -0.734  16.135  -4.422  1.00 25.56 ? 82  ARG A NE  1 
ATOM   440 C  CZ  . ARG A 1 84  ? -1.183  15.245  -5.306  1.00 29.02 ? 82  ARG A CZ  1 
ATOM   441 N  NH1 . ARG A 1 84  ? -0.462  14.192  -5.668  1.00 29.89 ? 82  ARG A NH1 1 
ATOM   442 N  NH2 . ARG A 1 84  ? -2.396  15.404  -5.822  1.00 29.87 ? 82  ARG A NH2 1 
ATOM   443 N  N   . GLN A 1 85  ? 1.956   12.594  -0.777  1.00 21.13 ? 83  GLN A N   1 
ATOM   444 C  CA  . GLN A 1 85  ? 1.503   11.228  -1.004  1.00 22.04 ? 83  GLN A CA  1 
ATOM   445 C  C   . GLN A 1 85  ? 0.973   10.626  0.286   1.00 20.03 ? 83  GLN A C   1 
ATOM   446 O  O   . GLN A 1 85  ? 0.019   9.915   0.235   1.00 18.77 ? 83  GLN A O   1 
ATOM   447 C  CB  . GLN A 1 85  ? 2.589   10.325  -1.619  1.00 23.30 ? 83  GLN A CB  1 
ATOM   448 C  CG  . GLN A 1 85  ? 2.246   9.960   -3.093  1.00 28.76 ? 83  GLN A CG  1 
ATOM   449 C  CD  . GLN A 1 85  ? 0.740   9.633   -3.338  1.00 34.69 ? 83  GLN A CD  1 
ATOM   450 O  OE1 . GLN A 1 85  ? 0.207   8.610   -2.859  1.00 39.81 ? 83  GLN A OE1 1 
ATOM   451 N  NE2 . GLN A 1 85  ? 0.047   10.529  -4.088  1.00 35.84 ? 83  GLN A NE2 1 
ATOM   452 N  N   . GLN A 1 86  ? 1.650   10.899  1.418   1.00 18.62 ? 84  GLN A N   1 
ATOM   453 C  CA  A GLN A 1 86  ? 1.200   10.424  2.711   0.50 18.54 ? 84  GLN A CA  1 
ATOM   454 C  CA  B GLN A 1 86  ? 1.202   10.441  2.720   0.50 18.79 ? 84  GLN A CA  1 
ATOM   455 C  C   . GLN A 1 86  ? -0.219  10.915  2.986   1.00 18.13 ? 84  GLN A C   1 
ATOM   456 O  O   . GLN A 1 86  ? -1.087  10.130  3.385   1.00 19.10 ? 84  GLN A O   1 
ATOM   457 C  CB  A GLN A 1 86  ? 2.164   10.870  3.820   0.50 18.35 ? 84  GLN A CB  1 
ATOM   458 C  CB  B GLN A 1 86  ? 2.115   10.961  3.832   0.50 18.78 ? 84  GLN A CB  1 
ATOM   459 C  CG  A GLN A 1 86  ? 3.526   10.174  3.724   0.50 18.25 ? 84  GLN A CG  1 
ATOM   460 C  CG  B GLN A 1 86  ? 1.500   10.807  5.209   0.50 19.80 ? 84  GLN A CG  1 
ATOM   461 C  CD  A GLN A 1 86  ? 4.426   10.392  4.927   0.50 17.24 ? 84  GLN A CD  1 
ATOM   462 C  CD  B GLN A 1 86  ? 2.484   10.896  6.331   0.50 20.85 ? 84  GLN A CD  1 
ATOM   463 O  OE1 A GLN A 1 86  ? 3.978   10.370  6.071   0.50 19.96 ? 84  GLN A OE1 1 
ATOM   464 O  OE1 B GLN A 1 86  ? 3.698   11.074  6.112   0.50 24.14 ? 84  GLN A OE1 1 
ATOM   465 N  NE2 A GLN A 1 86  ? 5.712   10.521  4.674   0.50 15.90 ? 84  GLN A NE2 1 
ATOM   466 N  NE2 B GLN A 1 86  ? 1.979   10.783  7.554   0.50 19.85 ? 84  GLN A NE2 1 
ATOM   467 N  N   . SER A 1 87  ? -0.457  12.196  2.748   1.00 17.01 ? 85  SER A N   1 
ATOM   468 C  CA  A SER A 1 87  ? -1.783  12.804  2.952   0.60 16.98 ? 85  SER A CA  1 
ATOM   469 C  CA  B SER A 1 87  ? -1.774  12.791  2.974   0.40 16.32 ? 85  SER A CA  1 
ATOM   470 C  C   . SER A 1 87  ? -2.854  12.088  2.142   1.00 16.57 ? 85  SER A C   1 
ATOM   471 O  O   . SER A 1 87  ? -3.973  11.815  2.645   1.00 15.60 ? 85  SER A O   1 
ATOM   472 C  CB  A SER A 1 87  ? -1.772  14.298  2.569   0.60 16.98 ? 85  SER A CB  1 
ATOM   473 C  CB  B SER A 1 87  ? -1.745  14.310  2.697   0.40 16.26 ? 85  SER A CB  1 
ATOM   474 O  OG  A SER A 1 87  ? -3.101  14.820  2.424   0.60 20.07 ? 85  SER A OG  1 
ATOM   475 O  OG  B SER A 1 87  ? -1.734  14.631  1.311   0.40 15.12 ? 85  SER A OG  1 
ATOM   476 N  N   . ARG A 1 88  ? -2.514  11.795  0.888   1.00 13.95 ? 86  ARG A N   1 
ATOM   477 C  CA  . ARG A 1 88  ? -3.443  11.141  -0.017  1.00 14.16 ? 86  ARG A CA  1 
ATOM   478 C  C   . ARG A 1 88  ? -3.695  9.672   0.275   1.00 13.59 ? 86  ARG A C   1 
ATOM   479 O  O   . ARG A 1 88  ? -4.845  9.212   0.156   1.00 13.30 ? 86  ARG A O   1 
ATOM   480 C  CB  . ARG A 1 88  ? -2.984  11.318  -1.453  1.00 14.50 ? 86  ARG A CB  1 
ATOM   481 C  CG  . ARG A 1 88  ? -3.118  12.785  -1.859  1.00 16.71 ? 86  ARG A CG  1 
ATOM   482 C  CD  . ARG A 1 88  ? -2.795  12.924  -3.291  1.00 18.85 ? 86  ARG A CD  1 
ATOM   483 N  NE  . ARG A 1 88  ? -3.899  12.408  -4.081  1.00 19.91 ? 86  ARG A NE  1 
ATOM   484 C  CZ  . ARG A 1 88  ? -4.997  13.078  -4.388  1.00 20.50 ? 86  ARG A CZ  1 
ATOM   485 N  NH1 . ARG A 1 88  ? -5.197  14.362  -3.994  1.00 25.25 ? 86  ARG A NH1 1 
ATOM   486 N  NH2 . ARG A 1 88  ? -5.912  12.462  -5.126  1.00 18.38 ? 86  ARG A NH2 1 
ATOM   487 N  N   . ILE A 1 89  ? -2.633  8.938   0.657   1.00 14.17 ? 87  ILE A N   1 
ATOM   488 C  CA  . ILE A 1 89  ? -2.795  7.538   1.026   1.00 14.35 ? 87  ILE A CA  1 
ATOM   489 C  C   . ILE A 1 89  ? -3.534  7.391   2.360   1.00 13.64 ? 87  ILE A C   1 
ATOM   490 O  O   . ILE A 1 89  ? -4.375  6.503   2.493   1.00 12.24 ? 87  ILE A O   1 
ATOM   491 C  CB  . ILE A 1 89  ? -1.518  6.753   1.101   1.00 15.93 ? 87  ILE A CB  1 
ATOM   492 C  CG1 . ILE A 1 89  ? -0.706  6.856   -0.191  1.00 20.90 ? 87  ILE A CG1 1 
ATOM   493 C  CG2 . ILE A 1 89  ? -1.883  5.249   1.246   1.00 18.53 ? 87  ILE A CG2 1 
ATOM   494 C  CD1 . ILE A 1 89  ? 0.848   6.773   0.002   1.00 21.54 ? 87  ILE A CD1 1 
ATOM   495 N  N   . VAL A 1 90  ? -3.265  8.265   3.323   1.00 13.41 ? 88  VAL A N   1 
ATOM   496 C  CA  . VAL A 1 90  ? -4.023  8.244   4.581   1.00 14.15 ? 88  VAL A CA  1 
ATOM   497 C  C   . VAL A 1 90  ? -5.495  8.555   4.323   1.00 14.61 ? 88  VAL A C   1 
ATOM   498 O  O   . VAL A 1 90  ? -6.390  7.890   4.874   1.00 15.92 ? 88  VAL A O   1 
ATOM   499 C  CB  . VAL A 1 90  ? -3.390  9.209   5.583   1.00 13.86 ? 88  VAL A CB  1 
ATOM   500 C  CG1 . VAL A 1 90  ? -4.254  9.438   6.815   1.00 16.45 ? 88  VAL A CG1 1 
ATOM   501 C  CG2 . VAL A 1 90  ? -1.971  8.689   5.973   1.00 16.08 ? 88  VAL A CG2 1 
ATOM   502 N  N   . ALA A 1 91  ? -5.772  9.566   3.494   1.00 14.76 ? 89  ALA A N   1 
ATOM   503 C  CA  . ALA A 1 91  ? -7.153  9.919   3.169   1.00 15.30 ? 89  ALA A CA  1 
ATOM   504 C  C   . ALA A 1 91  ? -7.869  8.750   2.480   1.00 14.89 ? 89  ALA A C   1 
ATOM   505 O  O   . ALA A 1 91  ? -9.007  8.437   2.797   1.00 14.25 ? 89  ALA A O   1 
ATOM   506 C  CB  . ALA A 1 91  ? -7.224  11.187  2.318   1.00 13.91 ? 89  ALA A CB  1 
ATOM   507 N  N   . ALA A 1 92  ? -7.186  8.080   1.565   1.00 13.98 ? 90  ALA A N   1 
ATOM   508 C  CA  . ALA A 1 92  ? -7.755  6.944   0.882   1.00 13.47 ? 90  ALA A CA  1 
ATOM   509 C  C   . ALA A 1 92  ? -7.916  5.748   1.840   1.00 12.77 ? 90  ALA A C   1 
ATOM   510 O  O   . ALA A 1 92  ? -8.896  5.052   1.730   1.00 13.81 ? 90  ALA A O   1 
ATOM   511 C  CB  . ALA A 1 92  ? -6.924  6.551   -0.337  1.00 12.49 ? 90  ALA A CB  1 
ATOM   512 N  N   . ALA A 1 93  ? -6.947  5.499   2.735   1.00 13.95 ? 91  ALA A N   1 
ATOM   513 C  CA  . ALA A 1 93  ? -7.058  4.391   3.735   1.00 13.71 ? 91  ALA A CA  1 
ATOM   514 C  C   . ALA A 1 93  ? -8.310  4.579   4.598   1.00 13.88 ? 91  ALA A C   1 
ATOM   515 O  O   . ALA A 1 93  ? -9.063  3.609   4.910   1.00 13.05 ? 91  ALA A O   1 
ATOM   516 C  CB  . ALA A 1 93  ? -5.806  4.313   4.602   1.00 13.94 ? 91  ALA A CB  1 
ATOM   517 N  N   . GLU A 1 94  ? -8.515  5.824   5.038   1.00 13.19 ? 92  GLU A N   1 
ATOM   518 C  CA  . GLU A 1 94  ? -9.688  6.177   5.849   1.00 13.28 ? 92  GLU A CA  1 
ATOM   519 C  C   . GLU A 1 94  ? -10.997 5.820   5.115   1.00 14.56 ? 92  GLU A C   1 
ATOM   520 O  O   . GLU A 1 94  ? -11.876 5.197   5.697   1.00 13.96 ? 92  GLU A O   1 
ATOM   521 C  CB  . GLU A 1 94  ? -9.630  7.662   6.251   1.00 14.03 ? 92  GLU A CB  1 
ATOM   522 C  CG  . GLU A 1 94  ? -10.835 8.145   7.006   1.00 15.45 ? 92  GLU A CG  1 
ATOM   523 C  CD  . GLU A 1 94  ? -10.835 9.648   7.264   1.00 21.78 ? 92  GLU A CD  1 
ATOM   524 O  OE1 . GLU A 1 94  ? -9.932  10.140  7.984   1.00 23.68 ? 92  GLU A OE1 1 
ATOM   525 O  OE2 . GLU A 1 94  ? -11.765 10.322  6.771   1.00 19.08 ? 92  GLU A OE2 1 
ATOM   526 N  N   . ALA A 1 95  ? -11.100 6.189   3.831   1.00 13.82 ? 93  ALA A N   1 
ATOM   527 C  CA  . ALA A 1 95  ? -12.285 5.879   3.034   1.00 14.86 ? 93  ALA A CA  1 
ATOM   528 C  C   . ALA A 1 95  ? -12.430 4.350   2.924   1.00 14.44 ? 93  ALA A C   1 
ATOM   529 O  O   . ALA A 1 95  ? -13.493 3.803   3.138   1.00 13.66 ? 93  ALA A O   1 
ATOM   530 C  CB  . ALA A 1 95  ? -12.203 6.553   1.653   1.00 13.91 ? 93  ALA A CB  1 
ATOM   531 N  N   . TRP A 1 96  ? -11.332 3.652   2.686   1.00 15.73 ? 94  TRP A N   1 
ATOM   532 C  CA  . TRP A 1 96  ? -11.391 2.210   2.529   1.00 16.06 ? 94  TRP A CA  1 
ATOM   533 C  C   . TRP A 1 96  ? -11.867 1.508   3.802   1.00 16.58 ? 94  TRP A C   1 
ATOM   534 O  O   . TRP A 1 96  ? -12.828 0.707   3.793   1.00 16.13 ? 94  TRP A O   1 
ATOM   535 C  CB  . TRP A 1 96  ? -9.998  1.702   2.105   1.00 16.13 ? 94  TRP A CB  1 
ATOM   536 C  CG  . TRP A 1 96  ? -10.020 0.323   1.567   1.00 20.99 ? 94  TRP A CG  1 
ATOM   537 C  CD1 . TRP A 1 96  ? -10.238 -0.058  0.266   1.00 19.98 ? 94  TRP A CD1 1 
ATOM   538 C  CD2 . TRP A 1 96  ? -9.859  -0.861  2.302   1.00 22.30 ? 94  TRP A CD2 1 
ATOM   539 N  NE1 . TRP A 1 96  ? -10.179 -1.398  0.156   1.00 23.86 ? 94  TRP A NE1 1 
ATOM   540 C  CE2 . TRP A 1 96  ? -9.983  -1.930  1.394   1.00 21.60 ? 94  TRP A CE2 1 
ATOM   541 C  CE3 . TRP A 1 96  ? -9.626  -1.133  3.638   1.00 21.01 ? 94  TRP A CE3 1 
ATOM   542 C  CZ2 . TRP A 1 96  ? -9.865  -3.248  1.781   1.00 25.31 ? 94  TRP A CZ2 1 
ATOM   543 C  CZ3 . TRP A 1 96  ? -9.496  -2.435  4.027   1.00 24.76 ? 94  TRP A CZ3 1 
ATOM   544 C  CH2 . TRP A 1 96  ? -9.596  -3.483  3.103   1.00 25.04 ? 94  TRP A CH2 1 
ATOM   545 N  N   . LEU A 1 97  ? -11.209 1.823   4.914   1.00 17.01 ? 95  LEU A N   1 
ATOM   546 C  CA  . LEU A 1 97  ? -11.546 1.229   6.200   1.00 18.68 ? 95  LEU A CA  1 
ATOM   547 C  C   . LEU A 1 97  ? -12.999 1.436   6.556   1.00 20.29 ? 95  LEU A C   1 
ATOM   548 O  O   . LEU A 1 97  ? -13.639 0.516   7.073   1.00 22.15 ? 95  LEU A O   1 
ATOM   549 C  CB  . LEU A 1 97  ? -10.663 1.801   7.321   1.00 18.20 ? 95  LEU A CB  1 
ATOM   550 C  CG  . LEU A 1 97  ? -9.249  1.302   7.269   1.00 17.31 ? 95  LEU A CG  1 
ATOM   551 C  CD1 . LEU A 1 97  ? -8.325  2.183   8.129   1.00 21.26 ? 95  LEU A CD1 1 
ATOM   552 C  CD2 . LEU A 1 97  ? -9.142  -0.183  7.708   1.00 20.17 ? 95  LEU A CD2 1 
ATOM   553 N  N   . SER A 1 98  ? -13.545 2.624   6.273   1.00 21.35 ? 96  SER A N   1 
ATOM   554 C  CA  . SER A 1 98  ? -14.924 2.887   6.623   1.00 22.04 ? 96  SER A CA  1 
ATOM   555 C  C   . SER A 1 98  ? -15.903 1.980   5.878   1.00 22.15 ? 96  SER A C   1 
ATOM   556 O  O   . SER A 1 98  ? -16.942 1.584   6.449   1.00 22.66 ? 96  SER A O   1 
ATOM   557 C  CB  . SER A 1 98  ? -15.301 4.352   6.442   1.00 22.12 ? 96  SER A CB  1 
ATOM   558 O  OG  . SER A 1 98  ? -15.260 4.776   5.098   1.00 27.71 ? 96  SER A OG  1 
ATOM   559 N  N   . ARG A 1 99  ? -15.535 1.606   4.647   1.00 20.97 ? 97  ARG A N   1 
ATOM   560 C  CA  . ARG A 1 99  ? -16.390 0.821   3.778   1.00 20.08 ? 97  ARG A CA  1 
ATOM   561 C  C   . ARG A 1 99  ? -16.119 -0.678  3.900   1.00 18.37 ? 97  ARG A C   1 
ATOM   562 O  O   . ARG A 1 99  ? -16.811 -1.502  3.245   1.00 19.02 ? 97  ARG A O   1 
ATOM   563 C  CB  . ARG A 1 99  ? -16.227 1.288   2.317   1.00 21.43 ? 97  ARG A CB  1 
ATOM   564 C  CG  . ARG A 1 99  ? -16.639 2.759   2.027   1.00 25.57 ? 97  ARG A CG  1 
ATOM   565 C  CD  . ARG A 1 99  ? -15.919 3.288   0.743   1.00 31.28 ? 97  ARG A CD  1 
ATOM   566 N  NE  . ARG A 1 99  ? -15.816 4.759   0.638   1.00 38.21 ? 97  ARG A NE  1 
ATOM   567 C  CZ  . ARG A 1 99  ? -15.121 5.442   -0.301  1.00 42.23 ? 97  ARG A CZ  1 
ATOM   568 N  NH1 . ARG A 1 99  ? -14.456 4.822   -1.265  1.00 44.85 ? 97  ARG A NH1 1 
ATOM   569 N  NH2 . ARG A 1 99  ? -15.099 6.777   -0.291  1.00 43.34 ? 97  ARG A NH2 1 
ATOM   570 N  N   . HIS A 1 100 ? -15.144 -1.037  4.737   1.00 15.94 ? 98  HIS A N   1 
ATOM   571 C  CA  . HIS A 1 100 ? -14.813 -2.422  5.064   1.00 15.93 ? 98  HIS A CA  1 
ATOM   572 C  C   . HIS A 1 100 ? -14.737 -2.611  6.568   1.00 17.19 ? 98  HIS A C   1 
ATOM   573 O  O   . HIS A 1 100 ? -13.641 -2.738  7.133   1.00 16.66 ? 98  HIS A O   1 
ATOM   574 C  CB  . HIS A 1 100 ? -13.464 -2.761  4.486   1.00 16.42 ? 98  HIS A CB  1 
ATOM   575 C  CG  . HIS A 1 100 ? -13.451 -2.716  2.999   1.00 14.15 ? 98  HIS A CG  1 
ATOM   576 N  ND1 . HIS A 1 100 ? -13.306 -1.542  2.303   1.00 14.49 ? 98  HIS A ND1 1 
ATOM   577 C  CD2 . HIS A 1 100 ? -13.630 -3.687  2.079   1.00 16.40 ? 98  HIS A CD2 1 
ATOM   578 C  CE1 . HIS A 1 100 ? -13.364 -1.796  0.999   1.00 15.47 ? 98  HIS A CE1 1 
ATOM   579 N  NE2 . HIS A 1 100 ? -13.581 -3.086  0.840   1.00 14.97 ? 98  HIS A NE2 1 
ATOM   580 N  N   . PRO A 1 101 ? -15.911 -2.619  7.216   1.00 17.49 ? 99  PRO A N   1 
ATOM   581 C  CA  . PRO A 1 101 ? -15.989 -2.780  8.685   1.00 18.46 ? 99  PRO A CA  1 
ATOM   582 C  C   . PRO A 1 101 ? -15.186 -3.983  9.191   1.00 18.80 ? 99  PRO A C   1 
ATOM   583 O  O   . PRO A 1 101 ? -14.666 -3.952  10.303  1.00 19.55 ? 99  PRO A O   1 
ATOM   584 C  CB  . PRO A 1 101 ? -17.484 -2.970  8.954   1.00 17.92 ? 99  PRO A CB  1 
ATOM   585 C  CG  . PRO A 1 101 ? -18.227 -2.454  7.699   1.00 19.11 ? 99  PRO A CG  1 
ATOM   586 C  CD  . PRO A 1 101 ? -17.237 -2.603  6.557   1.00 17.59 ? 99  PRO A CD  1 
ATOM   587 N  N   . GLU A 1 102 ? -15.116 -5.049  8.408   1.00 19.41 ? 100 GLU A N   1 
ATOM   588 C  CA  . GLU A 1 102 ? -14.305 -6.212  8.788   1.00 20.82 ? 100 GLU A CA  1 
ATOM   589 C  C   . GLU A 1 102 ? -12.856 -5.909  9.139   1.00 21.62 ? 100 GLU A C   1 
ATOM   590 O  O   . GLU A 1 102 ? -12.209 -6.719  9.810   1.00 22.64 ? 100 GLU A O   1 
ATOM   591 C  CB  . GLU A 1 102 ? -14.331 -7.258  7.673   1.00 21.02 ? 100 GLU A CB  1 
ATOM   592 C  CG  . GLU A 1 102 ? -13.695 -6.829  6.327   1.00 22.17 ? 100 GLU A CG  1 
ATOM   593 C  CD  . GLU A 1 102 ? -14.644 -6.154  5.338   1.00 22.02 ? 100 GLU A CD  1 
ATOM   594 O  OE1 . GLU A 1 102 ? -15.737 -5.663  5.721   1.00 18.76 ? 100 GLU A OE1 1 
ATOM   595 O  OE2 . GLU A 1 102 ? -14.254 -6.100  4.148   1.00 26.23 ? 100 GLU A OE2 1 
ATOM   596 N  N   . HIS A 1 103 ? -12.359 -4.757  8.692   1.00 22.54 ? 101 HIS A N   1 
ATOM   597 C  CA  . HIS A 1 103 ? -10.987 -4.274  9.000   1.00 22.88 ? 101 HIS A CA  1 
ATOM   598 C  C   . HIS A 1 103 ? -10.965 -3.068  9.962   1.00 22.18 ? 101 HIS A C   1 
ATOM   599 O  O   . HIS A 1 103 ? -9.917  -2.497  10.215  1.00 21.49 ? 101 HIS A O   1 
ATOM   600 C  CB  . HIS A 1 103 ? -10.298 -3.891  7.684   1.00 23.22 ? 101 HIS A CB  1 
ATOM   601 C  CG  . HIS A 1 103 ? -10.183 -5.031  6.724   1.00 24.07 ? 101 HIS A CG  1 
ATOM   602 N  ND1 . HIS A 1 103 ? -9.449  -6.162  7.008   1.00 24.56 ? 101 HIS A ND1 1 
ATOM   603 C  CD2 . HIS A 1 103 ? -10.713 -5.225  5.493   1.00 28.35 ? 101 HIS A CD2 1 
ATOM   604 C  CE1 . HIS A 1 103 ? -9.548  -7.011  6.003   1.00 24.12 ? 101 HIS A CE1 1 
ATOM   605 N  NE2 . HIS A 1 103 ? -10.306 -6.465  5.067   1.00 24.77 ? 101 HIS A NE2 1 
ATOM   606 N  N   . ALA A 1 104 ? -12.120 -2.684  10.516  1.00 22.17 ? 102 ALA A N   1 
ATOM   607 C  CA  . ALA A 1 104 ? -12.152 -1.586  11.469  1.00 21.80 ? 102 ALA A CA  1 
ATOM   608 C  C   . ALA A 1 104 ? -11.076 -1.744  12.553  1.00 22.02 ? 102 ALA A C   1 
ATOM   609 O  O   . ALA A 1 104 ? -10.461 -0.746  12.956  1.00 22.61 ? 102 ALA A O   1 
ATOM   610 C  CB  . ALA A 1 104 ? -13.536 -1.448  12.114  1.00 21.48 ? 102 ALA A CB  1 
HETATM 611 N  N   . MSE A 1 105 ? -10.839 -2.964  13.046  1.00 20.20 ? 103 MSE A N   1 
HETATM 612 C  CA  . MSE A 1 105 ? -9.871  -3.124  14.126  1.00 19.47 ? 103 MSE A CA  1 
HETATM 613 C  C   . MSE A 1 105 ? -8.605  -3.918  13.770  1.00 18.71 ? 103 MSE A C   1 
HETATM 614 O  O   . MSE A 1 105 ? -7.838  -4.284  14.639  1.00 15.91 ? 103 MSE A O   1 
HETATM 615 C  CB  . MSE A 1 105 ? -10.590 -3.686  15.334  1.00 20.28 ? 103 MSE A CB  1 
HETATM 616 C  CG  . MSE A 1 105 ? -11.610 -2.652  15.908  1.00 21.27 ? 103 MSE A CG  1 
HETATM 617 SE SE  . MSE A 1 105 ? -12.777 -3.485  17.132  0.70 25.82 ? 103 MSE A SE  1 
HETATM 618 C  CE  . MSE A 1 105 ? -11.346 -4.058  18.322  1.00 23.83 ? 103 MSE A CE  1 
ATOM   619 N  N   . SER A 1 106 ? -8.371  -4.135  12.477  1.00 19.20 ? 104 SER A N   1 
ATOM   620 C  CA  . SER A 1 106 ? -7.123  -4.758  11.996  1.00 19.69 ? 104 SER A CA  1 
ATOM   621 C  C   . SER A 1 106 ? -5.891  -3.903  12.233  1.00 19.77 ? 104 SER A C   1 
ATOM   622 O  O   . SER A 1 106 ? -5.967  -2.680  12.348  1.00 18.10 ? 104 SER A O   1 
ATOM   623 C  CB  . SER A 1 106 ? -7.209  -5.001  10.478  1.00 20.30 ? 104 SER A CB  1 
ATOM   624 O  OG  . SER A 1 106 ? -8.234  -5.924  10.190  1.00 22.64 ? 104 SER A OG  1 
ATOM   625 N  N   . GLU A 1 107 ? -4.743  -4.554  12.268  1.00 20.68 ? 105 GLU A N   1 
ATOM   626 C  CA  . GLU A 1 107 ? -3.502  -3.843  12.262  1.00 21.82 ? 105 GLU A CA  1 
ATOM   627 C  C   . GLU A 1 107 ? -3.335  -3.238  10.885  1.00 21.47 ? 105 GLU A C   1 
ATOM   628 O  O   . GLU A 1 107 ? -3.525  -3.917  9.888   1.00 20.25 ? 105 GLU A O   1 
ATOM   629 C  CB  . GLU A 1 107 ? -2.346  -4.780  12.587  1.00 23.18 ? 105 GLU A CB  1 
ATOM   630 C  CG  . GLU A 1 107 ? -1.050  -4.016  12.834  1.00 27.69 ? 105 GLU A CG  1 
ATOM   631 C  CD  . GLU A 1 107 ? 0.107   -4.935  13.147  1.00 33.70 ? 105 GLU A CD  1 
ATOM   632 O  OE1 . GLU A 1 107 ? -0.149  -6.016  13.731  1.00 36.66 ? 105 GLU A OE1 1 
ATOM   633 O  OE2 . GLU A 1 107 ? 1.266   -4.583  12.792  1.00 39.30 ? 105 GLU A OE2 1 
ATOM   634 N  N   . LEU A 1 108 ? -3.020  -1.942  10.856  1.00 21.68 ? 106 LEU A N   1 
ATOM   635 C  CA  . LEU A 1 108 ? -2.783  -1.191  9.626   1.00 21.27 ? 106 LEU A CA  1 
ATOM   636 C  C   . LEU A 1 108 ? -1.301  -0.878  9.509   1.00 21.25 ? 106 LEU A C   1 
ATOM   637 O  O   . LEU A 1 108 ? -0.639  -0.558  10.503  1.00 21.69 ? 106 LEU A O   1 
ATOM   638 C  CB  . LEU A 1 108 ? -3.515  0.146   9.620   1.00 21.31 ? 106 LEU A CB  1 
ATOM   639 C  CG  . LEU A 1 108 ? -4.975  0.232   10.039  1.00 22.80 ? 106 LEU A CG  1 
ATOM   640 C  CD1 . LEU A 1 108 ? -5.399  1.742   10.017  1.00 23.04 ? 106 LEU A CD1 1 
ATOM   641 C  CD2 . LEU A 1 108 ? -5.834  -0.617  9.173   1.00 17.39 ? 106 LEU A CD2 1 
ATOM   642 N  N   . ARG A 1 109 ? -0.794  -0.960  8.284   1.00 19.85 ? 107 ARG A N   1 
ATOM   643 C  CA  . ARG A 1 109 ? 0.591   -0.653  7.987   1.00 19.08 ? 107 ARG A CA  1 
ATOM   644 C  C   . ARG A 1 109 ? 0.656   0.065   6.627   1.00 18.18 ? 107 ARG A C   1 
ATOM   645 O  O   . ARG A 1 109 ? -0.094  -0.257  5.711   1.00 18.29 ? 107 ARG A O   1 
ATOM   646 C  CB  . ARG A 1 109 ? 1.447   -1.919  8.009   1.00 18.80 ? 107 ARG A CB  1 
ATOM   647 C  CG  . ARG A 1 109 ? 2.902   -1.628  8.111   1.00 19.78 ? 107 ARG A CG  1 
ATOM   648 C  CD  . ARG A 1 109 ? 3.710   -2.884  8.090   1.00 20.59 ? 107 ARG A CD  1 
ATOM   649 N  NE  . ARG A 1 109 ? 3.614   -3.573  6.804   1.00 21.01 ? 107 ARG A NE  1 
ATOM   650 C  CZ  . ARG A 1 109 ? 3.652   -4.893  6.643   1.00 20.11 ? 107 ARG A CZ  1 
ATOM   651 N  NH1 . ARG A 1 109 ? 3.759   -5.703  7.676   1.00 20.68 ? 107 ARG A NH1 1 
ATOM   652 N  NH2 . ARG A 1 109 ? 3.556   -5.406  5.424   1.00 21.96 ? 107 ARG A NH2 1 
ATOM   653 N  N   . PHE A 1 110 ? 1.536   1.051   6.516   1.00 17.13 ? 108 PHE A N   1 
ATOM   654 C  CA  . PHE A 1 110 ? 1.726   1.764   5.263   1.00 17.04 ? 108 PHE A CA  1 
ATOM   655 C  C   . PHE A 1 110 ? 3.055   1.410   4.653   1.00 16.84 ? 108 PHE A C   1 
ATOM   656 O  O   . PHE A 1 110 ? 4.131   1.555   5.266   1.00 15.98 ? 108 PHE A O   1 
ATOM   657 C  CB  . PHE A 1 110 ? 1.541   3.280   5.471   1.00 16.68 ? 108 PHE A CB  1 
ATOM   658 C  CG  . PHE A 1 110 ? 0.164   3.642   5.857   1.00 16.29 ? 108 PHE A CG  1 
ATOM   659 C  CD1 . PHE A 1 110 ? -0.775  4.017   4.882   1.00 18.23 ? 108 PHE A CD1 1 
ATOM   660 C  CD2 . PHE A 1 110 ? -0.264  3.512   7.187   1.00 18.54 ? 108 PHE A CD2 1 
ATOM   661 C  CE1 . PHE A 1 110 ? -2.076  4.333   5.208   1.00 17.60 ? 108 PHE A CE1 1 
ATOM   662 C  CE2 . PHE A 1 110 ? -1.604  3.803   7.518   1.00 18.35 ? 108 PHE A CE2 1 
ATOM   663 C  CZ  . PHE A 1 110 ? -2.501  4.217   6.517   1.00 20.50 ? 108 PHE A CZ  1 
ATOM   664 N  N   . ASP A 1 111 ? 2.995   0.939   3.408   1.00 15.83 ? 109 ASP A N   1 
ATOM   665 C  CA  . ASP A 1 111 ? 4.176   0.328   2.795   1.00 15.97 ? 109 ASP A CA  1 
ATOM   666 C  C   . ASP A 1 111 ? 4.551   1.045   1.532   1.00 15.09 ? 109 ASP A C   1 
ATOM   667 O  O   . ASP A 1 111 ? 3.730   1.743   0.946   1.00 15.97 ? 109 ASP A O   1 
ATOM   668 C  CB  . ASP A 1 111 ? 3.914   -1.130  2.417   1.00 15.80 ? 109 ASP A CB  1 
ATOM   669 C  CG  . ASP A 1 111 ? 3.698   -2.033  3.594   1.00 16.99 ? 109 ASP A CG  1 
ATOM   670 O  OD1 . ASP A 1 111 ? 3.739   -1.591  4.769   1.00 18.65 ? 109 ASP A OD1 1 
ATOM   671 O  OD2 . ASP A 1 111 ? 3.513   -3.244  3.322   1.00 20.48 ? 109 ASP A OD2 1 
ATOM   672 N  N   . ALA A 1 112 ? 5.787   0.839   1.090   1.00 14.57 ? 110 ALA A N   1 
ATOM   673 C  CA  . ALA A 1 112 ? 6.157   1.099   -0.285  1.00 14.91 ? 110 ALA A CA  1 
ATOM   674 C  C   . ALA A 1 112 ? 6.763   -0.126  -0.931  1.00 15.33 ? 110 ALA A C   1 
ATOM   675 O  O   . ALA A 1 112 ? 7.337   -0.964  -0.255  1.00 15.03 ? 110 ALA A O   1 
ATOM   676 C  CB  . ALA A 1 112 ? 7.118   2.322   -0.386  1.00 14.85 ? 110 ALA A CB  1 
ATOM   677 N  N   . ILE A 1 113 ? 6.572   -0.255  -2.251  1.00 16.24 ? 111 ILE A N   1 
ATOM   678 C  CA  . ILE A 1 113 ? 7.354   -1.208  -3.080  1.00 16.30 ? 111 ILE A CA  1 
ATOM   679 C  C   . ILE A 1 113 ? 8.011   -0.441  -4.184  1.00 15.94 ? 111 ILE A C   1 
ATOM   680 O  O   . ILE A 1 113 ? 7.346   0.254   -4.964  1.00 15.36 ? 111 ILE A O   1 
ATOM   681 C  CB  . ILE A 1 113 ? 6.509   -2.352  -3.698  1.00 16.38 ? 111 ILE A CB  1 
ATOM   682 C  CG1 . ILE A 1 113 ? 5.865   -3.158  -2.584  1.00 17.88 ? 111 ILE A CG1 1 
ATOM   683 C  CG2 . ILE A 1 113 ? 7.351   -3.219  -4.657  1.00 15.08 ? 111 ILE A CG2 1 
ATOM   684 C  CD1 . ILE A 1 113 ? 4.958   -4.318  -3.011  1.00 17.77 ? 111 ILE A CD1 1 
ATOM   685 N  N   . LEU A 1 114 ? 9.330   -0.605  -4.253  1.00 16.51 ? 112 LEU A N   1 
ATOM   686 C  CA  . LEU A 1 114 ? 10.136  0.037   -5.260  1.00 18.00 ? 112 LEU A CA  1 
ATOM   687 C  C   . LEU A 1 114 ? 10.387  -0.935  -6.387  1.00 18.33 ? 112 LEU A C   1 
ATOM   688 O  O   . LEU A 1 114 ? 10.844  -2.039  -6.132  1.00 16.41 ? 112 LEU A O   1 
ATOM   689 C  CB  . LEU A 1 114 ? 11.484  0.466   -4.669  1.00 18.93 ? 112 LEU A CB  1 
ATOM   690 C  CG  . LEU A 1 114 ? 11.361  1.305   -3.392  1.00 22.50 ? 112 LEU A CG  1 
ATOM   691 C  CD1 . LEU A 1 114 ? 12.762  1.700   -2.866  1.00 22.15 ? 112 LEU A CD1 1 
ATOM   692 C  CD2 . LEU A 1 114 ? 10.445  2.507   -3.653  1.00 21.09 ? 112 LEU A CD2 1 
ATOM   693 N  N   . ILE A 1 115 ? 10.085  -0.507  -7.615  1.00 18.79 ? 113 ILE A N   1 
ATOM   694 C  CA  . ILE A 1 115 ? 10.201  -1.316  -8.817  1.00 20.11 ? 113 ILE A CA  1 
ATOM   695 C  C   . ILE A 1 115 ? 11.354  -0.737  -9.628  1.00 20.92 ? 113 ILE A C   1 
ATOM   696 O  O   . ILE A 1 115 ? 11.314  0.397   -10.056 1.00 21.08 ? 113 ILE A O   1 
ATOM   697 C  CB  . ILE A 1 115 ? 8.834   -1.358  -9.607  1.00 20.22 ? 113 ILE A CB  1 
ATOM   698 C  CG1 . ILE A 1 115 ? 7.737   -2.014  -8.751  1.00 20.30 ? 113 ILE A CG1 1 
ATOM   699 C  CG2 . ILE A 1 115 ? 8.950   -2.113  -10.962 1.00 19.29 ? 113 ILE A CG2 1 
ATOM   700 C  CD1 . ILE A 1 115 ? 7.911   -3.566  -8.494  1.00 17.05 ? 113 ILE A CD1 1 
ATOM   701 N  N   . ALA A 1 116 ? 12.431  -1.504  -9.767  1.00 22.82 ? 114 ALA A N   1 
ATOM   702 C  CA  . ALA A 1 116 ? 13.611  -1.064  -10.526 1.00 23.35 ? 114 ALA A CA  1 
ATOM   703 C  C   . ALA A 1 116 ? 13.858  -2.072  -11.656 1.00 23.43 ? 114 ALA A C   1 
ATOM   704 O  O   . ALA A 1 116 ? 13.305  -3.170  -11.625 1.00 22.54 ? 114 ALA A O   1 
ATOM   705 C  CB  . ALA A 1 116 ? 14.809  -0.943  -9.604  1.00 24.19 ? 114 ALA A CB  1 
ATOM   706 N  N   . PRO A 1 117 ? 14.665  -1.697  -12.675 1.00 24.45 ? 115 PRO A N   1 
ATOM   707 C  CA  . PRO A 1 117 ? 14.684  -2.463  -13.946 1.00 24.52 ? 115 PRO A CA  1 
ATOM   708 C  C   . PRO A 1 117 ? 15.297  -3.892  -13.957 1.00 24.76 ? 115 PRO A C   1 
ATOM   709 O  O   . PRO A 1 117 ? 14.828  -4.782  -14.697 1.00 25.58 ? 115 PRO A O   1 
ATOM   710 C  CB  . PRO A 1 117 ? 15.468  -1.543  -14.911 1.00 24.86 ? 115 PRO A CB  1 
ATOM   711 C  CG  . PRO A 1 117 ? 15.609  -0.219  -14.210 1.00 25.37 ? 115 PRO A CG  1 
ATOM   712 C  CD  . PRO A 1 117 ? 15.499  -0.485  -12.741 1.00 24.75 ? 115 PRO A CD  1 
ATOM   713 N  N   . ASN A 1 118 ? 16.368  -4.118  -13.226 1.00 24.00 ? 116 ASN A N   1 
ATOM   714 C  CA  . ASN A 1 118 ? 17.039  -5.408  -13.366 1.00 23.73 ? 116 ASN A CA  1 
ATOM   715 C  C   . ASN A 1 118 ? 17.112  -6.076  -11.999 1.00 22.80 ? 116 ASN A C   1 
ATOM   716 O  O   . ASN A 1 118 ? 18.140  -6.620  -11.593 1.00 21.95 ? 116 ASN A O   1 
ATOM   717 C  CB  . ASN A 1 118 ? 18.412  -5.208  -14.036 1.00 24.13 ? 116 ASN A CB  1 
ATOM   718 C  CG  . ASN A 1 118 ? 19.229  -6.517  -14.191 1.00 25.21 ? 116 ASN A CG  1 
ATOM   719 O  OD1 . ASN A 1 118 ? 18.679  -7.601  -14.507 1.00 24.30 ? 116 ASN A OD1 1 
ATOM   720 N  ND2 . ASN A 1 118 ? 20.568  -6.401  -13.993 1.00 26.69 ? 116 ASN A ND2 1 
ATOM   721 N  N   . THR A 1 119 ? 15.998  -6.024  -11.278 1.00 21.76 ? 117 THR A N   1 
ATOM   722 C  CA  . THR A 1 119 ? 15.997  -6.582  -9.935  1.00 21.13 ? 117 THR A CA  1 
ATOM   723 C  C   . THR A 1 119 ? 14.598  -6.849  -9.420  1.00 20.21 ? 117 THR A C   1 
ATOM   724 O  O   . THR A 1 119 ? 13.603  -6.362  -9.977  1.00 20.11 ? 117 THR A O   1 
ATOM   725 C  CB  . THR A 1 119 ? 16.824  -5.671  -8.975  1.00 21.67 ? 117 THR A CB  1 
ATOM   726 O  OG1 . THR A 1 119 ? 17.184  -6.400  -7.786  1.00 21.00 ? 117 THR A OG1 1 
ATOM   727 C  CG2 . THR A 1 119 ? 16.073  -4.361  -8.647  1.00 20.98 ? 117 THR A CG2 1 
ATOM   728 N  N   . ALA A 1 120 ? 14.520  -7.627  -8.339  1.00 19.70 ? 118 ALA A N   1 
ATOM   729 C  CA  . ALA A 1 120 ? 13.249  -7.973  -7.731  1.00 19.16 ? 118 ALA A CA  1 
ATOM   730 C  C   . ALA A 1 120 ? 12.637  -6.701  -7.113  1.00 18.35 ? 118 ALA A C   1 
ATOM   731 O  O   . ALA A 1 120 ? 13.366  -5.719  -6.823  1.00 17.75 ? 118 ALA A O   1 
ATOM   732 C  CB  . ALA A 1 120 ? 13.431  -9.072  -6.688  1.00 18.59 ? 118 ALA A CB  1 
ATOM   733 N  N   . PRO A 1 121 ? 11.288  -6.679  -6.967  1.00 19.07 ? 119 PRO A N   1 
ATOM   734 C  CA  . PRO A 1 121 ? 10.681  -5.588  -6.191  1.00 18.61 ? 119 PRO A CA  1 
ATOM   735 C  C   . PRO A 1 121 ? 11.284  -5.532  -4.799  1.00 18.96 ? 119 PRO A C   1 
ATOM   736 O  O   . PRO A 1 121 ? 11.545  -6.574  -4.185  1.00 18.39 ? 119 PRO A O   1 
ATOM   737 C  CB  . PRO A 1 121 ? 9.181   -5.991  -6.102  1.00 19.04 ? 119 PRO A CB  1 
ATOM   738 C  CG  . PRO A 1 121 ? 8.950   -6.915  -7.318  1.00 18.89 ? 119 PRO A CG  1 
ATOM   739 C  CD  . PRO A 1 121 ? 10.278  -7.622  -7.525  1.00 18.95 ? 119 PRO A CD  1 
ATOM   740 N  N   . ARG A 1 122 ? 11.492  -4.327  -4.307  1.00 20.02 ? 120 ARG A N   1 
ATOM   741 C  CA  . ARG A 1 122 ? 11.896  -4.083  -2.924  1.00 21.73 ? 120 ARG A CA  1 
ATOM   742 C  C   . ARG A 1 122 ? 10.722  -3.573  -2.082  1.00 21.63 ? 120 ARG A C   1 
ATOM   743 O  O   . ARG A 1 122 ? 10.230  -2.466  -2.309  1.00 20.90 ? 120 ARG A O   1 
ATOM   744 C  CB  . ARG A 1 122 ? 13.018  -3.056  -2.836  1.00 22.46 ? 120 ARG A CB  1 
ATOM   745 C  CG  . ARG A 1 122 ? 13.368  -2.772  -1.382  1.00 27.01 ? 120 ARG A CG  1 
ATOM   746 C  CD  . ARG A 1 122 ? 14.863  -2.796  -1.081  1.00 34.42 ? 120 ARG A CD  1 
ATOM   747 N  NE  . ARG A 1 122 ? 15.102  -2.848  0.368   1.00 38.17 ? 120 ARG A NE  1 
ATOM   748 C  CZ  . ARG A 1 122 ? 15.644  -1.876  1.106   1.00 42.55 ? 120 ARG A CZ  1 
ATOM   749 N  NH1 . ARG A 1 122 ? 16.063  -0.725  0.543   1.00 44.72 ? 120 ARG A NH1 1 
ATOM   750 N  NH2 . ARG A 1 122 ? 15.785  -2.055  2.431   1.00 41.85 ? 120 ARG A NH2 1 
ATOM   751 N  N   . HIS A 1 123 ? 10.364  -4.372  -1.081  1.00 20.85 ? 121 HIS A N   1 
ATOM   752 C  CA  . HIS A 1 123 ? 9.252   -4.094  -0.191  1.00 21.02 ? 121 HIS A CA  1 
ATOM   753 C  C   . HIS A 1 123 ? 9.799   -3.342  1.029   1.00 21.07 ? 121 HIS A C   1 
ATOM   754 O  O   . HIS A 1 123 ? 10.753  -3.793  1.692   1.00 21.18 ? 121 HIS A O   1 
ATOM   755 C  CB  . HIS A 1 123 ? 8.579   -5.414  0.156   1.00 21.32 ? 121 HIS A CB  1 
ATOM   756 C  CG  . HIS A 1 123 ? 7.332   -5.292  0.974   1.00 18.61 ? 121 HIS A CG  1 
ATOM   757 N  ND1 . HIS A 1 123 ? 6.865   -6.329  1.749   1.00 16.45 ? 121 HIS A ND1 1 
ATOM   758 C  CD2 . HIS A 1 123 ? 6.450   -4.274  1.134   1.00 16.83 ? 121 HIS A CD2 1 
ATOM   759 C  CE1 . HIS A 1 123 ? 5.753   -5.946  2.361   1.00 18.18 ? 121 HIS A CE1 1 
ATOM   760 N  NE2 . HIS A 1 123 ? 5.472   -4.707  1.991   1.00 18.37 ? 121 HIS A NE2 1 
ATOM   761 N  N   . LEU A 1 124 ? 9.253   -2.140  1.243   1.00 20.85 ? 122 LEU A N   1 
ATOM   762 C  CA  . LEU A 1 124 ? 9.517   -1.360  2.454   1.00 21.22 ? 122 LEU A CA  1 
ATOM   763 C  C   . LEU A 1 124 ? 8.247   -1.313  3.293   1.00 21.36 ? 122 LEU A C   1 
ATOM   764 O  O   . LEU A 1 124 ? 7.456   -0.374  3.156   1.00 22.61 ? 122 LEU A O   1 
ATOM   765 C  CB  . LEU A 1 124 ? 9.982   0.055   2.137   1.00 21.69 ? 122 LEU A CB  1 
ATOM   766 C  CG  . LEU A 1 124 ? 11.168  0.128   1.183   1.00 22.91 ? 122 LEU A CG  1 
ATOM   767 C  CD1 . LEU A 1 124 ? 11.262  1.493   0.612   1.00 20.44 ? 122 LEU A CD1 1 
ATOM   768 C  CD2 . LEU A 1 124 ? 12.484  -0.290  1.922   1.00 25.04 ? 122 LEU A CD2 1 
ATOM   769 N  N   . PRO A 1 125 ? 8.045   -2.337  4.139   1.00 21.18 ? 123 PRO A N   1 
ATOM   770 C  CA  . PRO A 1 125 ? 6.948   -2.331  5.106   1.00 21.19 ? 123 PRO A CA  1 
ATOM   771 C  C   . PRO A 1 125 ? 7.069   -1.178  6.075   1.00 21.06 ? 123 PRO A C   1 
ATOM   772 O  O   . PRO A 1 125 ? 8.167   -0.858  6.525   1.00 21.31 ? 123 PRO A O   1 
ATOM   773 C  CB  . PRO A 1 125 ? 7.079   -3.686  5.837   1.00 20.64 ? 123 PRO A CB  1 
ATOM   774 C  CG  . PRO A 1 125 ? 8.453   -4.130  5.612   1.00 20.71 ? 123 PRO A CG  1 
ATOM   775 C  CD  . PRO A 1 125 ? 8.892   -3.543  4.289   1.00 20.99 ? 123 PRO A CD  1 
ATOM   776 N  N   . GLY A 1 126 ? 5.953   -0.537  6.403   1.00 21.26 ? 124 GLY A N   1 
ATOM   777 C  CA  . GLY A 1 126 ? 5.995   0.561   7.339   1.00 21.21 ? 124 GLY A CA  1 
ATOM   778 C  C   . GLY A 1 126 ? 6.902   1.678   6.848   1.00 21.80 ? 124 GLY A C   1 
ATOM   779 O  O   . GLY A 1 126 ? 7.686   2.239   7.636   1.00 21.78 ? 124 GLY A O   1 
ATOM   780 N  N   . ALA A 1 127 ? 6.809   2.015   5.562   1.00 22.40 ? 125 ALA A N   1 
ATOM   781 C  CA  . ALA A 1 127 ? 7.617   3.071   4.969   1.00 22.90 ? 125 ALA A CA  1 
ATOM   782 C  C   . ALA A 1 127 ? 7.357   4.419   5.691   1.00 24.65 ? 125 ALA A C   1 
ATOM   783 O  O   . ALA A 1 127 ? 8.253   5.242   5.796   1.00 23.07 ? 125 ALA A O   1 
ATOM   784 C  CB  . ALA A 1 127 ? 7.342   3.176   3.479   1.00 23.81 ? 125 ALA A CB  1 
ATOM   785 N  N   . PHE A 1 128 ? 6.130   4.641   6.179   1.00 24.75 ? 126 PHE A N   1 
ATOM   786 C  CA  . PHE A 1 128 ? 5.861   5.749   7.096   1.00 25.80 ? 126 PHE A CA  1 
ATOM   787 C  C   . PHE A 1 128 ? 4.897   5.319   8.188   1.00 27.13 ? 126 PHE A C   1 
ATOM   788 O  O   . PHE A 1 128 ? 4.175   4.330   8.049   1.00 27.30 ? 126 PHE A O   1 
ATOM   789 C  CB  . PHE A 1 128 ? 5.347   7.024   6.372   1.00 25.44 ? 126 PHE A CB  1 
ATOM   790 C  CG  . PHE A 1 128 ? 4.004   6.857   5.665   1.00 23.89 ? 126 PHE A CG  1 
ATOM   791 C  CD1 . PHE A 1 128 ? 2.818   7.243   6.287   1.00 23.57 ? 126 PHE A CD1 1 
ATOM   792 C  CD2 . PHE A 1 128 ? 3.938   6.371   4.360   1.00 24.08 ? 126 PHE A CD2 1 
ATOM   793 C  CE1 . PHE A 1 128 ? 1.583   7.121   5.628   1.00 23.53 ? 126 PHE A CE1 1 
ATOM   794 C  CE2 . PHE A 1 128 ? 2.707   6.254   3.696   1.00 21.59 ? 126 PHE A CE2 1 
ATOM   795 C  CZ  . PHE A 1 128 ? 1.547   6.623   4.320   1.00 20.90 ? 126 PHE A CZ  1 
ATOM   796 N  N   . ASP A 1 129 ? 4.914   6.079   9.278   1.00 29.22 ? 127 ASP A N   1 
ATOM   797 C  CA  . ASP A 1 129 ? 4.080   5.824   10.441  1.00 30.60 ? 127 ASP A CA  1 
ATOM   798 C  C   . ASP A 1 129 ? 2.832   6.719   10.401  1.00 31.46 ? 127 ASP A C   1 
ATOM   799 O  O   . ASP A 1 129 ? 2.936   7.954   10.328  1.00 31.25 ? 127 ASP A O   1 
ATOM   800 C  CB  . ASP A 1 129 ? 4.899   6.097   11.715  1.00 31.08 ? 127 ASP A CB  1 
ATOM   801 C  CG  . ASP A 1 129 ? 4.141   5.746   12.993  1.00 32.79 ? 127 ASP A CG  1 
ATOM   802 O  OD1 . ASP A 1 129 ? 3.528   4.657   13.047  1.00 35.27 ? 127 ASP A OD1 1 
ATOM   803 O  OD2 . ASP A 1 129 ? 4.171   6.561   13.952  1.00 36.28 ? 127 ASP A OD2 1 
ATOM   804 N  N   . ALA A 1 130 ? 1.652   6.100   10.423  1.00 32.66 ? 128 ALA A N   1 
ATOM   805 C  CA  . ALA A 1 130 ? 0.405   6.852   10.570  1.00 34.04 ? 128 ALA A CA  1 
ATOM   806 C  C   . ALA A 1 130 ? -0.243  6.571   11.943  1.00 35.34 ? 128 ALA A C   1 
ATOM   807 O  O   . ALA A 1 130 ? -1.473  6.705   12.118  1.00 35.47 ? 128 ALA A O   1 
ATOM   808 C  CB  . ALA A 1 130 ? -0.563  6.542   9.410   1.00 33.96 ? 128 ALA A CB  1 
ATOM   809 N  N   . THR A 1 131 ? 0.602   6.229   12.921  1.00 36.83 ? 129 THR A N   1 
ATOM   810 C  CA  . THR A 1 131 ? 0.144   5.823   14.261  1.00 38.04 ? 129 THR A CA  1 
ATOM   811 C  C   . THR A 1 131 ? -0.239  7.048   15.116  1.00 38.45 ? 129 THR A C   1 
ATOM   812 O  O   . THR A 1 131 ? 0.431   8.089   15.031  1.00 38.24 ? 129 THR A O   1 
ATOM   813 C  CB  . THR A 1 131 ? 1.226   4.936   14.993  1.00 38.48 ? 129 THR A CB  1 
ATOM   814 O  OG1 . THR A 1 131 ? 0.582   3.859   15.691  1.00 39.36 ? 129 THR A OG1 1 
ATOM   815 C  CG2 . THR A 1 131 ? 2.120   5.765   15.955  1.00 38.32 ? 129 THR A CG2 1 
ATOM   816 N  N   . PRO A 1 132 ? -1.326  6.926   15.928  1.00 39.21 ? 130 PRO A N   1 
ATOM   817 C  CA  . PRO A 1 132 ? -1.759  7.983   16.840  1.00 39.39 ? 130 PRO A CA  1 
ATOM   818 C  C   . PRO A 1 132 ? -1.126  7.820   18.221  1.00 39.50 ? 130 PRO A C   1 
ATOM   819 O  O   . PRO A 1 132 ? -1.175  8.747   19.027  1.00 40.05 ? 130 PRO A O   1 
ATOM   820 C  CB  . PRO A 1 132 ? -3.272  7.759   16.922  1.00 39.48 ? 130 PRO A CB  1 
ATOM   821 C  CG  . PRO A 1 132 ? -3.418  6.256   16.820  1.00 39.33 ? 130 PRO A CG  1 
ATOM   822 C  CD  . PRO A 1 132 ? -2.227  5.752   16.019  1.00 39.48 ? 130 PRO A CD  1 
HETATM 823 N  N   . NO3 B 2 .   ? -14.806 1.057   -1.388  1.00 44.82 ? 201 NO3 A N   1 
HETATM 824 O  O1  . NO3 B 2 .   ? -15.627 0.086   -1.983  1.00 46.37 ? 201 NO3 A O1  1 
HETATM 825 O  O2  . NO3 B 2 .   ? -13.881 0.794   -0.385  1.00 43.52 ? 201 NO3 A O2  1 
HETATM 826 O  O3  . NO3 B 2 .   ? -14.924 2.366   -1.809  1.00 44.81 ? 201 NO3 A O3  1 
HETATM 827 N  N   . NO3 C 2 .   ? 9.465   -15.161 -9.298  1.00 55.54 ? 202 NO3 A N   1 
HETATM 828 O  O1  . NO3 C 2 .   ? 8.746   -15.152 -10.521 1.00 55.47 ? 202 NO3 A O1  1 
HETATM 829 O  O2  . NO3 C 2 .   ? 10.377  -14.116 -9.010  1.00 54.92 ? 202 NO3 A O2  1 
HETATM 830 O  O3  . NO3 C 2 .   ? 9.278   -16.215 -8.370  1.00 55.51 ? 202 NO3 A O3  1 
HETATM 831 O  O   . HOH D 3 .   ? -6.418  14.535  0.118   1.00 16.22 ? 133 HOH A O   1 
HETATM 832 O  O   . HOH D 3 .   ? -10.877 10.061  2.651   1.00 22.59 ? 134 HOH A O   1 
HETATM 833 O  O   . HOH D 3 .   ? 2.849   2.109   8.818   1.00 15.86 ? 135 HOH A O   1 
HETATM 834 O  O   . HOH D 3 .   ? -11.908 10.428  -0.158  1.00 22.00 ? 136 HOH A O   1 
HETATM 835 O  O   . HOH D 3 .   ? 6.073   -18.087 -2.565  1.00 31.14 ? 137 HOH A O   1 
HETATM 836 O  O   . HOH D 3 .   ? 6.709   -9.742  -9.882  1.00 23.51 ? 138 HOH A O   1 
HETATM 837 O  O   . HOH D 3 .   ? 9.020   -13.309 -4.601  1.00 23.32 ? 139 HOH A O   1 
HETATM 838 O  O   . HOH D 3 .   ? 8.291   -11.132 2.461   1.00 24.75 ? 140 HOH A O   1 
HETATM 839 O  O   . HOH D 3 .   ? 15.923  -5.650  -5.524  1.00 12.67 ? 141 HOH A O   1 
HETATM 840 O  O   . HOH D 3 .   ? -11.990 -4.827  -4.356  1.00 25.17 ? 142 HOH A O   1 
HETATM 841 O  O   . HOH D 3 .   ? 13.376  -2.958  -7.005  1.00 19.11 ? 143 HOH A O   1 
HETATM 842 O  O   . HOH D 3 .   ? -3.947  16.194  -2.433  1.00 22.73 ? 144 HOH A O   1 
HETATM 843 O  O   . HOH D 3 .   ? -11.170 -8.854  8.893   1.00 42.98 ? 145 HOH A O   1 
HETATM 844 O  O   . HOH D 3 .   ? 7.652   -17.973 -4.988  1.00 24.19 ? 146 HOH A O   1 
HETATM 845 O  O   . HOH D 3 .   ? -6.376  16.797  -1.814  1.00 23.02 ? 147 HOH A O   1 
HETATM 846 O  O   . HOH D 3 .   ? 11.664  -4.443  -9.455  1.00 17.02 ? 148 HOH A O   1 
HETATM 847 O  O   . HOH D 3 .   ? -9.114  -4.418  -7.825  1.00 29.88 ? 149 HOH A O   1 
HETATM 848 O  O   . HOH D 3 .   ? 5.560   -11.040 -11.604 1.00 37.22 ? 150 HOH A O   1 
HETATM 849 O  O   . HOH D 3 .   ? -15.014 9.485   -2.757  1.00 31.34 ? 151 HOH A O   1 
HETATM 850 O  O   . HOH D 3 .   ? -4.688  -12.190 -3.998  1.00 24.84 ? 152 HOH A O   1 
HETATM 851 O  O   . HOH D 3 .   ? 4.105   -5.631  10.215  1.00 26.33 ? 153 HOH A O   1 
HETATM 852 O  O   . HOH D 3 .   ? -14.694 0.160   9.292   1.00 26.10 ? 154 HOH A O   1 
HETATM 853 O  O   . HOH D 3 .   ? -0.552  2.237   11.325  1.00 34.40 ? 155 HOH A O   1 
HETATM 854 O  O   . HOH D 3 .   ? -6.985  -8.261  -6.787  1.00 35.16 ? 156 HOH A O   1 
HETATM 855 O  O   . HOH D 3 .   ? 4.189   0.692   10.858  1.00 27.70 ? 157 HOH A O   1 
HETATM 856 O  O   . HOH D 3 .   ? -4.856  4.281   -7.535  1.00 35.47 ? 158 HOH A O   1 
HETATM 857 O  O   . HOH D 3 .   ? -2.954  -0.382  13.191  1.00 37.75 ? 159 HOH A O   1 
HETATM 858 O  O   . HOH D 3 .   ? -1.183  -10.576 -8.883  1.00 40.68 ? 160 HOH A O   1 
HETATM 859 O  O   . HOH D 3 .   ? 9.885   -5.759  -10.847 1.00 23.49 ? 161 HOH A O   1 
HETATM 860 O  O   . HOH D 3 .   ? 1.755   0.302   -12.827 1.00 29.30 ? 162 HOH A O   1 
HETATM 861 O  O   . HOH D 3 .   ? 1.972   5.765   -6.928  1.00 36.32 ? 163 HOH A O   1 
HETATM 862 O  O   . HOH D 3 .   ? 7.072   6.338   -9.302  1.00 27.82 ? 164 HOH A O   1 
HETATM 863 O  O   . HOH D 3 .   ? 0.396   14.447  5.225   1.00 32.60 ? 165 HOH A O   1 
HETATM 864 O  O   . HOH D 3 .   ? 3.118   -8.582  7.741   1.00 33.42 ? 166 HOH A O   1 
HETATM 865 O  O   . HOH D 3 .   ? 1.557   -1.397  11.762  1.00 28.37 ? 167 HOH A O   1 
HETATM 866 O  O   . HOH D 3 .   ? 1.864   3.576   1.832   1.00 24.53 ? 168 HOH A O   1 
HETATM 867 O  O   . HOH D 3 .   ? -2.914  -14.056 2.921   1.00 28.34 ? 169 HOH A O   1 
HETATM 868 O  O   . HOH D 3 .   ? -13.210 9.307   4.485   1.00 27.08 ? 170 HOH A O   1 
HETATM 869 O  O   . HOH D 3 .   ? 0.768   -10.159 8.711   1.00 33.76 ? 171 HOH A O   1 
HETATM 870 O  O   . HOH D 3 .   ? 12.533  9.334   -2.154  1.00 38.59 ? 172 HOH A O   1 
HETATM 871 O  O   . HOH D 3 .   ? -7.970  16.578  -4.197  1.00 38.53 ? 173 HOH A O   1 
HETATM 872 O  O   . HOH D 3 .   ? -8.668  9.546   -6.525  1.00 42.95 ? 174 HOH A O   1 
HETATM 873 O  O   . HOH D 3 .   ? 13.323  -7.928  -3.016  1.00 35.97 ? 175 HOH A O   1 
HETATM 874 O  O   . HOH D 3 .   ? -2.426  12.004  -7.166  1.00 50.60 ? 176 HOH A O   1 
HETATM 875 O  O   . HOH D 3 .   ? 4.875   0.028   -15.270 1.00 38.57 ? 177 HOH A O   1 
HETATM 876 O  O   . HOH D 3 .   ? 10.602  -0.189  5.511   1.00 29.73 ? 178 HOH A O   1 
HETATM 877 O  O   . HOH D 3 .   ? -7.410  -11.552 -4.882  1.00 43.40 ? 179 HOH A O   1 
HETATM 878 O  O   . HOH D 3 .   ? 4.529   -2.806  11.383  1.00 35.38 ? 180 HOH A O   1 
HETATM 879 O  O   . HOH D 3 .   ? 6.443   5.677   0.899   1.00 37.98 ? 181 HOH A O   1 
HETATM 880 O  O   . HOH D 3 .   ? -15.511 8.004   3.572   1.00 35.05 ? 182 HOH A O   1 
HETATM 881 O  O   . HOH D 3 .   ? 17.317  2.656   -10.372 1.00 32.67 ? 183 HOH A O   1 
HETATM 882 O  O   . HOH D 3 .   ? -13.262 1.866   10.455  0.50 26.71 ? 184 HOH A O   1 
HETATM 883 O  O   . HOH D 3 .   ? -19.605 0.468   -0.034  1.00 29.23 ? 185 HOH A O   1 
HETATM 884 O  O   . HOH D 3 .   ? -17.659 1.076   -2.241  1.00 24.51 ? 186 HOH A O   1 
HETATM 885 O  O   . HOH D 3 .   ? 1.804   -16.443 -5.682  1.00 34.23 ? 187 HOH A O   1 
HETATM 886 O  O   . HOH D 3 .   ? 2.243   -14.439 -7.354  1.00 36.63 ? 188 HOH A O   1 
HETATM 887 O  O   . HOH D 3 .   ? -11.585 -5.980  -0.670  1.00 32.35 ? 189 HOH A O   1 
HETATM 888 O  O   . HOH D 3 .   ? -11.936 -7.413  3.118   1.00 36.00 ? 190 HOH A O   1 
HETATM 889 O  O   . HOH D 3 .   ? -12.954 -7.310  0.741   1.00 35.20 ? 191 HOH A O   1 
HETATM 890 O  O   . HOH D 3 .   ? -9.889  18.758  -4.056  1.00 36.84 ? 192 HOH A O   1 
HETATM 891 O  O   . HOH D 3 .   ? 4.122   -14.856 -9.158  1.00 35.30 ? 193 HOH A O   1 
HETATM 892 O  O   . HOH D 3 .   ? -10.548 -9.315  4.575   1.00 39.09 ? 194 HOH A O   1 
HETATM 893 O  O   . HOH D 3 .   ? 11.573  0.889   -12.753 1.00 23.84 ? 195 HOH A O   1 
HETATM 894 O  O   . HOH D 3 .   ? 1.390   3.327   10.497  1.00 28.49 ? 196 HOH A O   1 
HETATM 895 O  O   . HOH D 3 .   ? 0.485   4.952   -9.126  1.00 43.11 ? 197 HOH A O   1 
HETATM 896 O  O   . HOH D 3 .   ? 18.172  0.745   -8.457  1.00 27.10 ? 198 HOH A O   1 
HETATM 897 O  O   . HOH D 3 .   ? -2.908  16.295  -0.398  1.00 31.90 ? 199 HOH A O   1 
HETATM 898 O  O   . HOH D 3 .   ? 9.184   -16.221 -3.944  1.00 18.20 ? 200 HOH A O   1 
HETATM 899 O  O   . HOH D 3 .   ? -8.399  -6.391  -6.681  1.00 31.44 ? 203 HOH A O   1 
HETATM 900 O  O   . HOH D 3 .   ? 7.757   -2.673  9.704   1.00 43.43 ? 204 HOH A O   1 
HETATM 901 O  O   . HOH D 3 .   ? -15.850 19.028  -4.772  1.00 42.36 ? 205 HOH A O   1 
HETATM 902 O  O   . HOH D 3 .   ? 7.231   -5.735  8.977   1.00 28.02 ? 206 HOH A O   1 
HETATM 903 O  O   . HOH D 3 .   ? 6.052   -9.366  4.268   1.00 35.02 ? 207 HOH A O   1 
HETATM 904 O  O   . HOH D 3 .   ? 7.389   -7.484  5.767   1.00 30.66 ? 208 HOH A O   1 
HETATM 905 O  O   . HOH D 3 .   ? 7.272   -8.170  7.808   1.00 45.78 ? 209 HOH A O   1 
HETATM 906 O  O   . HOH D 3 .   ? -10.057 -6.892  11.462  1.00 41.90 ? 210 HOH A O   1 
HETATM 907 O  O   . HOH D 3 .   ? -11.721 -5.600  12.284  1.00 27.32 ? 211 HOH A O   1 
HETATM 908 O  O   . HOH D 3 .   ? -9.154  -7.656  13.101  1.00 35.49 ? 212 HOH A O   1 
HETATM 909 O  O   . HOH D 3 .   ? 4.767   16.570  -0.801  1.00 21.12 ? 213 HOH A O   1 
HETATM 910 O  O   . HOH D 3 .   ? 19.220  4.943   -4.429  1.00 16.91 ? 214 HOH A O   1 
HETATM 911 O  O   . HOH D 3 .   ? 5.633   9.659   -1.911  1.00 30.89 ? 215 HOH A O   1 
HETATM 912 O  O   . HOH D 3 .   ? 4.888   -7.763  -14.855 1.00 35.50 ? 216 HOH A O   1 
HETATM 913 O  O   . HOH D 3 .   ? 8.124   -8.780  1.520   1.00 40.05 ? 217 HOH A O   1 
HETATM 914 O  O   . HOH D 3 .   ? -1.524  -8.025  13.368  1.00 29.86 ? 218 HOH A O   1 
HETATM 915 O  O   . HOH D 3 .   ? 14.006  -8.664  -12.812 1.00 33.59 ? 219 HOH A O   1 
HETATM 916 O  O   . HOH D 3 .   ? 3.339   -8.057  11.181  1.00 36.15 ? 220 HOH A O   1 
HETATM 917 O  O   . HOH D 3 .   ? -0.524  -10.032 11.459  1.00 39.31 ? 221 HOH A O   1 
HETATM 918 O  O   . HOH D 3 .   ? 18.017  -2.058  -10.950 1.00 35.77 ? 222 HOH A O   1 
# 
